data_6HSU
#
_entry.id   6HSU
#
_cell.length_a   137.572
_cell.length_b   137.948
_cell.length_c   139.417
_cell.angle_alpha   90.000
_cell.angle_beta   90.000
_cell.angle_gamma   90.000
#
_symmetry.space_group_name_H-M   'P 21 21 21'
#
loop_
_entity.id
_entity.type
_entity.pdbx_description
1 polymer '3-dehydroquinate dehydratase'
2 non-polymer 'L(+)-TARTARIC ACID'
3 non-polymer GLYCEROL
4 non-polymer '3[N-MORPHOLINO]PROPANE SULFONIC ACID'
5 water water
#
_entity_poly.entity_id   1
_entity_poly.type   'polypeptide(L)'
_entity_poly.pdbx_seq_one_letter_code
;GSHMTQQIKLLVLNGPNLNLLGQREPEVYGSKTLDDIIKALTDEAALQNVALSHLQSNREYELIEKIHDAFEKIDFIIIN
PAAFTHTSVALRDALLGVNIPFIEVHLSNVHARESFRHHSYLSDIAQGVICGLGAKGYSFALQSAIGKLRNI
;
_entity_poly.pdbx_strand_id   A,B,C,D,E,F,G,H,I,J,K,L
#
loop_
_chem_comp.id
_chem_comp.type
_chem_comp.name
_chem_comp.formula
GOL non-polymer GLYCEROL 'C3 H8 O3'
MPO non-polymer '3[N-MORPHOLINO]PROPANE SULFONIC ACID' 'C7 H15 N O4 S'
TLA non-polymer 'L(+)-TARTARIC ACID' 'C4 H6 O6'
#
# COMPACT_ATOMS: atom_id res chain seq x y z
N THR A 5 -18.05 17.24 -45.77
CA THR A 5 -17.80 17.47 -47.21
C THR A 5 -16.70 16.55 -47.74
N GLN A 6 -15.47 16.55 -47.19
CA GLN A 6 -14.50 15.49 -47.50
C GLN A 6 -14.94 14.23 -46.72
N GLN A 7 -14.89 13.06 -47.36
CA GLN A 7 -15.30 11.81 -46.71
C GLN A 7 -14.34 11.53 -45.53
N ILE A 8 -14.90 11.11 -44.42
CA ILE A 8 -14.11 10.61 -43.26
C ILE A 8 -14.12 9.09 -43.31
N LYS A 9 -12.98 8.46 -43.04
CA LYS A 9 -12.92 7.00 -42.85
C LYS A 9 -12.77 6.74 -41.36
N LEU A 10 -13.75 6.06 -40.79
CA LEU A 10 -13.73 5.78 -39.32
C LEU A 10 -13.78 4.28 -39.11
N LEU A 11 -12.96 3.78 -38.18
CA LEU A 11 -12.90 2.36 -37.82
C LEU A 11 -13.44 2.18 -36.40
N VAL A 12 -14.39 1.26 -36.25
CA VAL A 12 -14.92 0.84 -34.92
C VAL A 12 -14.31 -0.52 -34.59
N LEU A 13 -13.70 -0.62 -33.44
CA LEU A 13 -13.11 -1.89 -32.95
C LEU A 13 -13.82 -2.33 -31.67
N ASN A 14 -14.20 -3.59 -31.63
CA ASN A 14 -14.88 -4.18 -30.47
C ASN A 14 -14.07 -5.40 -30.00
N GLY A 15 -13.83 -5.46 -28.69
CA GLY A 15 -13.01 -6.53 -28.10
C GLY A 15 -13.81 -7.76 -27.72
N PRO A 16 -13.19 -8.59 -26.87
CA PRO A 16 -13.69 -9.95 -26.63
C PRO A 16 -15.04 -9.94 -25.94
N ASN A 17 -15.80 -11.00 -26.21
CA ASN A 17 -17.09 -11.33 -25.57
C ASN A 17 -18.22 -10.43 -26.04
N LEU A 18 -17.95 -9.36 -26.79
CA LEU A 18 -19.05 -8.45 -27.22
C LEU A 18 -19.91 -9.14 -28.29
N ASN A 19 -19.42 -10.19 -28.91
CA ASN A 19 -20.25 -11.04 -29.79
C ASN A 19 -21.44 -11.64 -28.99
N LEU A 20 -21.39 -11.73 -27.67
CA LEU A 20 -22.48 -12.35 -26.87
C LEU A 20 -23.63 -11.36 -26.65
N LEU A 21 -23.49 -10.08 -27.00
CA LEU A 21 -24.56 -9.07 -26.73
C LEU A 21 -25.88 -9.57 -27.33
N GLY A 22 -26.94 -9.53 -26.53
CA GLY A 22 -28.28 -9.90 -26.95
C GLY A 22 -28.59 -11.38 -26.80
N GLN A 23 -27.63 -12.23 -26.41
CA GLN A 23 -27.83 -13.70 -26.44
C GLN A 23 -28.43 -14.20 -25.11
N ARG A 24 -27.87 -13.79 -23.96
CA ARG A 24 -28.21 -14.45 -22.66
C ARG A 24 -29.38 -13.75 -21.98
N GLU A 25 -30.44 -14.51 -21.72
CA GLU A 25 -31.68 -14.06 -21.01
C GLU A 25 -32.09 -12.70 -21.60
N PRO A 26 -32.50 -12.65 -22.89
CA PRO A 26 -32.80 -11.38 -23.56
C PRO A 26 -33.87 -10.54 -22.84
N GLU A 27 -34.87 -11.18 -22.21
CA GLU A 27 -35.95 -10.52 -21.42
C GLU A 27 -35.36 -9.78 -20.21
N VAL A 28 -34.20 -10.21 -19.70
CA VAL A 28 -33.53 -9.65 -18.47
C VAL A 28 -32.42 -8.66 -18.86
N TYR A 29 -31.48 -9.06 -19.74
CA TYR A 29 -30.20 -8.34 -19.98
C TYR A 29 -30.25 -7.48 -21.26
N GLY A 30 -31.30 -7.61 -22.09
CA GLY A 30 -31.47 -6.83 -23.34
C GLY A 30 -31.32 -7.69 -24.58
N SER A 31 -31.92 -7.23 -25.69
CA SER A 31 -32.18 -8.02 -26.93
C SER A 31 -31.28 -7.57 -28.10
N LYS A 32 -30.72 -6.35 -28.05
CA LYS A 32 -29.93 -5.80 -29.19
C LYS A 32 -28.61 -6.57 -29.36
N THR A 33 -28.29 -7.00 -30.57
CA THR A 33 -27.02 -7.69 -30.86
C THR A 33 -25.98 -6.67 -31.30
N LEU A 34 -24.71 -7.07 -31.32
CA LEU A 34 -23.68 -6.13 -31.80
C LEU A 34 -23.93 -5.84 -33.28
N ASP A 35 -24.35 -6.85 -34.06
CA ASP A 35 -24.65 -6.64 -35.50
C ASP A 35 -25.73 -5.56 -35.65
N ASP A 36 -26.79 -5.60 -34.81
CA ASP A 36 -27.86 -4.55 -34.85
C ASP A 36 -27.24 -3.16 -34.61
N ILE A 37 -26.39 -3.05 -33.58
CA ILE A 37 -25.77 -1.74 -33.18
C ILE A 37 -24.93 -1.23 -34.38
N ILE A 38 -24.10 -2.10 -34.96
CA ILE A 38 -23.15 -1.66 -36.01
C ILE A 38 -23.91 -1.36 -37.32
N LYS A 39 -24.96 -2.12 -37.64
CA LYS A 39 -25.76 -1.80 -38.86
C LYS A 39 -26.35 -0.38 -38.70
N ALA A 40 -26.94 -0.07 -37.53
CA ALA A 40 -27.54 1.25 -37.30
C ALA A 40 -26.46 2.34 -37.35
N LEU A 41 -25.31 2.08 -36.74
CA LEU A 41 -24.22 3.08 -36.66
C LEU A 41 -23.64 3.35 -38.07
N THR A 42 -23.54 2.30 -38.88
CA THR A 42 -22.99 2.42 -40.26
C THR A 42 -23.91 3.33 -41.08
N ASP A 43 -25.22 3.11 -40.94
CA ASP A 43 -26.25 3.97 -41.61
C ASP A 43 -26.17 5.41 -41.12
N GLU A 44 -26.06 5.63 -39.80
CA GLU A 44 -25.91 7.00 -39.22
C GLU A 44 -24.68 7.68 -39.83
N ALA A 45 -23.56 6.96 -39.90
CA ALA A 45 -22.28 7.52 -40.41
C ALA A 45 -22.45 7.89 -41.90
N ALA A 46 -23.05 7.01 -42.67
CA ALA A 46 -23.21 7.21 -44.14
C ALA A 46 -23.98 8.51 -44.42
N LEU A 47 -24.95 8.87 -43.59
CA LEU A 47 -25.73 10.12 -43.80
C LEU A 47 -24.84 11.35 -43.69
N GLN A 48 -23.69 11.25 -42.99
CA GLN A 48 -22.76 12.39 -42.76
C GLN A 48 -21.46 12.19 -43.55
N ASN A 49 -21.50 11.38 -44.60
CA ASN A 49 -20.32 11.16 -45.48
C ASN A 49 -19.17 10.63 -44.64
N VAL A 50 -19.47 9.66 -43.79
CA VAL A 50 -18.46 8.87 -43.04
C VAL A 50 -18.59 7.43 -43.50
N ALA A 51 -17.48 6.88 -43.97
CA ALA A 51 -17.36 5.44 -44.30
C ALA A 51 -16.89 4.71 -43.07
N LEU A 52 -17.77 3.92 -42.48
CA LEU A 52 -17.50 3.26 -41.17
C LEU A 52 -17.19 1.79 -41.43
N SER A 53 -16.02 1.38 -40.96
CA SER A 53 -15.56 -0.01 -41.00
C SER A 53 -15.57 -0.55 -39.57
N HIS A 54 -15.71 -1.86 -39.42
CA HIS A 54 -15.88 -2.46 -38.08
C HIS A 54 -15.16 -3.80 -38.02
N LEU A 55 -14.57 -4.09 -36.86
CA LEU A 55 -14.09 -5.44 -36.52
C LEU A 55 -14.43 -5.68 -35.05
N GLN A 56 -15.09 -6.80 -34.78
CA GLN A 56 -15.16 -7.35 -33.43
C GLN A 56 -14.33 -8.63 -33.40
N SER A 57 -13.54 -8.82 -32.35
CA SER A 57 -12.73 -10.04 -32.25
C SER A 57 -12.49 -10.46 -30.82
N ASN A 58 -12.39 -11.77 -30.63
CA ASN A 58 -11.88 -12.36 -29.37
C ASN A 58 -10.36 -12.51 -29.41
N ARG A 59 -9.73 -12.17 -30.54
CA ARG A 59 -8.31 -12.41 -30.81
C ARG A 59 -7.59 -11.06 -30.68
N GLU A 60 -6.75 -10.93 -29.66
CA GLU A 60 -6.02 -9.64 -29.45
C GLU A 60 -5.25 -9.31 -30.73
N TYR A 61 -4.63 -10.27 -31.37
CA TYR A 61 -3.76 -10.01 -32.54
C TYR A 61 -4.59 -9.41 -33.68
N GLU A 62 -5.86 -9.80 -33.84
CA GLU A 62 -6.68 -9.29 -34.95
C GLU A 62 -6.93 -7.79 -34.74
N LEU A 63 -7.16 -7.38 -33.48
CA LEU A 63 -7.38 -5.97 -33.18
C LEU A 63 -6.08 -5.20 -33.43
N ILE A 64 -4.96 -5.72 -32.96
CA ILE A 64 -3.65 -5.03 -33.12
C ILE A 64 -3.40 -4.87 -34.63
N GLU A 65 -3.54 -5.95 -35.40
CA GLU A 65 -3.20 -5.92 -36.84
C GLU A 65 -4.16 -5.00 -37.58
N LYS A 66 -5.42 -4.90 -37.17
CA LYS A 66 -6.38 -3.98 -37.82
C LYS A 66 -5.96 -2.52 -37.56
N ILE A 67 -5.45 -2.23 -36.36
CA ILE A 67 -4.95 -0.88 -36.02
C ILE A 67 -3.73 -0.61 -36.90
N HIS A 68 -2.83 -1.57 -37.04
CA HIS A 68 -1.64 -1.36 -37.92
C HIS A 68 -2.08 -1.03 -39.33
N ASP A 69 -3.06 -1.78 -39.82
CA ASP A 69 -3.58 -1.62 -41.21
C ASP A 69 -4.29 -0.27 -41.39
N ALA A 70 -4.74 0.38 -40.32
CA ALA A 70 -5.44 1.68 -40.35
C ALA A 70 -4.46 2.81 -40.68
N PHE A 71 -3.16 2.61 -40.49
CA PHE A 71 -2.15 3.69 -40.65
C PHE A 71 -2.29 4.32 -42.05
N GLU A 72 -2.41 5.66 -42.08
CA GLU A 72 -2.53 6.48 -43.32
C GLU A 72 -3.78 6.13 -44.14
N LYS A 73 -4.76 5.43 -43.58
CA LYS A 73 -6.02 5.08 -44.28
C LYS A 73 -7.21 5.60 -43.46
N ILE A 74 -7.12 5.53 -42.14
CA ILE A 74 -8.27 5.81 -41.25
C ILE A 74 -8.04 7.16 -40.56
N ASP A 75 -9.10 7.96 -40.45
CA ASP A 75 -9.03 9.29 -39.81
C ASP A 75 -9.28 9.24 -38.29
N PHE A 76 -10.02 8.25 -37.81
CA PHE A 76 -10.45 8.23 -36.38
C PHE A 76 -10.85 6.81 -36.03
N ILE A 77 -10.61 6.41 -34.79
CA ILE A 77 -10.99 5.08 -34.25
C ILE A 77 -11.94 5.26 -33.06
N ILE A 78 -12.99 4.46 -33.04
CA ILE A 78 -13.84 4.29 -31.84
C ILE A 78 -13.58 2.87 -31.35
N ILE A 79 -13.17 2.69 -30.10
CA ILE A 79 -12.82 1.34 -29.61
C ILE A 79 -13.51 1.05 -28.29
N ASN A 80 -14.13 -0.12 -28.24
CA ASN A 80 -14.58 -0.75 -26.99
C ASN A 80 -13.73 -1.98 -26.76
N PRO A 81 -12.62 -1.89 -26.00
CA PRO A 81 -11.70 -3.01 -25.87
C PRO A 81 -12.23 -4.12 -24.94
N ALA A 82 -13.36 -3.87 -24.29
CA ALA A 82 -13.97 -4.84 -23.36
C ALA A 82 -12.89 -5.27 -22.35
N ALA A 83 -12.71 -6.55 -22.07
CA ALA A 83 -11.75 -7.01 -21.03
C ALA A 83 -10.33 -6.49 -21.30
N PHE A 84 -9.95 -6.31 -22.57
CA PHE A 84 -8.57 -5.91 -22.90
C PHE A 84 -8.27 -4.48 -22.45
N THR A 85 -9.28 -3.68 -22.12
CA THR A 85 -9.09 -2.34 -21.56
C THR A 85 -8.12 -2.40 -20.37
N HIS A 86 -8.29 -3.43 -19.57
CA HIS A 86 -7.66 -3.53 -18.23
C HIS A 86 -6.32 -4.25 -18.31
N THR A 87 -6.01 -4.91 -19.41
CA THR A 87 -4.88 -5.86 -19.48
C THR A 87 -3.91 -5.58 -20.63
N SER A 88 -4.33 -5.00 -21.74
CA SER A 88 -3.51 -5.02 -22.97
C SER A 88 -2.68 -3.72 -23.11
N VAL A 89 -1.42 -3.80 -22.77
CA VAL A 89 -0.44 -2.76 -23.11
C VAL A 89 -0.19 -2.84 -24.64
N ALA A 90 -0.28 -4.03 -25.24
CA ALA A 90 -0.02 -4.16 -26.70
C ALA A 90 -1.01 -3.31 -27.51
N LEU A 91 -2.28 -3.24 -27.09
CA LEU A 91 -3.28 -2.40 -27.79
C LEU A 91 -2.91 -0.92 -27.62
N ARG A 92 -2.54 -0.51 -26.40
CA ARG A 92 -2.10 0.87 -26.16
C ARG A 92 -0.96 1.22 -27.14
N ASP A 93 0.03 0.35 -27.23
CA ASP A 93 1.23 0.64 -28.04
C ASP A 93 0.89 0.61 -29.56
N ALA A 94 -0.07 -0.21 -29.98
CA ALA A 94 -0.54 -0.18 -31.39
C ALA A 94 -1.15 1.19 -31.69
N LEU A 95 -2.04 1.69 -30.82
CA LEU A 95 -2.71 2.98 -31.04
C LEU A 95 -1.71 4.12 -30.96
N LEU A 96 -0.75 4.08 -30.05
CA LEU A 96 0.34 5.11 -30.02
C LEU A 96 1.17 5.02 -31.29
N GLY A 97 1.41 3.83 -31.79
CA GLY A 97 2.31 3.59 -32.94
C GLY A 97 1.73 4.13 -34.24
N VAL A 98 0.41 4.12 -34.42
CA VAL A 98 -0.18 4.57 -35.72
C VAL A 98 -0.66 6.02 -35.61
N ASN A 99 -0.76 6.56 -34.38
CA ASN A 99 -1.02 7.99 -34.11
C ASN A 99 -2.35 8.43 -34.73
N ILE A 100 -3.39 7.61 -34.64
CA ILE A 100 -4.75 7.99 -35.06
C ILE A 100 -5.53 8.32 -33.79
N PRO A 101 -6.24 9.46 -33.72
CA PRO A 101 -7.01 9.80 -32.54
C PRO A 101 -8.15 8.80 -32.33
N PHE A 102 -8.47 8.51 -31.07
CA PHE A 102 -9.53 7.54 -30.77
C PHE A 102 -10.34 7.96 -29.55
N ILE A 103 -11.56 7.42 -29.49
CA ILE A 103 -12.45 7.54 -28.31
C ILE A 103 -12.69 6.12 -27.80
N GLU A 104 -12.63 5.97 -26.47
CA GLU A 104 -12.90 4.69 -25.78
C GLU A 104 -14.36 4.65 -25.34
N VAL A 105 -15.05 3.58 -25.66
CA VAL A 105 -16.51 3.43 -25.35
C VAL A 105 -16.72 2.14 -24.59
N HIS A 106 -17.53 2.19 -23.53
CA HIS A 106 -18.01 0.97 -22.84
C HIS A 106 -19.52 1.04 -22.77
N LEU A 107 -20.22 -0.06 -23.05
CA LEU A 107 -21.69 -0.07 -22.91
C LEU A 107 -22.08 0.10 -21.44
N SER A 108 -21.39 -0.63 -20.59
CA SER A 108 -21.66 -0.66 -19.13
C SER A 108 -20.76 0.36 -18.43
N ASN A 109 -21.16 0.73 -17.22
CA ASN A 109 -20.37 1.67 -16.38
C ASN A 109 -19.23 0.90 -15.74
N VAL A 110 -18.00 1.01 -16.27
CA VAL A 110 -16.83 0.25 -15.72
C VAL A 110 -16.57 0.62 -14.26
N HIS A 111 -16.97 1.84 -13.83
CA HIS A 111 -16.68 2.31 -12.46
C HIS A 111 -17.64 1.70 -11.45
N ALA A 112 -18.72 1.05 -11.91
CA ALA A 112 -19.72 0.46 -11.02
C ALA A 112 -19.46 -1.01 -10.79
N ARG A 113 -18.36 -1.54 -11.31
CA ARG A 113 -18.09 -3.00 -11.25
C ARG A 113 -16.91 -3.28 -10.30
N GLU A 114 -16.17 -4.38 -10.52
CA GLU A 114 -15.02 -4.67 -9.65
C GLU A 114 -13.95 -3.60 -9.77
N SER A 115 -13.16 -3.45 -8.73
CA SER A 115 -12.10 -2.40 -8.67
C SER A 115 -11.06 -2.62 -9.77
N PHE A 116 -10.80 -3.84 -10.22
CA PHE A 116 -9.77 -4.00 -11.28
C PHE A 116 -10.25 -3.34 -12.59
N ARG A 117 -11.55 -3.11 -12.76
CA ARG A 117 -12.08 -2.52 -13.99
C ARG A 117 -11.91 -1.00 -13.98
N HIS A 118 -11.45 -0.42 -12.90
CA HIS A 118 -11.29 1.05 -12.79
C HIS A 118 -10.04 1.49 -13.54
N HIS A 119 -9.16 0.56 -13.90
CA HIS A 119 -7.89 0.89 -14.59
C HIS A 119 -8.03 0.57 -16.07
N SER A 120 -7.65 1.53 -16.94
CA SER A 120 -7.65 1.38 -18.40
C SER A 120 -6.26 1.70 -18.92
N TYR A 121 -5.70 0.85 -19.80
CA TYR A 121 -4.44 1.19 -20.48
C TYR A 121 -4.69 2.12 -21.67
N LEU A 122 -5.92 2.54 -21.95
CA LEU A 122 -6.20 3.46 -23.07
C LEU A 122 -6.71 4.82 -22.58
N SER A 123 -7.35 4.95 -21.42
CA SER A 123 -8.11 6.18 -21.11
CA SER A 123 -8.11 6.18 -21.11
C SER A 123 -7.22 7.41 -21.15
N ASP A 124 -5.96 7.33 -20.67
CA ASP A 124 -5.11 8.53 -20.55
C ASP A 124 -4.65 9.01 -21.93
N ILE A 125 -4.68 8.17 -22.98
CA ILE A 125 -4.23 8.60 -24.34
C ILE A 125 -5.42 8.75 -25.30
N ALA A 126 -6.63 8.39 -24.86
CA ALA A 126 -7.85 8.61 -25.65
C ALA A 126 -8.12 10.11 -25.76
N GLN A 127 -8.81 10.54 -26.82
CA GLN A 127 -9.35 11.92 -26.84
C GLN A 127 -10.43 12.04 -25.75
N GLY A 128 -11.18 10.98 -25.51
CA GLY A 128 -12.16 10.97 -24.44
C GLY A 128 -12.72 9.60 -24.22
N VAL A 129 -13.60 9.47 -23.24
CA VAL A 129 -14.12 8.15 -22.80
C VAL A 129 -15.61 8.31 -22.53
N ILE A 130 -16.40 7.37 -22.96
CA ILE A 130 -17.84 7.29 -22.69
C ILE A 130 -18.11 5.95 -22.01
N CYS A 131 -18.79 5.90 -20.88
CA CYS A 131 -19.19 4.57 -20.36
C CYS A 131 -20.57 4.62 -19.73
N GLY A 132 -21.27 3.50 -19.81
CA GLY A 132 -22.54 3.32 -19.10
C GLY A 132 -23.72 3.78 -19.89
N LEU A 133 -23.56 4.30 -21.10
CA LEU A 133 -24.68 4.88 -21.85
C LEU A 133 -25.20 3.91 -22.91
N GLY A 134 -24.85 2.64 -22.78
CA GLY A 134 -25.33 1.58 -23.69
C GLY A 134 -24.88 1.86 -25.11
N ALA A 135 -25.64 1.33 -26.07
CA ALA A 135 -25.28 1.39 -27.52
C ALA A 135 -25.16 2.82 -28.02
N LYS A 136 -25.91 3.76 -27.44
CA LYS A 136 -25.84 5.17 -27.86
C LYS A 136 -24.42 5.71 -27.69
N GLY A 137 -23.60 5.15 -26.80
CA GLY A 137 -22.22 5.62 -26.67
C GLY A 137 -21.43 5.60 -27.99
N TYR A 138 -21.68 4.60 -28.84
CA TYR A 138 -20.97 4.57 -30.15
C TYR A 138 -21.42 5.74 -31.02
N SER A 139 -22.72 6.07 -31.00
CA SER A 139 -23.26 7.22 -31.77
C SER A 139 -22.66 8.54 -31.26
N PHE A 140 -22.54 8.70 -29.94
CA PHE A 140 -21.93 9.95 -29.40
C PHE A 140 -20.47 10.03 -29.83
N ALA A 141 -19.75 8.92 -29.79
CA ALA A 141 -18.32 8.93 -30.20
C ALA A 141 -18.22 9.31 -31.68
N LEU A 142 -19.14 8.80 -32.50
CA LEU A 142 -19.18 9.16 -33.95
C LEU A 142 -19.42 10.65 -34.11
N GLN A 143 -20.42 11.19 -33.42
CA GLN A 143 -20.73 12.65 -33.45
C GLN A 143 -19.51 13.45 -33.03
N SER A 144 -18.83 13.04 -31.96
CA SER A 144 -17.63 13.74 -31.46
C SER A 144 -16.51 13.71 -32.52
N ALA A 145 -16.27 12.56 -33.11
CA ALA A 145 -15.22 12.39 -34.15
C ALA A 145 -15.49 13.33 -35.32
N ILE A 146 -16.75 13.39 -35.78
CA ILE A 146 -17.10 14.25 -36.93
C ILE A 146 -16.81 15.70 -36.56
N GLY A 147 -17.19 16.14 -35.34
CA GLY A 147 -16.94 17.52 -34.90
C GLY A 147 -15.46 17.81 -34.80
N LYS A 148 -14.69 16.88 -34.27
CA LYS A 148 -13.23 17.04 -34.03
C LYS A 148 -12.54 17.13 -35.40
N LEU A 149 -12.97 16.36 -36.40
CA LEU A 149 -12.27 16.35 -37.72
C LEU A 149 -12.71 17.50 -38.61
N ARG A 150 -13.99 17.91 -38.56
CA ARG A 150 -14.52 18.93 -39.49
C ARG A 150 -14.50 20.31 -38.83
N ASN A 151 -14.15 20.39 -37.55
CA ASN A 151 -14.12 21.64 -36.75
C ASN A 151 -15.56 22.18 -36.69
N ILE A 152 -16.51 21.28 -36.38
CA ILE A 152 -17.97 21.53 -36.22
C ILE A 152 -18.45 20.80 -34.94
N HIS B 3 1.18 -57.35 -3.61
CA HIS B 3 1.14 -56.16 -2.70
C HIS B 3 1.23 -56.64 -1.23
N MET B 4 0.08 -56.86 -0.54
CA MET B 4 -0.50 -56.30 0.76
C MET B 4 0.15 -54.94 1.08
N THR B 5 -0.66 -53.89 1.26
CA THR B 5 -0.16 -52.51 1.48
C THR B 5 0.31 -52.37 2.94
N GLN B 6 1.23 -51.45 3.16
CA GLN B 6 1.56 -51.01 4.54
C GLN B 6 0.44 -50.09 5.02
N GLN B 7 -0.03 -50.27 6.27
CA GLN B 7 -1.10 -49.42 6.83
C GLN B 7 -0.63 -47.97 6.89
N ILE B 8 -1.50 -47.06 6.50
CA ILE B 8 -1.29 -45.60 6.65
C ILE B 8 -2.06 -45.16 7.89
N LYS B 9 -1.45 -44.30 8.71
CA LYS B 9 -2.17 -43.63 9.82
C LYS B 9 -2.39 -42.19 9.41
N LEU B 10 -3.64 -41.81 9.27
CA LEU B 10 -3.99 -40.45 8.80
C LEU B 10 -4.82 -39.75 9.88
N LEU B 11 -4.49 -38.50 10.15
CA LEU B 11 -5.22 -37.64 11.13
C LEU B 11 -5.96 -36.55 10.38
N VAL B 12 -7.25 -36.42 10.66
CA VAL B 12 -8.10 -35.33 10.13
C VAL B 12 -8.32 -34.34 11.30
N LEU B 13 -7.99 -33.08 11.06
CA LEU B 13 -8.21 -32.00 12.03
C LEU B 13 -9.20 -31.01 11.49
N ASN B 14 -10.17 -30.65 12.31
CA ASN B 14 -11.20 -29.66 11.95
C ASN B 14 -11.18 -28.52 12.99
N GLY B 15 -11.19 -27.31 12.51
CA GLY B 15 -11.12 -26.12 13.38
C GLY B 15 -12.51 -25.62 13.81
N PRO B 16 -12.51 -24.36 14.27
CA PRO B 16 -13.65 -23.84 15.02
C PRO B 16 -14.90 -23.71 14.16
N ASN B 17 -16.03 -23.84 14.82
CA ASN B 17 -17.38 -23.61 14.24
C ASN B 17 -17.84 -24.76 13.34
N LEU B 18 -16.96 -25.71 12.98
CA LEU B 18 -17.38 -26.80 12.05
C LEU B 18 -18.31 -27.78 12.79
N ASN B 19 -18.33 -27.75 14.13
CA ASN B 19 -19.34 -28.51 14.89
C ASN B 19 -20.75 -28.05 14.53
N LEU B 20 -20.95 -26.84 13.96
CA LEU B 20 -22.32 -26.33 13.64
C LEU B 20 -22.87 -26.97 12.35
N LEU B 21 -22.07 -27.71 11.59
CA LEU B 21 -22.51 -28.28 10.30
C LEU B 21 -23.80 -29.08 10.49
N GLY B 22 -24.79 -28.79 9.65
CA GLY B 22 -26.08 -29.50 9.63
C GLY B 22 -27.11 -28.87 10.56
N GLN B 23 -26.76 -27.88 11.38
CA GLN B 23 -27.71 -27.36 12.42
CA GLN B 23 -27.71 -27.36 12.42
C GLN B 23 -28.57 -26.22 11.84
N ARG B 24 -27.97 -25.23 11.16
CA ARG B 24 -28.71 -23.96 10.86
C ARG B 24 -29.42 -24.05 9.51
N GLU B 25 -30.74 -23.86 9.52
CA GLU B 25 -31.64 -23.83 8.33
C GLU B 25 -31.26 -25.02 7.44
N PRO B 26 -31.49 -26.27 7.92
CA PRO B 26 -31.04 -27.48 7.20
C PRO B 26 -31.59 -27.57 5.77
N GLU B 27 -32.82 -27.10 5.53
CA GLU B 27 -33.49 -27.05 4.20
C GLU B 27 -32.71 -26.15 3.23
N VAL B 28 -31.96 -25.16 3.74
CA VAL B 28 -31.21 -24.13 2.93
C VAL B 28 -29.73 -24.51 2.82
N TYR B 29 -29.05 -24.78 3.95
CA TYR B 29 -27.56 -24.88 4.04
C TYR B 29 -27.08 -26.34 4.06
N GLY B 30 -27.98 -27.32 4.18
CA GLY B 30 -27.63 -28.75 4.15
C GLY B 30 -27.83 -29.41 5.51
N SER B 31 -27.97 -30.74 5.50
CA SER B 31 -28.41 -31.60 6.63
C SER B 31 -27.25 -32.43 7.21
N LYS B 32 -26.13 -32.62 6.48
CA LYS B 32 -25.04 -33.53 6.95
C LYS B 32 -24.32 -32.90 8.15
N THR B 33 -24.10 -33.65 9.21
CA THR B 33 -23.29 -33.18 10.37
C THR B 33 -21.82 -33.54 10.16
N LEU B 34 -20.94 -32.92 10.93
CA LEU B 34 -19.52 -33.29 10.84
C LEU B 34 -19.37 -34.76 11.24
N ASP B 35 -20.10 -35.24 12.24
CA ASP B 35 -20.02 -36.66 12.64
C ASP B 35 -20.38 -37.57 11.46
N ASP B 36 -21.42 -37.23 10.70
CA ASP B 36 -21.81 -38.02 9.49
C ASP B 36 -20.63 -38.06 8.49
N ILE B 37 -20.01 -36.92 8.22
CA ILE B 37 -18.91 -36.79 7.23
C ILE B 37 -17.74 -37.67 7.70
N ILE B 38 -17.38 -37.56 8.98
CA ILE B 38 -16.18 -38.29 9.49
C ILE B 38 -16.47 -39.80 9.58
N LYS B 39 -17.69 -40.20 9.93
CA LYS B 39 -18.02 -41.65 9.93
C LYS B 39 -17.84 -42.20 8.51
N ALA B 40 -18.38 -41.52 7.49
CA ALA B 40 -18.26 -41.99 6.11
C ALA B 40 -16.78 -42.00 5.67
N LEU B 41 -16.02 -40.99 6.04
CA LEU B 41 -14.59 -40.88 5.61
C LEU B 41 -13.76 -41.99 6.29
N THR B 42 -14.07 -42.28 7.55
CA THR B 42 -13.37 -43.32 8.33
C THR B 42 -13.60 -44.68 7.66
N ASP B 43 -14.84 -44.95 7.28
CA ASP B 43 -15.22 -46.19 6.50
C ASP B 43 -14.47 -46.26 5.17
N GLU B 44 -14.45 -45.15 4.41
CA GLU B 44 -13.75 -45.10 3.10
C GLU B 44 -12.27 -45.46 3.33
N ALA B 45 -11.65 -44.85 4.34
CA ALA B 45 -10.23 -45.03 4.62
C ALA B 45 -9.94 -46.51 5.00
N ALA B 46 -10.80 -47.07 5.84
CA ALA B 46 -10.59 -48.45 6.38
C ALA B 46 -10.54 -49.45 5.22
N LEU B 47 -11.30 -49.23 4.15
CA LEU B 47 -11.32 -50.18 3.02
C LEU B 47 -9.99 -50.15 2.26
N GLN B 48 -9.18 -49.11 2.42
CA GLN B 48 -7.88 -48.93 1.74
C GLN B 48 -6.73 -49.03 2.75
N ASN B 49 -6.96 -49.71 3.88
CA ASN B 49 -5.90 -49.96 4.88
C ASN B 49 -5.32 -48.62 5.36
N VAL B 50 -6.19 -47.69 5.63
CA VAL B 50 -5.87 -46.39 6.26
C VAL B 50 -6.64 -46.35 7.57
N ALA B 51 -5.91 -46.16 8.68
CA ALA B 51 -6.50 -45.96 10.00
C ALA B 51 -6.63 -44.46 10.21
N LEU B 52 -7.85 -43.95 10.18
CA LEU B 52 -8.14 -42.52 10.20
C LEU B 52 -8.61 -42.10 11.58
N SER B 53 -7.91 -41.13 12.15
CA SER B 53 -8.22 -40.51 13.45
C SER B 53 -8.71 -39.09 13.19
N HIS B 54 -9.48 -38.55 14.11
CA HIS B 54 -10.14 -37.23 13.90
C HIS B 54 -10.21 -36.43 15.19
N LEU B 55 -10.02 -35.13 15.09
CA LEU B 55 -10.34 -34.17 16.18
C LEU B 55 -10.94 -32.93 15.52
N GLN B 56 -12.10 -32.53 16.01
CA GLN B 56 -12.63 -31.17 15.76
C GLN B 56 -12.58 -30.39 17.07
N SER B 57 -12.18 -29.13 17.01
CA SER B 57 -12.14 -28.35 18.26
C SER B 57 -12.33 -26.86 17.96
N ASN B 58 -12.93 -26.19 18.95
CA ASN B 58 -12.94 -24.71 18.95
C ASN B 58 -11.75 -24.16 19.71
N ARG B 59 -10.89 -25.05 20.24
CA ARG B 59 -9.77 -24.69 21.11
C ARG B 59 -8.51 -24.82 20.28
N GLU B 60 -7.85 -23.72 19.95
CA GLU B 60 -6.62 -23.76 19.15
C GLU B 60 -5.62 -24.68 19.84
N TYR B 61 -5.50 -24.68 21.16
CA TYR B 61 -4.47 -25.46 21.85
C TYR B 61 -4.71 -26.97 21.60
N GLU B 62 -5.97 -27.40 21.50
CA GLU B 62 -6.26 -28.83 21.32
C GLU B 62 -5.74 -29.28 19.96
N LEU B 63 -5.89 -28.42 18.92
CA LEU B 63 -5.38 -28.76 17.60
C LEU B 63 -3.85 -28.81 17.63
N ILE B 64 -3.22 -27.82 18.25
CA ILE B 64 -1.73 -27.77 18.33
C ILE B 64 -1.25 -29.03 19.05
N GLU B 65 -1.85 -29.37 20.17
CA GLU B 65 -1.37 -30.51 20.99
C GLU B 65 -1.60 -31.82 20.24
N LYS B 66 -2.68 -31.93 19.46
CA LYS B 66 -2.96 -33.13 18.67
C LYS B 66 -1.87 -33.28 17.57
N ILE B 67 -1.45 -32.19 16.98
CA ILE B 67 -0.36 -32.21 15.96
C ILE B 67 0.93 -32.66 16.67
N HIS B 68 1.22 -32.12 17.86
CA HIS B 68 2.43 -32.54 18.57
C HIS B 68 2.41 -34.06 18.82
N ASP B 69 1.27 -34.55 19.22
CA ASP B 69 1.06 -35.98 19.55
C ASP B 69 1.19 -36.87 18.31
N ALA B 70 1.02 -36.32 17.11
CA ALA B 70 1.11 -37.06 15.83
C ALA B 70 2.56 -37.37 15.47
N PHE B 71 3.52 -36.69 16.07
CA PHE B 71 4.96 -36.84 15.74
C PHE B 71 5.36 -38.32 15.77
N GLU B 72 5.97 -38.78 14.68
CA GLU B 72 6.48 -40.18 14.52
C GLU B 72 5.36 -41.22 14.64
N LYS B 73 4.09 -40.86 14.55
CA LYS B 73 2.96 -41.82 14.66
C LYS B 73 2.06 -41.70 13.42
N ILE B 74 1.90 -40.50 12.92
CA ILE B 74 0.94 -40.23 11.82
C ILE B 74 1.71 -40.01 10.51
N ASP B 75 1.22 -40.54 9.41
CA ASP B 75 1.87 -40.43 8.08
C ASP B 75 1.39 -39.21 7.30
N PHE B 76 0.20 -38.70 7.56
CA PHE B 76 -0.41 -37.63 6.75
C PHE B 76 -1.50 -36.95 7.56
N ILE B 77 -1.68 -35.65 7.36
CA ILE B 77 -2.74 -34.85 8.00
C ILE B 77 -3.65 -34.25 6.89
N ILE B 78 -4.94 -34.33 7.11
CA ILE B 78 -5.93 -33.51 6.38
C ILE B 78 -6.46 -32.47 7.37
N ILE B 79 -6.36 -31.20 7.05
CA ILE B 79 -6.79 -30.15 7.97
C ILE B 79 -7.73 -29.16 7.31
N ASN B 80 -8.85 -28.93 7.96
CA ASN B 80 -9.75 -27.80 7.66
C ASN B 80 -9.65 -26.84 8.85
N PRO B 81 -8.77 -25.83 8.84
CA PRO B 81 -8.55 -24.99 9.99
C PRO B 81 -9.67 -23.97 10.22
N ALA B 82 -10.59 -23.89 9.28
CA ALA B 82 -11.71 -22.94 9.30
C ALA B 82 -11.13 -21.55 9.54
N ALA B 83 -11.67 -20.77 10.46
CA ALA B 83 -11.21 -19.37 10.67
C ALA B 83 -9.72 -19.31 11.00
N PHE B 84 -9.15 -20.34 11.64
CA PHE B 84 -7.72 -20.31 12.04
C PHE B 84 -6.79 -20.30 10.83
N THR B 85 -7.27 -20.66 9.64
CA THR B 85 -6.49 -20.57 8.39
C THR B 85 -5.87 -19.18 8.27
N HIS B 86 -6.65 -18.16 8.61
CA HIS B 86 -6.33 -16.76 8.30
C HIS B 86 -5.53 -16.12 9.44
N THR B 87 -5.48 -16.73 10.60
CA THR B 87 -5.00 -16.08 11.84
C THR B 87 -3.91 -16.84 12.56
N SER B 88 -3.82 -18.15 12.48
CA SER B 88 -2.97 -18.95 13.40
C SER B 88 -1.56 -19.24 12.80
N VAL B 89 -0.58 -18.46 13.21
CA VAL B 89 0.83 -18.82 12.93
C VAL B 89 1.19 -20.01 13.83
N ALA B 90 0.58 -20.16 15.00
CA ALA B 90 0.92 -21.26 15.91
C ALA B 90 0.63 -22.61 15.24
N LEU B 91 -0.46 -22.73 14.50
CA LEU B 91 -0.79 -24.00 13.78
CA LEU B 91 -0.79 -24.00 13.78
C LEU B 91 0.23 -24.25 12.68
N ARG B 92 0.60 -23.21 11.92
CA ARG B 92 1.65 -23.30 10.91
C ARG B 92 2.91 -23.91 11.55
N ASP B 93 3.33 -23.33 12.67
CA ASP B 93 4.60 -23.74 13.32
C ASP B 93 4.46 -25.13 13.94
N ALA B 94 3.30 -25.55 14.39
CA ALA B 94 3.09 -26.93 14.87
C ALA B 94 3.32 -27.91 13.70
N LEU B 95 2.72 -27.63 12.55
CA LEU B 95 2.83 -28.55 11.39
C LEU B 95 4.27 -28.54 10.89
N LEU B 96 4.95 -27.40 10.85
CA LEU B 96 6.37 -27.36 10.45
C LEU B 96 7.22 -28.13 11.47
N GLY B 97 6.86 -28.05 12.74
CA GLY B 97 7.65 -28.66 13.83
C GLY B 97 7.60 -30.18 13.78
N VAL B 98 6.51 -30.80 13.35
CA VAL B 98 6.39 -32.27 13.38
C VAL B 98 6.71 -32.87 12.01
N ASN B 99 6.79 -32.06 10.97
CA ASN B 99 7.23 -32.44 9.62
C ASN B 99 6.35 -33.56 9.03
N ILE B 100 5.06 -33.48 9.18
CA ILE B 100 4.11 -34.43 8.54
C ILE B 100 3.48 -33.70 7.35
N PRO B 101 3.44 -34.32 6.16
CA PRO B 101 2.77 -33.68 5.00
C PRO B 101 1.27 -33.51 5.27
N PHE B 102 0.66 -32.47 4.74
CA PHE B 102 -0.77 -32.22 4.94
C PHE B 102 -1.40 -31.61 3.70
N ILE B 103 -2.71 -31.78 3.62
CA ILE B 103 -3.59 -31.10 2.63
C ILE B 103 -4.58 -30.26 3.42
N GLU B 104 -4.79 -29.04 2.96
CA GLU B 104 -5.74 -28.05 3.51
C GLU B 104 -7.07 -28.18 2.76
N VAL B 105 -8.17 -28.30 3.47
CA VAL B 105 -9.53 -28.45 2.88
C VAL B 105 -10.45 -27.37 3.45
N HIS B 106 -11.25 -26.74 2.62
CA HIS B 106 -12.34 -25.84 3.03
C HIS B 106 -13.64 -26.28 2.34
N LEU B 107 -14.75 -26.30 3.06
CA LEU B 107 -16.04 -26.67 2.47
C LEU B 107 -16.43 -25.60 1.43
N SER B 108 -16.31 -24.35 1.81
CA SER B 108 -16.70 -23.21 0.97
C SER B 108 -15.52 -22.69 0.19
N ASN B 109 -15.79 -21.94 -0.88
CA ASN B 109 -14.75 -21.31 -1.69
C ASN B 109 -14.24 -20.07 -0.96
N VAL B 110 -13.09 -20.16 -0.27
CA VAL B 110 -12.52 -19.00 0.49
C VAL B 110 -12.27 -17.81 -0.41
N HIS B 111 -12.02 -18.01 -1.71
CA HIS B 111 -11.69 -16.92 -2.64
C HIS B 111 -12.94 -16.14 -3.06
N ALA B 112 -14.12 -16.65 -2.79
CA ALA B 112 -15.39 -16.03 -3.21
C ALA B 112 -15.97 -15.18 -2.08
N ARG B 113 -15.24 -15.04 -0.96
CA ARG B 113 -15.79 -14.39 0.25
C ARG B 113 -15.02 -13.10 0.50
N GLU B 114 -14.93 -12.63 1.76
CA GLU B 114 -14.22 -11.38 2.04
C GLU B 114 -12.75 -11.51 1.67
N SER B 115 -12.13 -10.37 1.39
CA SER B 115 -10.71 -10.34 0.98
C SER B 115 -9.80 -10.88 2.09
N PHE B 116 -10.15 -10.74 3.38
CA PHE B 116 -9.26 -11.27 4.41
C PHE B 116 -9.15 -12.80 4.33
N ARG B 117 -10.13 -13.49 3.70
CA ARG B 117 -10.10 -14.97 3.63
C ARG B 117 -9.17 -15.44 2.52
N HIS B 118 -8.61 -14.53 1.76
CA HIS B 118 -7.72 -14.92 0.60
C HIS B 118 -6.34 -15.28 1.16
N HIS B 119 -6.03 -14.93 2.39
CA HIS B 119 -4.73 -15.21 3.02
C HIS B 119 -4.82 -16.44 3.90
N SER B 120 -3.90 -17.41 3.75
CA SER B 120 -3.78 -18.63 4.57
C SER B 120 -2.35 -18.71 5.13
N TYR B 121 -2.21 -18.97 6.44
CA TYR B 121 -0.88 -19.30 7.01
C TYR B 121 -0.47 -20.73 6.71
N LEU B 122 -1.29 -21.53 6.07
CA LEU B 122 -0.92 -22.93 5.74
C LEU B 122 -0.74 -23.18 4.25
N SER B 123 -1.38 -22.43 3.34
CA SER B 123 -1.46 -22.89 1.94
C SER B 123 -0.09 -23.01 1.31
N ASP B 124 0.88 -22.13 1.64
CA ASP B 124 2.21 -22.19 0.99
C ASP B 124 3.02 -23.41 1.44
N ILE B 125 2.72 -24.03 2.59
CA ILE B 125 3.46 -25.22 3.06
C ILE B 125 2.64 -26.51 2.92
N ALA B 126 1.37 -26.40 2.55
CA ALA B 126 0.53 -27.57 2.28
C ALA B 126 1.03 -28.30 1.03
N GLN B 127 0.79 -29.60 0.95
CA GLN B 127 1.02 -30.33 -0.33
C GLN B 127 0.02 -29.78 -1.37
N GLY B 128 -1.18 -29.50 -0.93
CA GLY B 128 -2.22 -28.94 -1.83
C GLY B 128 -3.35 -28.40 -1.04
N VAL B 129 -4.30 -27.75 -1.72
CA VAL B 129 -5.45 -27.09 -1.12
C VAL B 129 -6.68 -27.44 -1.96
N ILE B 130 -7.78 -27.73 -1.30
CA ILE B 130 -9.08 -27.96 -1.96
C ILE B 130 -10.07 -27.00 -1.33
N CYS B 131 -10.83 -26.23 -2.10
CA CYS B 131 -11.89 -25.43 -1.48
C CYS B 131 -13.12 -25.39 -2.36
N GLY B 132 -14.28 -25.28 -1.72
CA GLY B 132 -15.54 -25.02 -2.43
C GLY B 132 -16.25 -26.28 -2.86
N LEU B 133 -15.71 -27.47 -2.55
CA LEU B 133 -16.27 -28.73 -3.06
C LEU B 133 -17.08 -29.43 -1.96
N GLY B 134 -17.39 -28.72 -0.87
CA GLY B 134 -18.21 -29.28 0.21
C GLY B 134 -17.53 -30.47 0.86
N ALA B 135 -18.32 -31.36 1.44
CA ALA B 135 -17.80 -32.49 2.25
C ALA B 135 -16.96 -33.45 1.43
N LYS B 136 -17.20 -33.55 0.12
CA LYS B 136 -16.41 -34.39 -0.77
C LYS B 136 -14.94 -33.99 -0.74
N GLY B 137 -14.61 -32.74 -0.40
CA GLY B 137 -13.21 -32.33 -0.35
C GLY B 137 -12.36 -33.21 0.58
N TYR B 138 -12.94 -33.68 1.69
CA TYR B 138 -12.19 -34.57 2.60
C TYR B 138 -11.84 -35.89 1.92
N SER B 139 -12.80 -36.44 1.16
CA SER B 139 -12.58 -37.71 0.42
CA SER B 139 -12.58 -37.71 0.42
C SER B 139 -11.49 -37.50 -0.63
N PHE B 140 -11.50 -36.37 -1.34
CA PHE B 140 -10.45 -36.10 -2.34
C PHE B 140 -9.08 -36.03 -1.67
N ALA B 141 -9.00 -35.35 -0.52
CA ALA B 141 -7.73 -35.21 0.21
C ALA B 141 -7.24 -36.61 0.65
N LEU B 142 -8.15 -37.46 1.09
CA LEU B 142 -7.81 -38.85 1.50
C LEU B 142 -7.23 -39.61 0.29
N GLN B 143 -7.92 -39.55 -0.85
CA GLN B 143 -7.48 -40.24 -2.08
CA GLN B 143 -7.45 -40.24 -2.07
C GLN B 143 -6.09 -39.69 -2.49
N SER B 144 -5.88 -38.38 -2.39
CA SER B 144 -4.59 -37.76 -2.74
C SER B 144 -3.47 -38.27 -1.81
N ALA B 145 -3.75 -38.28 -0.51
CA ALA B 145 -2.76 -38.72 0.50
C ALA B 145 -2.35 -40.16 0.22
N ILE B 146 -3.33 -41.03 -0.06
CA ILE B 146 -3.01 -42.46 -0.35
C ILE B 146 -2.09 -42.52 -1.58
N GLY B 147 -2.40 -41.77 -2.63
CA GLY B 147 -1.56 -41.79 -3.85
C GLY B 147 -0.18 -41.24 -3.59
N LYS B 148 -0.07 -40.17 -2.80
CA LYS B 148 1.21 -39.50 -2.49
C LYS B 148 2.08 -40.46 -1.67
N LEU B 149 1.50 -41.23 -0.74
CA LEU B 149 2.29 -42.11 0.15
C LEU B 149 2.61 -43.45 -0.52
N ARG B 150 1.73 -43.99 -1.35
CA ARG B 150 1.92 -45.34 -1.95
C ARG B 150 2.53 -45.23 -3.34
N ASN B 151 2.66 -44.01 -3.87
CA ASN B 151 3.12 -43.74 -5.27
C ASN B 151 2.13 -44.41 -6.23
N ILE B 152 0.82 -44.12 -6.07
CA ILE B 152 -0.31 -44.62 -6.89
C ILE B 152 -1.30 -43.48 -7.14
N HIS C 3 -34.16 21.93 40.00
CA HIS C 3 -32.89 21.16 39.74
C HIS C 3 -31.84 21.52 40.80
N MET C 4 -31.15 20.53 41.35
CA MET C 4 -30.03 20.67 42.33
C MET C 4 -28.70 20.69 41.58
N THR C 5 -28.69 20.28 40.32
CA THR C 5 -27.45 20.14 39.50
C THR C 5 -27.06 21.50 38.91
N GLN C 6 -25.80 21.66 38.53
CA GLN C 6 -25.35 22.76 37.65
C GLN C 6 -25.87 22.49 36.24
N GLN C 7 -26.42 23.52 35.59
CA GLN C 7 -26.94 23.33 34.23
C GLN C 7 -25.77 23.02 33.28
N ILE C 8 -25.96 22.05 32.38
CA ILE C 8 -25.01 21.78 31.30
C ILE C 8 -25.54 22.47 30.03
N LYS C 9 -24.64 23.09 29.26
CA LYS C 9 -25.02 23.64 27.95
C LYS C 9 -24.45 22.69 26.90
N LEU C 10 -25.30 22.08 26.12
CA LEU C 10 -24.85 21.11 25.11
C LEU C 10 -25.29 21.58 23.72
N LEU C 11 -24.41 21.48 22.78
CA LEU C 11 -24.65 21.80 21.36
C LEU C 11 -24.67 20.51 20.54
N VAL C 12 -25.75 20.32 19.78
CA VAL C 12 -25.87 19.18 18.84
C VAL C 12 -25.67 19.77 17.44
N LEU C 13 -24.76 19.19 16.68
CA LEU C 13 -24.47 19.61 15.30
C LEU C 13 -24.78 18.46 14.38
N ASN C 14 -25.48 18.75 13.28
CA ASN C 14 -25.83 17.76 12.27
C ASN C 14 -25.34 18.27 10.91
N GLY C 15 -24.63 17.43 10.18
CA GLY C 15 -24.04 17.77 8.88
C GLY C 15 -25.00 17.57 7.72
N PRO C 16 -24.43 17.55 6.52
CA PRO C 16 -25.19 17.63 5.29
C PRO C 16 -26.12 16.43 5.09
N ASN C 17 -27.22 16.70 4.40
CA ASN C 17 -28.21 15.72 3.93
C ASN C 17 -29.08 15.16 5.07
N LEU C 18 -28.79 15.46 6.33
CA LEU C 18 -29.61 14.91 7.43
C LEU C 18 -30.97 15.62 7.50
N ASN C 19 -31.12 16.77 6.85
CA ASN C 19 -32.44 17.41 6.69
C ASN C 19 -33.37 16.48 5.89
N LEU C 20 -32.87 15.50 5.13
CA LEU C 20 -33.74 14.62 4.29
C LEU C 20 -34.36 13.50 5.14
N LEU C 21 -33.99 13.35 6.41
CA LEU C 21 -34.48 12.22 7.24
C LEU C 21 -36.00 12.23 7.24
N GLY C 22 -36.61 11.07 6.95
CA GLY C 22 -38.05 10.87 6.99
C GLY C 22 -38.73 11.21 5.68
N GLN C 23 -38.03 11.72 4.66
CA GLN C 23 -38.71 12.24 3.45
CA GLN C 23 -38.71 12.24 3.45
C GLN C 23 -38.89 11.13 2.40
N ARG C 24 -37.85 10.35 2.10
CA ARG C 24 -37.90 9.42 0.94
C ARG C 24 -38.41 8.05 1.36
N GLU C 25 -39.50 7.61 0.71
CA GLU C 25 -40.14 6.27 0.88
C GLU C 25 -40.24 6.00 2.38
N PRO C 26 -41.07 6.79 3.12
CA PRO C 26 -41.20 6.63 4.58
C PRO C 26 -41.56 5.21 5.04
N GLU C 27 -42.38 4.49 4.27
CA GLU C 27 -42.80 3.08 4.54
C GLU C 27 -41.59 2.14 4.51
N VAL C 28 -40.52 2.49 3.77
CA VAL C 28 -39.30 1.65 3.57
C VAL C 28 -38.16 2.11 4.50
N TYR C 29 -37.81 3.39 4.50
CA TYR C 29 -36.56 3.94 5.11
C TYR C 29 -36.82 4.56 6.49
N GLY C 30 -38.09 4.74 6.89
CA GLY C 30 -38.44 5.30 8.21
C GLY C 30 -39.07 6.67 8.07
N SER C 31 -39.89 7.07 9.07
CA SER C 31 -40.82 8.22 9.01
C SER C 31 -40.33 9.39 9.89
N LYS C 32 -39.43 9.16 10.83
CA LYS C 32 -38.98 10.18 11.81
C LYS C 32 -38.13 11.25 11.10
N THR C 33 -38.46 12.52 11.31
CA THR C 33 -37.69 13.65 10.75
C THR C 33 -36.61 14.06 11.74
N LEU C 34 -35.66 14.85 11.27
CA LEU C 34 -34.65 15.39 12.20
C LEU C 34 -35.34 16.27 13.23
N ASP C 35 -36.33 17.06 12.83
CA ASP C 35 -37.08 17.93 13.81
CA ASP C 35 -37.08 17.93 13.81
C ASP C 35 -37.70 17.06 14.91
N ASP C 36 -38.30 15.92 14.56
CA ASP C 36 -38.87 14.98 15.56
C ASP C 36 -37.77 14.52 16.54
N ILE C 37 -36.60 14.13 16.01
CA ILE C 37 -35.47 13.64 16.84
C ILE C 37 -35.02 14.73 17.79
N ILE C 38 -34.85 15.94 17.30
CA ILE C 38 -34.30 17.05 18.12
C ILE C 38 -35.35 17.51 19.15
N LYS C 39 -36.62 17.53 18.78
CA LYS C 39 -37.68 17.91 19.76
C LYS C 39 -37.66 16.91 20.92
N ALA C 40 -37.62 15.61 20.63
CA ALA C 40 -37.60 14.58 21.69
C ALA C 40 -36.32 14.70 22.51
N LEU C 41 -35.18 14.91 21.87
CA LEU C 41 -33.88 15.01 22.58
C LEU C 41 -33.85 16.23 23.49
N THR C 42 -34.42 17.34 23.03
CA THR C 42 -34.45 18.62 23.81
C THR C 42 -35.27 18.39 25.08
N ASP C 43 -36.40 17.71 24.95
CA ASP C 43 -37.26 17.35 26.10
C ASP C 43 -36.52 16.44 27.09
N GLU C 44 -35.83 15.39 26.58
CA GLU C 44 -35.08 14.48 27.43
C GLU C 44 -33.99 15.28 28.17
N ALA C 45 -33.30 16.17 27.47
CA ALA C 45 -32.20 16.97 28.06
C ALA C 45 -32.73 17.87 29.18
N ALA C 46 -33.85 18.53 28.92
CA ALA C 46 -34.43 19.50 29.90
C ALA C 46 -34.76 18.79 31.19
N LEU C 47 -35.19 17.52 31.17
CA LEU C 47 -35.51 16.78 32.42
C LEU C 47 -34.25 16.61 33.29
N GLN C 48 -33.04 16.66 32.70
CA GLN C 48 -31.78 16.49 33.43
CA GLN C 48 -31.78 16.49 33.43
C GLN C 48 -31.02 17.80 33.52
N ASN C 49 -31.70 18.93 33.39
CA ASN C 49 -31.07 20.27 33.51
C ASN C 49 -29.91 20.40 32.51
N VAL C 50 -30.20 20.01 31.28
CA VAL C 50 -29.32 20.22 30.12
C VAL C 50 -30.05 21.10 29.13
N ALA C 51 -29.45 22.23 28.82
CA ALA C 51 -29.93 23.19 27.81
C ALA C 51 -29.34 22.80 26.46
N LEU C 52 -30.19 22.41 25.54
CA LEU C 52 -29.71 21.87 24.23
C LEU C 52 -29.88 22.85 23.12
N SER C 53 -28.83 23.21 22.44
CA SER C 53 -28.85 24.03 21.20
CA SER C 53 -28.84 24.04 21.20
C SER C 53 -28.54 23.11 20.02
N HIS C 54 -29.07 23.45 18.87
CA HIS C 54 -28.99 22.53 17.71
C HIS C 54 -28.79 23.35 16.44
N LEU C 55 -27.92 22.85 15.57
CA LEU C 55 -27.81 23.36 14.18
C LEU C 55 -27.61 22.14 13.29
N GLN C 56 -28.44 22.06 12.23
CA GLN C 56 -28.18 21.18 11.09
C GLN C 56 -27.86 22.08 9.90
N SER C 57 -26.84 21.72 9.13
CA SER C 57 -26.51 22.54 7.95
C SER C 57 -25.89 21.70 6.85
N ASN C 58 -26.18 22.13 5.60
CA ASN C 58 -25.43 21.61 4.43
C ASN C 58 -24.21 22.47 4.14
N ARG C 59 -23.98 23.51 4.94
CA ARG C 59 -22.91 24.51 4.73
C ARG C 59 -21.82 24.22 5.77
N GLU C 60 -20.66 23.74 5.31
CA GLU C 60 -19.53 23.46 6.20
C GLU C 60 -19.24 24.72 7.05
N TYR C 61 -19.26 25.89 6.48
CA TYR C 61 -18.86 27.12 7.19
C TYR C 61 -19.82 27.36 8.37
N GLU C 62 -21.10 27.02 8.23
CA GLU C 62 -22.07 27.28 9.32
C GLU C 62 -21.72 26.40 10.52
N LEU C 63 -21.29 25.14 10.26
CA LEU C 63 -20.89 24.24 11.34
C LEU C 63 -19.61 24.76 11.98
N ILE C 64 -18.64 25.17 11.17
CA ILE C 64 -17.35 25.70 11.72
C ILE C 64 -17.66 26.90 12.60
N GLU C 65 -18.47 27.86 12.10
CA GLU C 65 -18.72 29.13 12.82
C GLU C 65 -19.52 28.82 14.10
N LYS C 66 -20.40 27.83 14.08
CA LYS C 66 -21.18 27.46 15.29
C LYS C 66 -20.23 26.90 16.35
N ILE C 67 -19.24 26.12 15.93
CA ILE C 67 -18.22 25.59 16.87
C ILE C 67 -17.42 26.77 17.41
N HIS C 68 -17.00 27.70 16.60
CA HIS C 68 -16.24 28.89 17.09
C HIS C 68 -17.07 29.63 18.15
N ASP C 69 -18.35 29.80 17.86
CA ASP C 69 -19.27 30.56 18.76
CA ASP C 69 -19.26 30.56 18.76
C ASP C 69 -19.48 29.79 20.08
N ALA C 70 -19.25 28.49 20.13
CA ALA C 70 -19.40 27.61 21.33
C ALA C 70 -18.30 27.89 22.34
N PHE C 71 -17.19 28.46 21.93
CA PHE C 71 -16.02 28.67 22.83
C PHE C 71 -16.46 29.40 24.11
N GLU C 72 -16.10 28.84 25.27
CA GLU C 72 -16.40 29.38 26.62
C GLU C 72 -17.91 29.56 26.86
N LYS C 73 -18.78 28.91 26.10
CA LYS C 73 -20.24 28.96 26.28
C LYS C 73 -20.79 27.55 26.43
N ILE C 74 -20.23 26.59 25.71
CA ILE C 74 -20.82 25.24 25.62
C ILE C 74 -19.93 24.26 26.39
N ASP C 75 -20.54 23.33 27.12
CA ASP C 75 -19.80 22.31 27.92
C ASP C 75 -19.46 21.03 27.12
N PHE C 76 -20.26 20.71 26.12
CA PHE C 76 -20.15 19.42 25.41
C PHE C 76 -20.81 19.56 24.05
N ILE C 77 -20.27 18.85 23.07
CA ILE C 77 -20.82 18.79 21.69
C ILE C 77 -21.18 17.35 21.33
N ILE C 78 -22.32 17.15 20.73
CA ILE C 78 -22.69 15.90 20.04
C ILE C 78 -22.71 16.24 18.56
N ILE C 79 -21.94 15.53 17.73
CA ILE C 79 -21.89 15.88 16.31
C ILE C 79 -22.11 14.62 15.47
N ASN C 80 -23.00 14.76 14.49
CA ASN C 80 -23.15 13.79 13.39
C ASN C 80 -22.69 14.53 12.14
N PRO C 81 -21.42 14.42 11.74
CA PRO C 81 -20.89 15.21 10.63
C PRO C 81 -21.38 14.71 9.27
N ALA C 82 -22.05 13.58 9.26
CA ALA C 82 -22.53 12.92 8.02
C ALA C 82 -21.35 12.84 7.04
N ALA C 83 -21.52 13.22 5.79
CA ALA C 83 -20.43 13.03 4.77
C ALA C 83 -19.15 13.76 5.19
N PHE C 84 -19.24 14.86 5.94
CA PHE C 84 -18.03 15.64 6.29
C PHE C 84 -17.13 14.86 7.25
N THR C 85 -17.61 13.78 7.89
CA THR C 85 -16.79 12.91 8.73
C THR C 85 -15.54 12.49 7.95
N HIS C 86 -15.72 12.20 6.66
CA HIS C 86 -14.71 11.52 5.83
C HIS C 86 -13.79 12.52 5.16
N THR C 87 -14.16 13.81 5.12
CA THR C 87 -13.54 14.79 4.22
C THR C 87 -13.05 16.05 4.91
N SER C 88 -13.63 16.45 6.04
CA SER C 88 -13.41 17.84 6.56
C SER C 88 -12.30 17.84 7.63
N VAL C 89 -11.11 18.25 7.22
CA VAL C 89 -10.05 18.59 8.20
C VAL C 89 -10.44 19.90 8.89
N ALA C 90 -11.14 20.80 8.20
CA ALA C 90 -11.51 22.10 8.80
C ALA C 90 -12.39 21.91 10.03
N LEU C 91 -13.31 20.95 10.02
CA LEU C 91 -14.16 20.67 11.19
C LEU C 91 -13.29 20.11 12.34
N ARG C 92 -12.37 19.19 12.03
CA ARG C 92 -11.45 18.67 13.04
C ARG C 92 -10.74 19.85 13.71
N ASP C 93 -10.19 20.76 12.92
CA ASP C 93 -9.37 21.85 13.45
C ASP C 93 -10.26 22.87 14.22
N ALA C 94 -11.54 23.03 13.86
CA ALA C 94 -12.46 23.88 14.62
C ALA C 94 -12.64 23.26 16.04
N LEU C 95 -12.90 21.96 16.11
CA LEU C 95 -13.13 21.27 17.39
C LEU C 95 -11.86 21.25 18.22
N LEU C 96 -10.70 21.05 17.61
CA LEU C 96 -9.42 21.15 18.37
C LEU C 96 -9.22 22.58 18.85
N GLY C 97 -9.60 23.57 18.06
CA GLY C 97 -9.36 25.00 18.37
C GLY C 97 -10.18 25.48 19.56
N VAL C 98 -11.39 24.96 19.79
CA VAL C 98 -12.24 25.45 20.90
C VAL C 98 -12.13 24.54 22.13
N ASN C 99 -11.56 23.33 21.96
CA ASN C 99 -11.23 22.41 23.07
C ASN C 99 -12.47 22.07 23.91
N ILE C 100 -13.59 21.81 23.27
CA ILE C 100 -14.80 21.28 23.97
C ILE C 100 -14.88 19.78 23.69
N PRO C 101 -15.08 18.92 24.69
CA PRO C 101 -15.22 17.48 24.47
C PRO C 101 -16.45 17.19 23.60
N PHE C 102 -16.39 16.17 22.77
CA PHE C 102 -17.50 15.81 21.87
C PHE C 102 -17.60 14.31 21.70
N ILE C 103 -18.82 13.91 21.33
CA ILE C 103 -19.12 12.53 20.91
C ILE C 103 -19.59 12.59 19.45
N GLU C 104 -19.08 11.68 18.64
CA GLU C 104 -19.43 11.51 17.23
C GLU C 104 -20.55 10.49 17.11
N VAL C 105 -21.62 10.80 16.39
CA VAL C 105 -22.79 9.89 16.23
C VAL C 105 -23.08 9.71 14.75
N HIS C 106 -23.36 8.48 14.34
CA HIS C 106 -23.86 8.18 12.99
C HIS C 106 -25.10 7.31 13.12
N LEU C 107 -26.12 7.57 12.31
CA LEU C 107 -27.35 6.76 12.39
C LEU C 107 -27.04 5.34 11.88
N SER C 108 -26.32 5.26 10.80
CA SER C 108 -26.00 3.99 10.09
C SER C 108 -24.64 3.49 10.58
N ASN C 109 -24.41 2.19 10.36
CA ASN C 109 -23.12 1.56 10.74
C ASN C 109 -22.12 1.88 9.63
N VAL C 110 -21.24 2.88 9.84
CA VAL C 110 -20.27 3.32 8.80
C VAL C 110 -19.34 2.17 8.43
N HIS C 111 -19.11 1.18 9.29
CA HIS C 111 -18.16 0.07 9.02
C HIS C 111 -18.78 -0.96 8.10
N ALA C 112 -20.08 -0.92 7.88
CA ALA C 112 -20.80 -1.90 7.04
C ALA C 112 -20.96 -1.36 5.61
N ARG C 113 -20.45 -0.17 5.32
CA ARG C 113 -20.68 0.50 4.03
C ARG C 113 -19.37 0.53 3.23
N GLU C 114 -19.23 1.44 2.29
CA GLU C 114 -18.03 1.49 1.46
C GLU C 114 -16.79 1.76 2.28
N SER C 115 -15.65 1.30 1.80
CA SER C 115 -14.36 1.45 2.53
CA SER C 115 -14.36 1.45 2.53
C SER C 115 -14.03 2.93 2.79
N PHE C 116 -14.41 3.87 1.92
CA PHE C 116 -14.06 5.28 2.19
C PHE C 116 -14.79 5.79 3.46
N ARG C 117 -15.88 5.15 3.88
CA ARG C 117 -16.61 5.61 5.07
C ARG C 117 -15.95 5.10 6.36
N HIS C 118 -14.94 4.27 6.25
CA HIS C 118 -14.27 3.70 7.46
C HIS C 118 -13.31 4.72 8.02
N HIS C 119 -12.99 5.78 7.30
CA HIS C 119 -12.05 6.80 7.80
C HIS C 119 -12.84 8.02 8.30
N SER C 120 -12.54 8.47 9.52
CA SER C 120 -13.13 9.69 10.13
C SER C 120 -12.01 10.66 10.51
N TYR C 121 -12.13 11.95 10.18
CA TYR C 121 -11.21 12.98 10.68
C TYR C 121 -11.56 13.38 12.11
N LEU C 122 -12.60 12.83 12.72
CA LEU C 122 -12.97 13.19 14.10
C LEU C 122 -12.81 12.06 15.09
N SER C 123 -12.90 10.76 14.67
CA SER C 123 -13.04 9.68 15.67
C SER C 123 -11.86 9.64 16.62
N ASP C 124 -10.63 9.93 16.19
CA ASP C 124 -9.46 9.80 17.05
C ASP C 124 -9.40 10.88 18.12
N ILE C 125 -10.11 12.03 17.94
CA ILE C 125 -10.11 13.09 18.96
C ILE C 125 -11.47 13.18 19.68
N ALA C 126 -12.44 12.41 19.29
CA ALA C 126 -13.74 12.31 20.00
C ALA C 126 -13.54 11.64 21.35
N GLN C 127 -14.39 11.95 22.32
CA GLN C 127 -14.40 11.15 23.58
C GLN C 127 -14.88 9.72 23.24
N GLY C 128 -15.80 9.61 22.31
CA GLY C 128 -16.33 8.31 21.90
C GLY C 128 -17.16 8.45 20.66
N VAL C 129 -17.58 7.30 20.12
CA VAL C 129 -18.28 7.21 18.84
C VAL C 129 -19.41 6.24 18.99
N ILE C 130 -20.55 6.55 18.42
CA ILE C 130 -21.72 5.65 18.36
C ILE C 130 -22.10 5.50 16.89
N CYS C 131 -22.20 4.30 16.38
CA CYS C 131 -22.77 4.17 15.01
C CYS C 131 -23.72 3.00 14.89
N GLY C 132 -24.71 3.16 14.03
CA GLY C 132 -25.60 2.07 13.62
C GLY C 132 -26.79 1.92 14.50
N LEU C 133 -26.98 2.79 15.51
CA LEU C 133 -28.09 2.56 16.48
C LEU C 133 -29.27 3.50 16.17
N GLY C 134 -29.25 4.10 14.99
CA GLY C 134 -30.32 5.01 14.55
C GLY C 134 -30.39 6.22 15.47
N ALA C 135 -31.59 6.82 15.52
CA ALA C 135 -31.82 8.09 16.25
C ALA C 135 -31.55 7.98 17.73
N LYS C 136 -31.68 6.78 18.32
CA LYS C 136 -31.38 6.61 19.76
C LYS C 136 -29.91 6.98 20.05
N GLY C 137 -29.00 6.89 19.06
CA GLY C 137 -27.61 7.29 19.30
C GLY C 137 -27.47 8.69 19.87
N TYR C 138 -28.31 9.63 19.47
CA TYR C 138 -28.24 11.01 20.05
C TYR C 138 -28.59 10.98 21.53
N SER C 139 -29.58 10.20 21.93
CA SER C 139 -29.98 10.05 23.36
CA SER C 139 -29.98 10.05 23.36
C SER C 139 -28.84 9.42 24.15
N PHE C 140 -28.18 8.41 23.60
CA PHE C 140 -27.05 7.76 24.31
C PHE C 140 -25.92 8.77 24.47
N ALA C 141 -25.63 9.56 23.45
CA ALA C 141 -24.56 10.58 23.54
C ALA C 141 -24.91 11.62 24.61
N LEU C 142 -26.19 12.01 24.68
CA LEU C 142 -26.64 12.97 25.73
C LEU C 142 -26.41 12.35 27.12
N GLN C 143 -26.82 11.11 27.32
CA GLN C 143 -26.66 10.41 28.61
CA GLN C 143 -26.65 10.42 28.61
C GLN C 143 -25.17 10.31 28.94
N SER C 144 -24.33 10.02 27.95
CA SER C 144 -22.87 9.93 28.16
C SER C 144 -22.30 11.26 28.58
N ALA C 145 -22.67 12.34 27.89
CA ALA C 145 -22.19 13.70 28.20
C ALA C 145 -22.53 14.06 29.65
N ILE C 146 -23.76 13.79 30.07
CA ILE C 146 -24.16 14.07 31.47
C ILE C 146 -23.26 13.31 32.45
N GLY C 147 -23.04 12.03 32.20
CA GLY C 147 -22.18 11.19 33.07
C GLY C 147 -20.75 11.70 33.08
N LYS C 148 -20.23 12.07 31.93
CA LYS C 148 -18.82 12.51 31.75
C LYS C 148 -18.64 13.83 32.49
N LEU C 149 -19.62 14.74 32.46
CA LEU C 149 -19.45 16.06 33.09
C LEU C 149 -19.77 16.04 34.58
N ARG C 150 -20.71 15.22 35.03
CA ARG C 150 -21.20 15.23 36.43
C ARG C 150 -20.47 14.15 37.24
N ASN C 151 -19.69 13.29 36.57
CA ASN C 151 -18.97 12.13 37.17
C ASN C 151 -20.03 11.19 37.75
N ILE C 152 -21.01 10.80 36.91
CA ILE C 152 -22.14 9.88 37.24
C ILE C 152 -22.38 8.94 36.04
N GLY D 1 -46.11 7.29 -28.77
CA GLY D 1 -47.36 7.88 -28.20
C GLY D 1 -47.08 8.87 -27.06
N SER D 2 -48.08 9.03 -26.17
CA SER D 2 -48.12 10.04 -25.08
CA SER D 2 -48.13 10.01 -25.05
C SER D 2 -46.87 9.93 -24.19
N HIS D 3 -46.33 8.73 -23.95
CA HIS D 3 -45.15 8.56 -23.05
C HIS D 3 -43.87 9.22 -23.65
N MET D 4 -43.85 9.26 -24.97
CA MET D 4 -42.80 9.82 -25.83
C MET D 4 -42.93 11.34 -25.82
N THR D 5 -44.11 11.90 -25.40
CA THR D 5 -44.36 13.35 -25.58
C THR D 5 -44.33 14.08 -24.25
N GLN D 6 -44.38 13.41 -23.09
CA GLN D 6 -44.51 14.06 -21.78
C GLN D 6 -43.31 14.94 -21.51
N GLN D 7 -43.49 16.12 -20.93
CA GLN D 7 -42.34 17.02 -20.65
C GLN D 7 -41.36 16.33 -19.67
N ILE D 8 -40.06 16.44 -19.96
CA ILE D 8 -39.02 16.03 -18.99
C ILE D 8 -38.49 17.28 -18.33
N LYS D 9 -38.28 17.26 -17.02
CA LYS D 9 -37.56 18.34 -16.31
C LYS D 9 -36.15 17.85 -16.04
N LEU D 10 -35.18 18.56 -16.56
CA LEU D 10 -33.77 18.14 -16.45
C LEU D 10 -32.99 19.29 -15.81
N LEU D 11 -32.17 18.98 -14.82
CA LEU D 11 -31.33 19.96 -14.11
C LEU D 11 -29.86 19.68 -14.47
N VAL D 12 -29.16 20.71 -14.89
CA VAL D 12 -27.71 20.69 -15.15
C VAL D 12 -27.04 21.41 -14.00
N LEU D 13 -26.08 20.75 -13.37
CA LEU D 13 -25.30 21.31 -12.26
C LEU D 13 -23.84 21.38 -12.66
N ASN D 14 -23.24 22.54 -12.43
CA ASN D 14 -21.82 22.78 -12.75
C ASN D 14 -21.12 23.24 -11.48
N GLY D 15 -19.95 22.62 -11.22
CA GLY D 15 -19.22 22.90 -9.99
C GLY D 15 -18.25 24.07 -10.15
N PRO D 16 -17.30 24.14 -9.22
CA PRO D 16 -16.46 25.30 -9.06
C PRO D 16 -15.54 25.53 -10.26
N ASN D 17 -15.24 26.81 -10.48
CA ASN D 17 -14.27 27.30 -11.46
C ASN D 17 -14.78 27.21 -12.91
N LEU D 18 -15.91 26.58 -13.17
CA LEU D 18 -16.42 26.47 -14.56
C LEU D 18 -16.95 27.83 -15.02
N ASN D 19 -17.22 28.76 -14.10
CA ASN D 19 -17.54 30.15 -14.49
C ASN D 19 -16.36 30.78 -15.26
N LEU D 20 -15.15 30.26 -15.16
CA LEU D 20 -13.94 30.84 -15.83
C LEU D 20 -13.88 30.44 -17.31
N LEU D 21 -14.73 29.53 -17.77
CA LEU D 21 -14.61 28.98 -19.15
C LEU D 21 -14.67 30.15 -20.13
N GLY D 22 -13.72 30.19 -21.07
CA GLY D 22 -13.65 31.21 -22.13
C GLY D 22 -12.91 32.46 -21.72
N GLN D 23 -12.46 32.61 -20.47
CA GLN D 23 -11.94 33.91 -19.97
CA GLN D 23 -11.94 33.92 -19.97
C GLN D 23 -10.42 34.01 -20.21
N ARG D 24 -9.65 32.96 -19.85
CA ARG D 24 -8.17 33.08 -19.83
C ARG D 24 -7.58 32.69 -21.19
N GLU D 25 -6.83 33.63 -21.78
CA GLU D 25 -6.07 33.47 -23.06
C GLU D 25 -6.99 32.77 -24.07
N PRO D 26 -8.08 33.45 -24.51
CA PRO D 26 -9.08 32.82 -25.38
C PRO D 26 -8.50 32.27 -26.70
N GLU D 27 -7.46 32.93 -27.25
CA GLU D 27 -6.74 32.51 -28.50
C GLU D 27 -6.05 31.15 -28.27
N VAL D 28 -5.69 30.81 -27.03
CA VAL D 28 -4.93 29.57 -26.66
C VAL D 28 -5.87 28.48 -26.14
N TYR D 29 -6.75 28.79 -25.17
CA TYR D 29 -7.53 27.78 -24.38
C TYR D 29 -8.97 27.65 -24.88
N GLY D 30 -9.43 28.53 -25.78
CA GLY D 30 -10.80 28.49 -26.34
C GLY D 30 -11.66 29.65 -25.82
N SER D 31 -12.72 29.97 -26.58
CA SER D 31 -13.52 31.22 -26.49
C SER D 31 -14.92 30.96 -25.90
N LYS D 32 -15.42 29.71 -25.91
CA LYS D 32 -16.83 29.43 -25.47
C LYS D 32 -16.99 29.62 -23.95
N THR D 33 -18.00 30.36 -23.53
CA THR D 33 -18.29 30.57 -22.08
C THR D 33 -19.28 29.50 -21.62
N LEU D 34 -19.41 29.33 -20.32
CA LEU D 34 -20.44 28.40 -19.81
C LEU D 34 -21.82 28.91 -20.19
N ASP D 35 -22.05 30.22 -20.16
CA ASP D 35 -23.35 30.80 -20.58
C ASP D 35 -23.65 30.40 -22.03
N ASP D 36 -22.67 30.45 -22.92
CA ASP D 36 -22.85 30.03 -24.35
C ASP D 36 -23.29 28.57 -24.39
N ILE D 37 -22.61 27.69 -23.64
CA ILE D 37 -22.90 26.24 -23.66
C ILE D 37 -24.33 26.01 -23.17
N ILE D 38 -24.70 26.66 -22.07
CA ILE D 38 -26.02 26.39 -21.43
C ILE D 38 -27.14 27.00 -22.29
N LYS D 39 -26.92 28.16 -22.91
CA LYS D 39 -27.96 28.72 -23.81
C LYS D 39 -28.22 27.74 -24.95
N ALA D 40 -27.18 27.22 -25.58
CA ALA D 40 -27.33 26.27 -26.72
C ALA D 40 -28.01 24.99 -26.22
N LEU D 41 -27.62 24.49 -25.05
CA LEU D 41 -28.18 23.22 -24.53
C LEU D 41 -29.66 23.40 -24.17
N THR D 42 -30.02 24.55 -23.64
CA THR D 42 -31.41 24.86 -23.23
C THR D 42 -32.29 24.86 -24.49
N ASP D 43 -31.80 25.45 -25.57
CA ASP D 43 -32.50 25.46 -26.88
C ASP D 43 -32.64 24.04 -27.45
N GLU D 44 -31.57 23.24 -27.41
CA GLU D 44 -31.59 21.83 -27.86
C GLU D 44 -32.67 21.07 -27.05
N ALA D 45 -32.68 21.24 -25.75
CA ALA D 45 -33.63 20.53 -24.86
C ALA D 45 -35.08 20.95 -25.19
N ALA D 46 -35.31 22.25 -25.37
CA ALA D 46 -36.68 22.80 -25.60
C ALA D 46 -37.27 22.20 -26.87
N LEU D 47 -36.45 21.91 -27.90
CA LEU D 47 -36.95 21.29 -29.15
C LEU D 47 -37.51 19.89 -28.90
N GLN D 48 -37.10 19.22 -27.80
CA GLN D 48 -37.57 17.85 -27.48
C GLN D 48 -38.50 17.88 -26.28
N ASN D 49 -39.12 19.02 -25.96
CA ASN D 49 -40.02 19.14 -24.78
C ASN D 49 -39.29 18.70 -23.51
N VAL D 50 -38.07 19.22 -23.35
CA VAL D 50 -37.29 19.08 -22.10
C VAL D 50 -37.08 20.48 -21.55
N ALA D 51 -37.54 20.71 -20.34
CA ALA D 51 -37.38 21.98 -19.61
C ALA D 51 -36.08 21.88 -18.83
N LEU D 52 -35.06 22.61 -19.25
CA LEU D 52 -33.69 22.48 -18.72
C LEU D 52 -33.42 23.65 -17.79
N SER D 53 -33.08 23.32 -16.55
CA SER D 53 -32.72 24.27 -15.49
C SER D 53 -31.21 24.08 -15.24
N HIS D 54 -30.57 25.13 -14.76
CA HIS D 54 -29.10 25.14 -14.64
C HIS D 54 -28.70 25.89 -13.36
N LEU D 55 -27.69 25.39 -12.69
CA LEU D 55 -26.97 26.13 -11.64
C LEU D 55 -25.49 25.82 -11.80
N GLN D 56 -24.70 26.89 -11.87
CA GLN D 56 -23.23 26.74 -11.66
C GLN D 56 -22.90 27.43 -10.35
N SER D 57 -22.06 26.83 -9.54
CA SER D 57 -21.69 27.47 -8.27
C SER D 57 -20.28 27.06 -7.84
N ASN D 58 -19.62 27.99 -7.14
CA ASN D 58 -18.38 27.70 -6.41
C ASN D 58 -18.70 27.29 -4.97
N ARG D 59 -19.97 27.24 -4.61
CA ARG D 59 -20.46 26.96 -3.23
C ARG D 59 -21.01 25.55 -3.22
N GLU D 60 -20.32 24.65 -2.52
CA GLU D 60 -20.78 23.24 -2.41
C GLU D 60 -22.22 23.25 -1.88
N TYR D 61 -22.54 24.09 -0.91
CA TYR D 61 -23.89 24.05 -0.28
C TYR D 61 -24.95 24.38 -1.32
N GLU D 62 -24.67 25.27 -2.28
CA GLU D 62 -25.69 25.65 -3.27
C GLU D 62 -26.03 24.45 -4.14
N LEU D 63 -25.01 23.65 -4.51
CA LEU D 63 -25.23 22.46 -5.32
C LEU D 63 -26.03 21.43 -4.50
N ILE D 64 -25.65 21.21 -3.25
CA ILE D 64 -26.37 20.23 -2.38
C ILE D 64 -27.82 20.67 -2.26
N GLU D 65 -28.08 21.94 -1.96
CA GLU D 65 -29.44 22.44 -1.71
C GLU D 65 -30.26 22.39 -3.00
N LYS D 66 -29.64 22.58 -4.16
CA LYS D 66 -30.34 22.49 -5.45
C LYS D 66 -30.77 21.05 -5.69
N ILE D 67 -29.93 20.10 -5.34
CA ILE D 67 -30.25 18.65 -5.46
C ILE D 67 -31.41 18.36 -4.52
N HIS D 68 -31.40 18.86 -3.28
CA HIS D 68 -32.51 18.59 -2.34
C HIS D 68 -33.81 19.13 -2.94
N ASP D 69 -33.74 20.34 -3.51
CA ASP D 69 -34.94 21.01 -4.08
CA ASP D 69 -34.93 21.01 -4.09
C ASP D 69 -35.45 20.27 -5.32
N ALA D 70 -34.64 19.44 -5.97
CA ALA D 70 -35.00 18.67 -7.19
C ALA D 70 -35.93 17.51 -6.84
N PHE D 71 -35.96 17.07 -5.58
CA PHE D 71 -36.73 15.88 -5.17
C PHE D 71 -38.18 15.99 -5.64
N GLU D 72 -38.66 14.94 -6.31
CA GLU D 72 -40.06 14.82 -6.84
C GLU D 72 -40.40 15.93 -7.86
N LYS D 73 -39.45 16.68 -8.38
CA LYS D 73 -39.70 17.74 -9.37
CA LYS D 73 -39.69 17.76 -9.37
C LYS D 73 -38.87 17.50 -10.63
N ILE D 74 -37.68 17.01 -10.49
CA ILE D 74 -36.72 16.84 -11.61
C ILE D 74 -36.62 15.37 -11.97
N ASP D 75 -36.60 15.06 -13.26
CA ASP D 75 -36.56 13.66 -13.78
C ASP D 75 -35.12 13.15 -13.94
N PHE D 76 -34.15 14.05 -14.17
CA PHE D 76 -32.79 13.63 -14.53
C PHE D 76 -31.85 14.79 -14.21
N ILE D 77 -30.63 14.45 -13.83
CA ILE D 77 -29.55 15.44 -13.56
C ILE D 77 -28.36 15.15 -14.48
N ILE D 78 -27.80 16.19 -15.05
CA ILE D 78 -26.47 16.16 -15.68
C ILE D 78 -25.56 16.98 -14.78
N ILE D 79 -24.46 16.39 -14.30
CA ILE D 79 -23.58 17.12 -13.37
C ILE D 79 -22.14 17.05 -13.83
N ASN D 80 -21.52 18.23 -13.86
CA ASN D 80 -20.05 18.36 -13.97
C ASN D 80 -19.57 18.91 -12.65
N PRO D 81 -19.17 18.10 -11.68
CA PRO D 81 -18.82 18.59 -10.36
C PRO D 81 -17.46 19.28 -10.31
N ALA D 82 -16.72 19.26 -11.42
CA ALA D 82 -15.39 19.89 -11.51
C ALA D 82 -14.55 19.36 -10.34
N ALA D 83 -13.83 20.20 -9.62
CA ALA D 83 -12.91 19.73 -8.54
C ALA D 83 -13.67 18.90 -7.50
N PHE D 84 -14.95 19.16 -7.25
CA PHE D 84 -15.71 18.43 -6.23
C PHE D 84 -15.89 16.95 -6.58
N THR D 85 -15.68 16.56 -7.83
CA THR D 85 -15.74 15.14 -8.27
C THR D 85 -14.86 14.31 -7.32
N HIS D 86 -13.71 14.86 -6.99
CA HIS D 86 -12.62 14.10 -6.36
C HIS D 86 -12.73 14.15 -4.83
N THR D 87 -13.52 15.05 -4.30
CA THR D 87 -13.45 15.41 -2.86
C THR D 87 -14.81 15.32 -2.16
N SER D 88 -15.95 15.48 -2.82
CA SER D 88 -17.23 15.70 -2.10
C SER D 88 -18.02 14.39 -1.95
N VAL D 89 -17.95 13.83 -0.74
CA VAL D 89 -18.88 12.76 -0.35
C VAL D 89 -20.27 13.37 -0.15
N ALA D 90 -20.35 14.61 0.28
CA ALA D 90 -21.67 15.25 0.55
C ALA D 90 -22.50 15.31 -0.74
N LEU D 91 -21.88 15.58 -1.90
CA LEU D 91 -22.64 15.60 -3.16
CA LEU D 91 -22.64 15.60 -3.17
C LEU D 91 -23.13 14.20 -3.52
N ARG D 92 -22.26 13.18 -3.35
CA ARG D 92 -22.68 11.77 -3.57
C ARG D 92 -23.92 11.49 -2.74
N ASP D 93 -23.88 11.83 -1.45
CA ASP D 93 -24.98 11.49 -0.53
C ASP D 93 -26.23 12.32 -0.83
N ALA D 94 -26.11 13.53 -1.35
CA ALA D 94 -27.28 14.34 -1.81
C ALA D 94 -27.95 13.61 -2.97
N LEU D 95 -27.17 13.16 -3.96
CA LEU D 95 -27.76 12.50 -5.15
C LEU D 95 -28.35 11.14 -4.74
N LEU D 96 -27.72 10.40 -3.85
CA LEU D 96 -28.30 9.13 -3.32
C LEU D 96 -29.59 9.43 -2.55
N GLY D 97 -29.61 10.53 -1.82
CA GLY D 97 -30.74 10.89 -0.95
C GLY D 97 -32.00 11.24 -1.72
N VAL D 98 -31.88 11.85 -2.91
CA VAL D 98 -33.09 12.25 -3.68
C VAL D 98 -33.43 11.21 -4.75
N ASN D 99 -32.52 10.30 -5.04
CA ASN D 99 -32.72 9.13 -5.93
C ASN D 99 -33.15 9.56 -7.33
N ILE D 100 -32.52 10.57 -7.88
CA ILE D 100 -32.72 10.99 -9.29
C ILE D 100 -31.56 10.46 -10.12
N PRO D 101 -31.79 9.80 -11.26
CA PRO D 101 -30.72 9.32 -12.11
C PRO D 101 -29.91 10.49 -12.68
N PHE D 102 -28.60 10.28 -12.85
CA PHE D 102 -27.72 11.35 -13.31
C PHE D 102 -26.61 10.78 -14.19
N ILE D 103 -26.06 11.67 -15.01
CA ILE D 103 -24.84 11.41 -15.80
C ILE D 103 -23.80 12.43 -15.37
N GLU D 104 -22.56 11.94 -15.23
CA GLU D 104 -21.40 12.78 -14.85
C GLU D 104 -20.69 13.19 -16.13
N VAL D 105 -20.39 14.48 -16.30
CA VAL D 105 -19.71 15.00 -17.50
C VAL D 105 -18.49 15.80 -17.09
N HIS D 106 -17.39 15.61 -17.81
CA HIS D 106 -16.21 16.48 -17.70
C HIS D 106 -15.82 16.97 -19.09
N LEU D 107 -15.47 18.25 -19.22
CA LEU D 107 -15.04 18.77 -20.53
C LEU D 107 -13.70 18.13 -20.94
N SER D 108 -12.80 18.06 -19.97
CA SER D 108 -11.41 17.55 -20.20
C SER D 108 -11.36 16.07 -19.85
N ASN D 109 -10.34 15.39 -20.36
CA ASN D 109 -10.15 13.96 -20.07
C ASN D 109 -9.50 13.83 -18.67
N VAL D 110 -10.28 13.52 -17.64
CA VAL D 110 -9.75 13.43 -16.23
C VAL D 110 -8.65 12.37 -16.13
N HIS D 111 -8.65 11.35 -16.99
CA HIS D 111 -7.67 10.24 -16.90
C HIS D 111 -6.32 10.65 -17.46
N ALA D 112 -6.24 11.78 -18.18
CA ALA D 112 -4.98 12.25 -18.78
C ALA D 112 -4.27 13.25 -17.86
N ARG D 113 -4.81 13.52 -16.68
CA ARG D 113 -4.27 14.59 -15.79
C ARG D 113 -3.61 13.92 -14.56
N GLU D 114 -3.51 14.63 -13.44
CA GLU D 114 -2.87 14.06 -12.25
C GLU D 114 -3.62 12.84 -11.76
N SER D 115 -2.92 11.96 -11.05
CA SER D 115 -3.53 10.72 -10.53
C SER D 115 -4.66 11.01 -9.56
N PHE D 116 -4.66 12.10 -8.80
CA PHE D 116 -5.77 12.36 -7.86
C PHE D 116 -7.07 12.58 -8.64
N ARG D 117 -7.03 12.94 -9.91
CA ARG D 117 -8.24 13.21 -10.70
C ARG D 117 -8.86 11.92 -11.22
N HIS D 118 -8.20 10.78 -11.03
CA HIS D 118 -8.72 9.49 -11.56
C HIS D 118 -9.83 8.97 -10.65
N HIS D 119 -9.96 9.51 -9.44
CA HIS D 119 -11.01 9.07 -8.52
C HIS D 119 -12.20 10.01 -8.52
N SER D 120 -13.40 9.48 -8.63
CA SER D 120 -14.68 10.21 -8.53
C SER D 120 -15.56 9.61 -7.47
N TYR D 121 -16.14 10.46 -6.60
CA TYR D 121 -17.16 9.98 -5.64
C TYR D 121 -18.53 9.80 -6.30
N LEU D 122 -18.67 10.08 -7.61
CA LEU D 122 -19.96 9.91 -8.28
C LEU D 122 -19.95 8.81 -9.33
N SER D 123 -18.82 8.45 -9.92
CA SER D 123 -18.87 7.62 -11.16
C SER D 123 -19.55 6.29 -10.92
N ASP D 124 -19.35 5.65 -9.74
CA ASP D 124 -19.92 4.30 -9.51
C ASP D 124 -21.42 4.33 -9.36
N ILE D 125 -22.05 5.48 -9.03
CA ILE D 125 -23.52 5.54 -8.86
C ILE D 125 -24.18 6.32 -10.03
N ALA D 126 -23.39 6.88 -10.92
CA ALA D 126 -23.90 7.55 -12.14
C ALA D 126 -24.53 6.51 -13.06
N GLN D 127 -25.46 6.92 -13.90
CA GLN D 127 -25.90 6.06 -15.03
C GLN D 127 -24.71 5.87 -15.99
N GLY D 128 -23.93 6.93 -16.15
CA GLY D 128 -22.72 6.84 -16.98
C GLY D 128 -21.94 8.11 -16.87
N VAL D 129 -20.79 8.11 -17.54
CA VAL D 129 -19.76 9.17 -17.41
C VAL D 129 -19.26 9.49 -18.81
N ILE D 130 -19.11 10.77 -19.10
CA ILE D 130 -18.52 11.25 -20.37
C ILE D 130 -17.36 12.14 -20.00
N CYS D 131 -16.17 11.95 -20.53
CA CYS D 131 -15.10 12.93 -20.32
C CYS D 131 -14.27 13.15 -21.59
N GLY D 132 -13.75 14.37 -21.71
CA GLY D 132 -12.76 14.69 -22.74
C GLY D 132 -13.37 15.13 -24.04
N LEU D 133 -14.68 15.21 -24.17
CA LEU D 133 -15.31 15.52 -25.48
C LEU D 133 -15.74 17.00 -25.54
N GLY D 134 -15.23 17.81 -24.64
CA GLY D 134 -15.55 19.25 -24.57
C GLY D 134 -17.04 19.47 -24.33
N ALA D 135 -17.53 20.62 -24.77
CA ALA D 135 -18.93 21.06 -24.51
C ALA D 135 -19.96 20.10 -25.09
N LYS D 136 -19.65 19.39 -26.17
CA LYS D 136 -20.58 18.40 -26.73
C LYS D 136 -20.95 17.34 -25.72
N GLY D 137 -20.12 17.07 -24.71
CA GLY D 137 -20.48 16.08 -23.67
C GLY D 137 -21.82 16.38 -23.01
N TYR D 138 -22.15 17.64 -22.80
CA TYR D 138 -23.46 17.99 -22.20
C TYR D 138 -24.60 17.59 -23.13
N SER D 139 -24.44 17.82 -24.44
CA SER D 139 -25.45 17.43 -25.45
CA SER D 139 -25.45 17.43 -25.45
C SER D 139 -25.61 15.90 -25.47
N PHE D 140 -24.51 15.15 -25.42
CA PHE D 140 -24.62 13.67 -25.37
C PHE D 140 -25.36 13.23 -24.14
N ALA D 141 -25.06 13.84 -22.97
CA ALA D 141 -25.75 13.46 -21.74
C ALA D 141 -27.24 13.77 -21.86
N LEU D 142 -27.59 14.89 -22.48
CA LEU D 142 -29.01 15.24 -22.70
C LEU D 142 -29.68 14.20 -23.59
N GLN D 143 -29.05 13.83 -24.69
CA GLN D 143 -29.57 12.80 -25.63
CA GLN D 143 -29.58 12.80 -25.62
C GLN D 143 -29.74 11.47 -24.90
N SER D 144 -28.77 11.09 -24.05
CA SER D 144 -28.85 9.84 -23.30
C SER D 144 -30.02 9.87 -22.31
N ALA D 145 -30.18 10.98 -21.58
CA ALA D 145 -31.28 11.15 -20.61
C ALA D 145 -32.62 10.96 -21.31
N ILE D 146 -32.78 11.63 -22.47
CA ILE D 146 -34.06 11.54 -23.21
C ILE D 146 -34.31 10.10 -23.61
N GLY D 147 -33.30 9.40 -24.13
CA GLY D 147 -33.42 7.97 -24.52
C GLY D 147 -33.76 7.10 -23.35
N LYS D 148 -33.14 7.33 -22.20
CA LYS D 148 -33.35 6.52 -20.98
C LYS D 148 -34.78 6.74 -20.50
N LEU D 149 -35.29 7.95 -20.54
CA LEU D 149 -36.62 8.28 -19.97
C LEU D 149 -37.75 7.92 -20.96
N ARG D 150 -37.54 8.06 -22.26
CA ARG D 150 -38.61 7.85 -23.28
C ARG D 150 -38.48 6.48 -23.90
N ASN D 151 -37.48 5.72 -23.52
CA ASN D 151 -37.22 4.31 -23.96
C ASN D 151 -36.98 4.33 -25.48
N ILE D 152 -36.14 5.27 -25.95
CA ILE D 152 -35.69 5.41 -27.36
C ILE D 152 -34.17 5.61 -27.40
N THR E 5 38.51 8.67 -34.51
CA THR E 5 39.00 9.86 -35.38
C THR E 5 39.01 11.18 -34.61
N GLN E 6 37.93 11.87 -34.20
CA GLN E 6 38.13 12.88 -33.11
C GLN E 6 38.18 12.15 -31.77
N GLN E 7 39.14 12.44 -30.89
CA GLN E 7 39.31 11.63 -29.66
C GLN E 7 38.10 11.81 -28.76
N ILE E 8 37.61 10.72 -28.19
CA ILE E 8 36.57 10.76 -27.13
C ILE E 8 37.26 10.60 -25.77
N LYS E 9 36.85 11.37 -24.77
CA LYS E 9 37.28 11.13 -23.38
C LYS E 9 36.12 10.47 -22.63
N LEU E 10 36.35 9.27 -22.14
CA LEU E 10 35.30 8.51 -21.44
C LEU E 10 35.78 8.19 -20.02
N LEU E 11 34.90 8.37 -19.04
CA LEU E 11 35.21 8.07 -17.62
C LEU E 11 34.35 6.87 -17.18
N VAL E 12 34.99 5.88 -16.60
CA VAL E 12 34.33 4.70 -15.99
C VAL E 12 34.39 4.91 -14.48
N LEU E 13 33.24 4.79 -13.84
CA LEU E 13 33.11 4.95 -12.37
C LEU E 13 32.57 3.65 -11.81
N ASN E 14 33.21 3.16 -10.74
CA ASN E 14 32.81 1.92 -10.09
C ASN E 14 32.61 2.20 -8.59
N GLY E 15 31.49 1.74 -8.05
CA GLY E 15 31.12 2.00 -6.67
C GLY E 15 31.68 1.01 -5.67
N PRO E 16 31.06 0.99 -4.49
CA PRO E 16 31.62 0.27 -3.35
C PRO E 16 31.64 -1.24 -3.57
N ASN E 17 32.63 -1.85 -2.92
CA ASN E 17 32.80 -3.31 -2.81
C ASN E 17 33.31 -3.93 -4.11
N LEU E 18 33.35 -3.20 -5.23
CA LEU E 18 33.78 -3.80 -6.52
C LEU E 18 35.29 -4.04 -6.50
N ASN E 19 36.02 -3.44 -5.56
CA ASN E 19 37.45 -3.78 -5.34
C ASN E 19 37.55 -5.27 -4.92
N LEU E 20 36.50 -5.91 -4.41
CA LEU E 20 36.58 -7.35 -3.94
C LEU E 20 36.51 -8.31 -5.14
N LEU E 21 36.23 -7.86 -6.36
CA LEU E 21 36.01 -8.76 -7.51
C LEU E 21 37.28 -9.65 -7.66
N GLY E 22 37.07 -10.95 -7.77
CA GLY E 22 38.16 -11.93 -7.97
C GLY E 22 38.84 -12.41 -6.69
N GLN E 23 38.49 -11.87 -5.52
CA GLN E 23 39.27 -12.12 -4.26
CA GLN E 23 39.27 -12.14 -4.28
C GLN E 23 38.68 -13.34 -3.53
N ARG E 24 37.35 -13.40 -3.33
CA ARG E 24 36.78 -14.42 -2.40
C ARG E 24 36.43 -15.71 -3.14
N GLU E 25 37.03 -16.83 -2.69
CA GLU E 25 36.81 -18.20 -3.22
C GLU E 25 36.81 -18.13 -4.74
N PRO E 26 37.98 -17.81 -5.36
CA PRO E 26 38.07 -17.62 -6.82
C PRO E 26 37.59 -18.84 -7.64
N GLU E 27 37.79 -20.06 -7.14
CA GLU E 27 37.33 -21.34 -7.76
C GLU E 27 35.80 -21.39 -7.84
N VAL E 28 35.10 -20.69 -6.93
CA VAL E 28 33.60 -20.70 -6.81
C VAL E 28 32.99 -19.46 -7.50
N TYR E 29 33.46 -18.25 -7.17
CA TYR E 29 32.80 -16.96 -7.53
C TYR E 29 33.46 -16.28 -8.74
N GLY E 30 34.60 -16.78 -9.23
CA GLY E 30 35.30 -16.22 -10.40
C GLY E 30 36.61 -15.53 -10.05
N SER E 31 37.51 -15.41 -11.02
CA SER E 31 38.95 -15.06 -10.84
C SER E 31 39.28 -13.65 -11.34
N LYS E 32 38.47 -13.05 -12.23
CA LYS E 32 38.83 -11.73 -12.86
C LYS E 32 38.77 -10.60 -11.83
N THR E 33 39.80 -9.77 -11.74
CA THR E 33 39.79 -8.61 -10.80
C THR E 33 39.28 -7.38 -11.54
N LEU E 34 38.92 -6.35 -10.80
CA LEU E 34 38.50 -5.09 -11.46
C LEU E 34 39.66 -4.52 -12.27
N ASP E 35 40.89 -4.62 -11.77
CA ASP E 35 42.08 -4.12 -12.48
C ASP E 35 42.20 -4.85 -13.83
N ASP E 36 41.98 -6.18 -13.87
CA ASP E 36 42.01 -6.95 -15.14
C ASP E 36 40.96 -6.39 -16.12
N ILE E 37 39.74 -6.16 -15.64
CA ILE E 37 38.61 -5.69 -16.50
C ILE E 37 38.98 -4.32 -17.07
N ILE E 38 39.46 -3.42 -16.23
CA ILE E 38 39.75 -2.02 -16.66
C ILE E 38 40.96 -1.98 -17.59
N LYS E 39 42.00 -2.80 -17.34
CA LYS E 39 43.17 -2.83 -18.26
C LYS E 39 42.68 -3.25 -19.67
N ALA E 40 41.87 -4.31 -19.76
CA ALA E 40 41.35 -4.79 -21.06
C ALA E 40 40.46 -3.72 -21.71
N LEU E 41 39.62 -3.07 -20.92
CA LEU E 41 38.67 -2.06 -21.45
C LEU E 41 39.43 -0.84 -21.95
N THR E 42 40.49 -0.45 -21.25
CA THR E 42 41.32 0.72 -21.63
C THR E 42 41.98 0.45 -22.99
N ASP E 43 42.50 -0.78 -23.18
CA ASP E 43 43.09 -1.21 -24.47
C ASP E 43 42.03 -1.23 -25.59
N GLU E 44 40.84 -1.75 -25.34
CA GLU E 44 39.73 -1.77 -26.31
C GLU E 44 39.40 -0.32 -26.72
N ALA E 45 39.32 0.58 -25.75
CA ALA E 45 38.97 2.00 -26.00
C ALA E 45 40.07 2.65 -26.87
N ALA E 46 41.33 2.42 -26.53
CA ALA E 46 42.48 3.04 -27.24
C ALA E 46 42.47 2.68 -28.71
N LEU E 47 42.04 1.46 -29.07
CA LEU E 47 41.97 1.06 -30.51
C LEU E 47 40.99 1.92 -31.29
N GLN E 48 40.00 2.54 -30.61
CA GLN E 48 38.95 3.35 -31.25
C GLN E 48 39.16 4.83 -30.91
N ASN E 49 40.35 5.23 -30.53
CA ASN E 49 40.69 6.65 -30.24
C ASN E 49 39.75 7.16 -29.13
N VAL E 50 39.61 6.35 -28.09
CA VAL E 50 38.91 6.73 -26.84
C VAL E 50 39.97 6.68 -25.74
N ALA E 51 40.14 7.79 -25.03
CA ALA E 51 40.98 7.89 -23.83
C ALA E 51 40.09 7.58 -22.64
N LEU E 52 40.33 6.45 -22.00
CA LEU E 52 39.43 5.94 -20.92
C LEU E 52 40.12 6.17 -19.58
N SER E 53 39.42 6.88 -18.69
CA SER E 53 39.87 7.12 -17.31
C SER E 53 38.92 6.32 -16.39
N HIS E 54 39.38 6.01 -15.20
CA HIS E 54 38.66 5.10 -14.28
C HIS E 54 38.86 5.54 -12.83
N LEU E 55 37.80 5.42 -12.05
CA LEU E 55 37.88 5.51 -10.57
C LEU E 55 36.95 4.44 -10.02
N GLN E 56 37.47 3.63 -9.11
CA GLN E 56 36.64 2.80 -8.22
C GLN E 56 36.79 3.37 -6.80
N SER E 57 35.71 3.48 -6.06
CA SER E 57 35.80 3.97 -4.69
C SER E 57 34.73 3.39 -3.79
N ASN E 58 35.06 3.24 -2.51
CA ASN E 58 34.07 2.95 -1.47
C ASN E 58 33.54 4.25 -0.85
N ARG E 59 34.05 5.40 -1.31
CA ARG E 59 33.74 6.72 -0.76
C ARG E 59 32.78 7.43 -1.69
N GLU E 60 31.55 7.61 -1.25
CA GLU E 60 30.53 8.30 -2.11
C GLU E 60 31.10 9.64 -2.58
N TYR E 61 31.74 10.39 -1.70
CA TYR E 61 32.20 11.74 -2.04
C TYR E 61 33.22 11.69 -3.18
N GLU E 62 34.05 10.64 -3.27
CA GLU E 62 35.09 10.58 -4.31
C GLU E 62 34.40 10.44 -5.68
N LEU E 63 33.32 9.65 -5.74
CA LEU E 63 32.56 9.48 -6.98
C LEU E 63 31.89 10.82 -7.36
N ILE E 64 31.26 11.48 -6.39
CA ILE E 64 30.58 12.76 -6.65
C ILE E 64 31.62 13.77 -7.17
N GLU E 65 32.75 13.90 -6.49
CA GLU E 65 33.76 14.92 -6.84
C GLU E 65 34.40 14.59 -8.19
N LYS E 66 34.53 13.32 -8.54
CA LYS E 66 35.09 12.92 -9.87
C LYS E 66 34.11 13.33 -10.98
N ILE E 67 32.80 13.21 -10.71
CA ILE E 67 31.76 13.64 -11.68
C ILE E 67 31.86 15.15 -11.82
N HIS E 68 31.98 15.89 -10.71
CA HIS E 68 32.12 17.35 -10.81
C HIS E 68 33.32 17.74 -11.66
N ASP E 69 34.42 17.06 -11.44
CA ASP E 69 35.70 17.34 -12.16
C ASP E 69 35.58 16.98 -13.65
N ALA E 70 34.64 16.11 -14.05
CA ALA E 70 34.42 15.69 -15.45
C ALA E 70 33.78 16.81 -16.27
N PHE E 71 33.18 17.81 -15.62
CA PHE E 71 32.45 18.88 -16.33
C PHE E 71 33.34 19.53 -17.40
N GLU E 72 32.82 19.59 -18.63
CA GLU E 72 33.50 20.20 -19.82
C GLU E 72 34.81 19.49 -20.17
N LYS E 73 35.09 18.29 -19.66
CA LYS E 73 36.33 17.55 -19.96
C LYS E 73 35.99 16.16 -20.52
N ILE E 74 34.93 15.56 -20.01
CA ILE E 74 34.58 14.16 -20.33
C ILE E 74 33.37 14.17 -21.27
N ASP E 75 33.35 13.32 -22.27
CA ASP E 75 32.26 13.21 -23.26
C ASP E 75 31.17 12.23 -22.81
N PHE E 76 31.49 11.24 -22.02
CA PHE E 76 30.55 10.13 -21.71
C PHE E 76 31.04 9.44 -20.44
N ILE E 77 30.11 8.93 -19.65
CA ILE E 77 30.38 8.19 -18.41
C ILE E 77 29.75 6.82 -18.49
N ILE E 78 30.51 5.80 -18.07
CA ILE E 78 29.98 4.46 -17.79
C ILE E 78 30.05 4.29 -16.28
N ILE E 79 28.94 3.97 -15.66
CA ILE E 79 28.94 3.88 -14.16
C ILE E 79 28.29 2.59 -13.72
N ASN E 80 29.00 1.92 -12.80
CA ASN E 80 28.45 0.78 -12.04
C ASN E 80 28.43 1.28 -10.59
N PRO E 81 27.32 1.83 -10.09
CA PRO E 81 27.31 2.43 -8.77
C PRO E 81 27.25 1.38 -7.65
N ALA E 82 27.10 0.11 -8.01
CA ALA E 82 27.00 -0.99 -7.04
C ALA E 82 25.92 -0.62 -6.02
N ALA E 83 26.15 -0.78 -4.71
CA ALA E 83 25.09 -0.53 -3.70
C ALA E 83 24.51 0.87 -3.83
N PHE E 84 25.30 1.86 -4.25
CA PHE E 84 24.82 3.26 -4.28
C PHE E 84 23.72 3.44 -5.35
N THR E 85 23.55 2.51 -6.28
CA THR E 85 22.46 2.52 -7.25
C THR E 85 21.12 2.76 -6.53
N HIS E 86 20.97 2.08 -5.40
CA HIS E 86 19.66 1.93 -4.72
C HIS E 86 19.45 3.05 -3.70
N THR E 87 20.49 3.80 -3.34
CA THR E 87 20.48 4.68 -2.17
C THR E 87 20.89 6.10 -2.46
N SER E 88 21.70 6.40 -3.45
CA SER E 88 22.35 7.73 -3.60
C SER E 88 21.56 8.66 -4.53
N VAL E 89 20.79 9.57 -3.93
CA VAL E 89 20.22 10.70 -4.70
C VAL E 89 21.38 11.67 -5.01
N ALA E 90 22.40 11.74 -4.17
CA ALA E 90 23.51 12.69 -4.40
C ALA E 90 24.22 12.36 -5.73
N LEU E 91 24.41 11.09 -6.07
CA LEU E 91 25.05 10.71 -7.33
C LEU E 91 24.15 11.08 -8.51
N ARG E 92 22.83 10.85 -8.38
CA ARG E 92 21.87 11.28 -9.42
C ARG E 92 22.06 12.76 -9.68
N ASP E 93 22.08 13.57 -8.63
CA ASP E 93 22.13 15.03 -8.75
C ASP E 93 23.50 15.48 -9.29
N ALA E 94 24.58 14.78 -8.97
CA ALA E 94 25.91 15.07 -9.59
C ALA E 94 25.84 14.89 -11.11
N LEU E 95 25.27 13.78 -11.55
CA LEU E 95 25.23 13.46 -13.01
C LEU E 95 24.26 14.43 -13.70
N LEU E 96 23.15 14.79 -13.08
CA LEU E 96 22.24 15.81 -13.67
C LEU E 96 22.97 17.16 -13.72
N GLY E 97 23.76 17.48 -12.71
CA GLY E 97 24.42 18.78 -12.59
C GLY E 97 25.48 19.01 -13.65
N VAL E 98 26.20 17.97 -14.11
CA VAL E 98 27.30 18.18 -15.09
C VAL E 98 26.81 17.88 -16.51
N ASN E 99 25.66 17.26 -16.66
CA ASN E 99 24.98 17.08 -17.97
C ASN E 99 25.86 16.27 -18.95
N ILE E 100 26.51 15.23 -18.50
CA ILE E 100 27.26 14.29 -19.37
C ILE E 100 26.40 13.03 -19.52
N PRO E 101 26.20 12.53 -20.76
CA PRO E 101 25.40 11.33 -20.95
C PRO E 101 26.12 10.13 -20.30
N PHE E 102 25.35 9.17 -19.77
CA PHE E 102 25.94 8.00 -19.12
C PHE E 102 25.12 6.75 -19.38
N ILE E 103 25.81 5.61 -19.24
CA ILE E 103 25.17 4.26 -19.23
C ILE E 103 25.45 3.63 -17.88
N GLU E 104 24.43 2.99 -17.32
CA GLU E 104 24.50 2.27 -16.04
C GLU E 104 24.78 0.79 -16.32
N VAL E 105 25.78 0.22 -15.66
CA VAL E 105 26.21 -1.20 -15.90
C VAL E 105 26.22 -1.90 -14.54
N HIS E 106 25.67 -3.12 -14.52
CA HIS E 106 25.83 -4.03 -13.37
C HIS E 106 26.36 -5.37 -13.87
N LEU E 107 27.32 -5.96 -13.20
CA LEU E 107 27.83 -7.28 -13.57
C LEU E 107 26.75 -8.34 -13.40
N SER E 108 26.06 -8.28 -12.28
CA SER E 108 25.03 -9.29 -11.93
C SER E 108 23.66 -8.77 -12.37
N ASN E 109 22.71 -9.70 -12.48
CA ASN E 109 21.33 -9.32 -12.84
C ASN E 109 20.63 -8.79 -11.58
N VAL E 110 20.50 -7.45 -11.45
CA VAL E 110 19.88 -6.84 -10.24
C VAL E 110 18.45 -7.31 -10.08
N HIS E 111 17.75 -7.70 -11.15
CA HIS E 111 16.33 -8.09 -11.10
C HIS E 111 16.15 -9.49 -10.55
N ALA E 112 17.23 -10.26 -10.41
CA ALA E 112 17.15 -11.65 -9.91
C ALA E 112 17.47 -11.67 -8.42
N ARG E 113 17.66 -10.54 -7.79
CA ARG E 113 18.14 -10.48 -6.37
C ARG E 113 17.02 -9.96 -5.47
N GLU E 114 17.35 -9.39 -4.31
CA GLU E 114 16.30 -8.86 -3.41
C GLU E 114 15.51 -7.76 -4.08
N SER E 115 14.26 -7.58 -3.65
CA SER E 115 13.36 -6.57 -4.25
C SER E 115 13.91 -5.17 -4.08
N PHE E 116 14.67 -4.86 -3.02
CA PHE E 116 15.19 -3.48 -2.88
C PHE E 116 16.17 -3.16 -4.02
N ARG E 117 16.76 -4.16 -4.68
CA ARG E 117 17.74 -3.91 -5.73
C ARG E 117 17.05 -3.60 -7.06
N HIS E 118 15.74 -3.66 -7.11
CA HIS E 118 15.00 -3.41 -8.39
C HIS E 118 14.89 -1.91 -8.60
N HIS E 119 15.17 -1.09 -7.60
CA HIS E 119 15.06 0.38 -7.72
C HIS E 119 16.43 1.00 -7.94
N SER E 120 16.57 1.87 -8.93
CA SER E 120 17.80 2.63 -9.22
C SER E 120 17.48 4.12 -9.22
N TYR E 121 18.28 4.95 -8.56
CA TYR E 121 18.16 6.41 -8.68
C TYR E 121 18.80 6.93 -9.97
N LEU E 122 19.38 6.07 -10.82
CA LEU E 122 20.00 6.52 -12.09
C LEU E 122 19.27 6.00 -13.32
N SER E 123 18.56 4.89 -13.27
CA SER E 123 18.13 4.20 -14.52
C SER E 123 17.24 5.12 -15.36
N ASP E 124 16.36 5.95 -14.74
CA ASP E 124 15.42 6.75 -15.55
C ASP E 124 16.15 7.89 -16.29
N ILE E 125 17.35 8.30 -15.88
CA ILE E 125 18.08 9.40 -16.55
C ILE E 125 19.30 8.88 -17.33
N ALA E 126 19.60 7.59 -17.24
CA ALA E 126 20.67 6.97 -18.02
C ALA E 126 20.24 6.93 -19.49
N GLN E 127 21.21 6.93 -20.42
CA GLN E 127 20.90 6.64 -21.82
C GLN E 127 20.43 5.19 -21.93
N GLY E 128 20.99 4.31 -21.11
CA GLY E 128 20.53 2.91 -21.11
C GLY E 128 21.15 2.17 -19.95
N VAL E 129 20.74 0.91 -19.78
CA VAL E 129 21.14 0.10 -18.63
C VAL E 129 21.49 -1.30 -19.14
N ILE E 130 22.58 -1.85 -18.65
CA ILE E 130 23.00 -3.23 -18.96
C ILE E 130 23.16 -3.96 -17.63
N CYS E 131 22.53 -5.11 -17.45
CA CYS E 131 22.85 -5.90 -16.24
C CYS E 131 22.91 -7.39 -16.54
N GLY E 132 23.73 -8.08 -15.77
CA GLY E 132 23.75 -9.54 -15.78
C GLY E 132 24.69 -10.12 -16.80
N LEU E 133 25.42 -9.30 -17.55
CA LEU E 133 26.26 -9.82 -18.67
C LEU E 133 27.73 -9.86 -18.24
N GLY E 134 28.00 -9.75 -16.95
CA GLY E 134 29.35 -9.78 -16.41
C GLY E 134 30.19 -8.64 -16.92
N ALA E 135 31.51 -8.85 -16.98
CA ALA E 135 32.49 -7.81 -17.35
C ALA E 135 32.25 -7.28 -18.76
N LYS E 136 31.73 -8.12 -19.67
CA LYS E 136 31.47 -7.69 -21.05
C LYS E 136 30.49 -6.51 -21.06
N GLY E 137 29.66 -6.31 -20.03
CA GLY E 137 28.75 -5.16 -20.01
C GLY E 137 29.49 -3.84 -20.18
N TYR E 138 30.69 -3.70 -19.63
CA TYR E 138 31.44 -2.44 -19.75
C TYR E 138 31.85 -2.25 -21.21
N SER E 139 32.25 -3.33 -21.90
CA SER E 139 32.61 -3.24 -23.33
CA SER E 139 32.61 -3.25 -23.34
C SER E 139 31.39 -2.84 -24.16
N PHE E 140 30.22 -3.39 -23.86
CA PHE E 140 28.99 -3.01 -24.62
C PHE E 140 28.70 -1.54 -24.40
N ALA E 141 28.82 -1.06 -23.15
CA ALA E 141 28.56 0.36 -22.85
C ALA E 141 29.54 1.25 -23.64
N LEU E 142 30.80 0.83 -23.70
CA LEU E 142 31.84 1.58 -24.48
C LEU E 142 31.45 1.62 -25.96
N GLN E 143 31.06 0.49 -26.54
CA GLN E 143 30.66 0.41 -27.97
C GLN E 143 29.44 1.30 -28.19
N SER E 144 28.47 1.30 -27.26
CA SER E 144 27.28 2.15 -27.37
C SER E 144 27.68 3.63 -27.35
N ALA E 145 28.53 4.02 -26.41
CA ALA E 145 29.00 5.40 -26.26
C ALA E 145 29.64 5.87 -27.56
N ILE E 146 30.51 5.06 -28.13
CA ILE E 146 31.21 5.43 -29.39
C ILE E 146 30.18 5.66 -30.48
N GLY E 147 29.20 4.77 -30.62
CA GLY E 147 28.14 4.91 -31.64
C GLY E 147 27.31 6.15 -31.42
N LYS E 148 26.96 6.42 -30.17
CA LYS E 148 26.10 7.57 -29.79
C LYS E 148 26.85 8.86 -30.09
N LEU E 149 28.16 8.93 -29.84
CA LEU E 149 28.93 10.19 -30.02
C LEU E 149 29.36 10.38 -31.47
N ARG E 150 29.66 9.33 -32.22
CA ARG E 150 30.21 9.45 -33.60
C ARG E 150 29.08 9.29 -34.62
N ASN E 151 27.87 8.98 -34.18
CA ASN E 151 26.66 8.77 -35.01
C ASN E 151 26.95 7.57 -35.93
N ILE E 152 27.47 6.48 -35.34
CA ILE E 152 27.84 5.18 -35.98
C ILE E 152 27.36 4.04 -35.07
N SER F 2 27.67 -2.80 48.64
CA SER F 2 28.16 -3.13 50.04
C SER F 2 27.10 -3.98 50.76
N HIS F 3 25.82 -3.63 50.61
CA HIS F 3 24.69 -4.32 51.24
C HIS F 3 24.29 -5.59 50.47
N MET F 4 23.73 -6.56 51.17
CA MET F 4 23.01 -7.74 50.57
C MET F 4 21.94 -7.27 49.59
N THR F 5 21.75 -7.92 48.45
CA THR F 5 20.73 -7.51 47.47
C THR F 5 19.30 -7.87 47.95
N GLN F 6 18.33 -7.09 47.52
CA GLN F 6 16.90 -7.45 47.63
C GLN F 6 16.63 -8.53 46.57
N GLN F 7 15.87 -9.56 46.94
CA GLN F 7 15.52 -10.62 45.97
C GLN F 7 14.67 -10.04 44.83
N ILE F 8 14.96 -10.45 43.61
CA ILE F 8 14.12 -10.17 42.42
C ILE F 8 13.27 -11.39 42.15
N LYS F 9 11.99 -11.21 41.83
CA LYS F 9 11.11 -12.31 41.40
C LYS F 9 10.91 -12.09 39.88
N LEU F 10 11.35 -13.07 39.11
CA LEU F 10 11.32 -12.95 37.64
C LEU F 10 10.52 -14.13 37.09
N LEU F 11 9.63 -13.85 36.15
CA LEU F 11 8.80 -14.87 35.48
C LEU F 11 9.26 -14.99 34.02
N VAL F 12 9.51 -16.22 33.59
CA VAL F 12 9.81 -16.55 32.18
C VAL F 12 8.57 -17.20 31.60
N LEU F 13 8.10 -16.66 30.48
CA LEU F 13 6.94 -17.21 29.76
C LEU F 13 7.38 -17.67 28.37
N ASN F 14 6.97 -18.87 28.01
CA ASN F 14 7.30 -19.46 26.71
C ASN F 14 5.98 -19.83 26.00
N GLY F 15 5.87 -19.47 24.73
CA GLY F 15 4.65 -19.70 23.96
C GLY F 15 4.65 -21.04 23.24
N PRO F 16 3.78 -21.16 22.25
CA PRO F 16 3.43 -22.43 21.65
C PRO F 16 4.61 -23.04 20.89
N ASN F 17 4.60 -24.37 20.88
CA ASN F 17 5.52 -25.23 20.10
C ASN F 17 6.92 -25.28 20.72
N LEU F 18 7.23 -24.47 21.74
CA LEU F 18 8.61 -24.48 22.31
C LEU F 18 8.81 -25.75 23.15
N ASN F 19 7.74 -26.44 23.52
CA ASN F 19 7.86 -27.77 24.14
C ASN F 19 8.56 -28.74 23.16
N LEU F 20 8.60 -28.51 21.87
CA LEU F 20 9.22 -29.44 20.86
C LEU F 20 10.75 -29.31 20.88
N LEU F 21 11.34 -28.34 21.57
CA LEU F 21 12.81 -28.10 21.49
C LEU F 21 13.53 -29.40 21.88
N GLY F 22 14.49 -29.80 21.06
CA GLY F 22 15.35 -30.98 21.29
C GLY F 22 14.76 -32.26 20.75
N GLN F 23 13.54 -32.28 20.23
CA GLN F 23 12.86 -33.55 19.83
CA GLN F 23 12.86 -33.55 19.83
C GLN F 23 13.16 -33.90 18.37
N ARG F 24 13.06 -32.94 17.43
CA ARG F 24 13.08 -33.30 15.99
C ARG F 24 14.52 -33.26 15.43
N GLU F 25 14.94 -34.41 14.89
CA GLU F 25 16.27 -34.61 14.23
C GLU F 25 17.34 -33.97 15.12
N PRO F 26 17.57 -34.52 16.35
CA PRO F 26 18.49 -33.90 17.31
C PRO F 26 19.92 -33.71 16.77
N GLU F 27 20.40 -34.61 15.91
CA GLU F 27 21.73 -34.55 15.24
C GLU F 27 21.82 -33.32 14.33
N VAL F 28 20.69 -32.81 13.81
CA VAL F 28 20.60 -31.68 12.83
C VAL F 28 20.25 -30.37 13.56
N TYR F 29 19.19 -30.34 14.37
CA TYR F 29 18.56 -29.10 14.91
C TYR F 29 18.99 -28.82 16.37
N GLY F 30 19.66 -29.76 17.03
CA GLY F 30 20.13 -29.59 18.42
C GLY F 30 19.37 -30.47 19.40
N SER F 31 19.99 -30.73 20.56
CA SER F 31 19.59 -31.76 21.56
C SER F 31 18.99 -31.13 22.83
N LYS F 32 19.21 -29.85 23.11
CA LYS F 32 18.76 -29.20 24.38
C LYS F 32 17.23 -29.09 24.42
N THR F 33 16.62 -29.53 25.51
CA THR F 33 15.14 -29.41 25.70
C THR F 33 14.86 -28.08 26.41
N LEU F 34 13.60 -27.66 26.37
CA LEU F 34 13.23 -26.45 27.13
C LEU F 34 13.47 -26.68 28.62
N ASP F 35 13.18 -27.87 29.14
CA ASP F 35 13.43 -28.17 30.58
C ASP F 35 14.92 -27.97 30.89
N ASP F 36 15.82 -28.42 30.02
CA ASP F 36 17.30 -28.24 30.21
C ASP F 36 17.62 -26.73 30.29
N ILE F 37 17.06 -25.94 29.35
CA ILE F 37 17.32 -24.48 29.27
C ILE F 37 16.84 -23.82 30.59
N ILE F 38 15.64 -24.16 31.02
CA ILE F 38 15.02 -23.48 32.19
C ILE F 38 15.72 -23.95 33.50
N LYS F 39 16.14 -25.21 33.60
CA LYS F 39 16.90 -25.66 34.79
C LYS F 39 18.20 -24.84 34.88
N ALA F 40 18.94 -24.69 33.78
CA ALA F 40 20.21 -23.93 33.77
C ALA F 40 19.95 -22.47 34.11
N LEU F 41 18.89 -21.89 33.54
CA LEU F 41 18.56 -20.46 33.76
C LEU F 41 18.17 -20.21 35.22
N THR F 42 17.42 -21.15 35.79
CA THR F 42 16.95 -21.04 37.19
C THR F 42 18.15 -21.09 38.14
N ASP F 43 19.12 -21.95 37.85
CA ASP F 43 20.39 -22.04 38.63
C ASP F 43 21.20 -20.75 38.49
N GLU F 44 21.33 -20.19 37.27
CA GLU F 44 22.05 -18.94 37.06
C GLU F 44 21.39 -17.83 37.89
N ALA F 45 20.05 -17.75 37.84
CA ALA F 45 19.31 -16.70 38.55
C ALA F 45 19.50 -16.81 40.07
N ALA F 46 19.43 -18.04 40.57
CA ALA F 46 19.51 -18.30 42.04
C ALA F 46 20.84 -17.78 42.60
N LEU F 47 21.92 -17.88 41.84
CA LEU F 47 23.22 -17.39 42.32
C LEU F 47 23.25 -15.87 42.47
N GLN F 48 22.35 -15.15 41.83
CA GLN F 48 22.27 -13.65 41.90
C GLN F 48 21.01 -13.22 42.64
N ASN F 49 20.48 -14.09 43.49
CA ASN F 49 19.32 -13.73 44.35
C ASN F 49 18.15 -13.30 43.46
N VAL F 50 17.91 -14.10 42.45
CA VAL F 50 16.72 -13.98 41.56
C VAL F 50 15.96 -15.29 41.69
N ALA F 51 14.69 -15.21 42.09
CA ALA F 51 13.78 -16.34 42.16
C ALA F 51 13.04 -16.41 40.83
N LEU F 52 13.36 -17.42 40.03
CA LEU F 52 12.85 -17.49 38.62
C LEU F 52 11.74 -18.53 38.58
N SER F 53 10.57 -18.12 38.10
CA SER F 53 9.41 -18.97 37.89
C SER F 53 9.21 -19.09 36.35
N HIS F 54 8.53 -20.16 35.91
CA HIS F 54 8.46 -20.44 34.46
C HIS F 54 7.12 -21.05 34.11
N LEU F 55 6.57 -20.67 32.96
CA LEU F 55 5.45 -21.38 32.33
C LEU F 55 5.70 -21.42 30.83
N GLN F 56 5.61 -22.61 30.25
CA GLN F 56 5.46 -22.77 28.79
C GLN F 56 4.06 -23.29 28.52
N SER F 57 3.41 -22.76 27.50
CA SER F 57 2.07 -23.26 27.16
C SER F 57 1.77 -23.08 25.68
N ASN F 58 0.96 -24.02 25.19
CA ASN F 58 0.34 -23.88 23.85
C ASN F 58 -1.03 -23.22 23.97
N ARG F 59 -1.43 -22.83 25.19
CA ARG F 59 -2.75 -22.24 25.48
C ARG F 59 -2.54 -20.76 25.74
N GLU F 60 -3.01 -19.91 24.82
CA GLU F 60 -2.88 -18.44 24.99
C GLU F 60 -3.47 -18.04 26.34
N TYR F 61 -4.60 -18.61 26.75
CA TYR F 61 -5.27 -18.17 27.99
C TYR F 61 -4.35 -18.44 29.20
N GLU F 62 -3.55 -19.50 29.18
CA GLU F 62 -2.69 -19.82 30.33
C GLU F 62 -1.61 -18.75 30.49
N LEU F 63 -1.09 -18.25 29.36
CA LEU F 63 -0.08 -17.19 29.40
C LEU F 63 -0.74 -15.90 29.90
N ILE F 64 -1.93 -15.57 29.39
CA ILE F 64 -2.64 -14.33 29.82
C ILE F 64 -2.88 -14.40 31.34
N GLU F 65 -3.41 -15.54 31.82
CA GLU F 65 -3.78 -15.68 33.25
C GLU F 65 -2.53 -15.64 34.13
N LYS F 66 -1.41 -16.18 33.65
CA LYS F 66 -0.15 -16.15 34.41
C LYS F 66 0.35 -14.71 34.53
N ILE F 67 0.18 -13.92 33.49
CA ILE F 67 0.56 -12.48 33.54
C ILE F 67 -0.36 -11.78 34.52
N HIS F 68 -1.66 -12.05 34.51
CA HIS F 68 -2.58 -11.42 35.48
C HIS F 68 -2.13 -11.76 36.90
N ASP F 69 -1.77 -13.01 37.13
CA ASP F 69 -1.36 -13.50 38.48
C ASP F 69 -0.04 -12.85 38.91
N ALA F 70 0.79 -12.36 38.00
CA ALA F 70 2.09 -11.70 38.28
C ALA F 70 1.91 -10.32 38.88
N PHE F 71 0.74 -9.72 38.73
CA PHE F 71 0.48 -8.34 39.23
C PHE F 71 0.90 -8.19 40.69
N GLU F 72 1.72 -7.19 40.96
CA GLU F 72 2.25 -6.81 42.31
C GLU F 72 3.05 -7.96 42.95
N LYS F 73 3.49 -8.97 42.22
CA LYS F 73 4.27 -10.09 42.77
C LYS F 73 5.59 -10.23 42.03
N ILE F 74 5.59 -9.99 40.74
CA ILE F 74 6.74 -10.25 39.86
C ILE F 74 7.38 -8.90 39.49
N ASP F 75 8.70 -8.83 39.49
CA ASP F 75 9.46 -7.60 39.21
C ASP F 75 9.76 -7.45 37.70
N PHE F 76 9.86 -8.56 36.96
CA PHE F 76 10.32 -8.52 35.56
C PHE F 76 9.85 -9.79 34.88
N ILE F 77 9.54 -9.67 33.59
CA ILE F 77 9.15 -10.82 32.75
C ILE F 77 10.11 -10.96 31.57
N ILE F 78 10.52 -12.21 31.30
CA ILE F 78 11.20 -12.55 30.04
C ILE F 78 10.20 -13.40 29.26
N ILE F 79 9.89 -13.02 28.03
CA ILE F 79 8.87 -13.73 27.27
C ILE F 79 9.38 -14.08 25.88
N ASN F 80 9.24 -15.35 25.55
CA ASN F 80 9.37 -15.84 24.15
C ASN F 80 7.97 -16.23 23.72
N PRO F 81 7.21 -15.35 23.03
CA PRO F 81 5.84 -15.65 22.69
C PRO F 81 5.71 -16.60 21.51
N ALA F 82 6.83 -16.93 20.88
CA ALA F 82 6.87 -17.80 19.68
C ALA F 82 5.84 -17.25 18.66
N ALA F 83 4.99 -18.09 18.12
CA ALA F 83 4.06 -17.65 17.01
C ALA F 83 3.16 -16.52 17.54
N PHE F 84 2.81 -16.46 18.81
CA PHE F 84 1.91 -15.44 19.35
C PHE F 84 2.50 -14.04 19.25
N THR F 85 3.79 -13.90 19.05
CA THR F 85 4.45 -12.60 18.85
C THR F 85 3.71 -11.84 17.73
N HIS F 86 3.32 -12.57 16.68
CA HIS F 86 2.87 -11.96 15.42
C HIS F 86 1.36 -11.79 15.45
N THR F 87 0.64 -12.39 16.36
CA THR F 87 -0.82 -12.55 16.29
C THR F 87 -1.55 -12.05 17.54
N SER F 88 -0.98 -12.07 18.72
CA SER F 88 -1.77 -11.88 19.96
C SER F 88 -1.74 -10.44 20.47
N VAL F 89 -2.83 -9.71 20.20
CA VAL F 89 -3.05 -8.41 20.88
C VAL F 89 -3.43 -8.68 22.33
N ALA F 90 -4.08 -9.80 22.62
CA ALA F 90 -4.50 -10.12 24.01
C ALA F 90 -3.25 -10.18 24.94
N LEU F 91 -2.13 -10.73 24.47
CA LEU F 91 -0.91 -10.80 25.29
CA LEU F 91 -0.91 -10.80 25.30
C LEU F 91 -0.34 -9.40 25.50
N ARG F 92 -0.33 -8.59 24.44
CA ARG F 92 0.12 -7.18 24.57
C ARG F 92 -0.69 -6.49 25.67
N ASP F 93 -2.01 -6.65 25.62
CA ASP F 93 -2.91 -5.93 26.54
C ASP F 93 -2.74 -6.50 27.96
N ALA F 94 -2.48 -7.80 28.13
CA ALA F 94 -2.19 -8.36 29.48
C ALA F 94 -0.92 -7.69 30.06
N LEU F 95 0.14 -7.62 29.27
CA LEU F 95 1.41 -7.02 29.75
C LEU F 95 1.24 -5.54 30.03
N LEU F 96 0.52 -4.81 29.20
CA LEU F 96 0.20 -3.38 29.48
C LEU F 96 -0.62 -3.27 30.77
N GLY F 97 -1.53 -4.20 30.99
CA GLY F 97 -2.47 -4.12 32.12
C GLY F 97 -1.79 -4.34 33.45
N VAL F 98 -0.72 -5.12 33.54
CA VAL F 98 -0.08 -5.43 34.84
C VAL F 98 1.14 -4.54 35.06
N ASN F 99 1.59 -3.84 34.03
CA ASN F 99 2.66 -2.82 34.14
C ASN F 99 3.98 -3.39 34.71
N ILE F 100 4.36 -4.57 34.29
CA ILE F 100 5.67 -5.19 34.65
C ILE F 100 6.59 -5.03 33.42
N PRO F 101 7.83 -4.53 33.59
CA PRO F 101 8.77 -4.46 32.47
C PRO F 101 9.13 -5.85 31.94
N PHE F 102 9.32 -5.96 30.63
CA PHE F 102 9.65 -7.27 30.03
C PHE F 102 10.65 -7.11 28.89
N ILE F 103 11.33 -8.22 28.62
CA ILE F 103 12.21 -8.39 27.45
C ILE F 103 11.64 -9.53 26.61
N GLU F 104 11.62 -9.34 25.32
CA GLU F 104 11.18 -10.33 24.32
C GLU F 104 12.40 -11.08 23.79
N VAL F 105 12.33 -12.39 23.79
CA VAL F 105 13.44 -13.29 23.34
C VAL F 105 12.90 -14.22 22.26
N HIS F 106 13.67 -14.43 21.20
CA HIS F 106 13.42 -15.48 20.20
C HIS F 106 14.71 -16.25 19.98
N LEU F 107 14.61 -17.58 19.95
CA LEU F 107 15.80 -18.42 19.67
C LEU F 107 16.35 -18.14 18.27
N SER F 108 15.45 -18.06 17.30
CA SER F 108 15.82 -17.88 15.86
C SER F 108 15.78 -16.39 15.51
N ASN F 109 16.44 -16.02 14.42
CA ASN F 109 16.44 -14.65 13.91
C ASN F 109 15.13 -14.42 13.16
N VAL F 110 14.15 -13.76 13.77
CA VAL F 110 12.81 -13.54 13.12
C VAL F 110 12.96 -12.72 11.86
N HIS F 111 14.00 -11.89 11.74
CA HIS F 111 14.18 -11.01 10.57
C HIS F 111 14.70 -11.77 9.36
N ALA F 112 15.17 -13.00 9.55
CA ALA F 112 15.78 -13.80 8.48
C ALA F 112 14.73 -14.77 7.90
N ARG F 113 13.50 -14.71 8.35
CA ARG F 113 12.44 -15.67 7.97
C ARG F 113 11.39 -14.97 7.12
N GLU F 114 10.16 -15.51 7.08
CA GLU F 114 9.11 -14.88 6.25
C GLU F 114 8.82 -13.45 6.74
N SER F 115 8.34 -12.62 5.82
CA SER F 115 8.03 -11.21 6.13
C SER F 115 6.96 -11.07 7.21
N PHE F 116 6.02 -12.01 7.37
CA PHE F 116 5.01 -11.87 8.43
C PHE F 116 5.67 -11.93 9.80
N ARG F 117 6.86 -12.53 9.94
CA ARG F 117 7.50 -12.67 11.25
C ARG F 117 8.23 -11.38 11.65
N HIS F 118 8.28 -10.40 10.77
CA HIS F 118 9.00 -9.12 11.06
C HIS F 118 8.10 -8.25 11.96
N HIS F 119 6.83 -8.57 12.10
CA HIS F 119 5.89 -7.77 12.92
C HIS F 119 5.68 -8.44 14.28
N SER F 120 5.84 -7.67 15.37
CA SER F 120 5.60 -8.12 16.76
C SER F 120 4.57 -7.20 17.42
N TYR F 121 3.57 -7.75 18.09
CA TYR F 121 2.67 -6.92 18.93
C TYR F 121 3.32 -6.64 20.28
N LEU F 122 4.52 -7.06 20.58
CA LEU F 122 5.20 -6.76 21.85
C LEU F 122 6.44 -5.90 21.70
N SER F 123 7.13 -5.90 20.54
CA SER F 123 8.50 -5.31 20.50
C SER F 123 8.50 -3.85 20.85
N ASP F 124 7.46 -3.06 20.43
CA ASP F 124 7.46 -1.61 20.69
C ASP F 124 7.26 -1.28 22.16
N ILE F 125 6.70 -2.20 22.99
CA ILE F 125 6.50 -1.90 24.42
C ILE F 125 7.47 -2.71 25.30
N ALA F 126 8.26 -3.60 24.72
CA ALA F 126 9.32 -4.30 25.45
C ALA F 126 10.40 -3.31 25.85
N GLN F 127 11.12 -3.60 26.94
CA GLN F 127 12.36 -2.87 27.25
C GLN F 127 13.40 -3.14 26.14
N GLY F 128 13.40 -4.34 25.61
CA GLY F 128 14.24 -4.66 24.47
C GLY F 128 13.95 -6.04 23.96
N VAL F 129 14.68 -6.42 22.89
CA VAL F 129 14.39 -7.62 22.12
C VAL F 129 15.73 -8.28 21.80
N ILE F 130 15.77 -9.58 21.92
CA ILE F 130 16.94 -10.43 21.57
C ILE F 130 16.44 -11.48 20.59
N CYS F 131 17.09 -11.62 19.45
CA CYS F 131 16.69 -12.74 18.56
C CYS F 131 17.91 -13.35 17.88
N GLY F 132 17.83 -14.64 17.64
CA GLY F 132 18.84 -15.35 16.82
C GLY F 132 20.01 -15.88 17.63
N LEU F 133 20.03 -15.71 18.94
CA LEU F 133 21.20 -16.08 19.76
C LEU F 133 20.96 -17.42 20.47
N GLY F 134 19.94 -18.16 20.05
CA GLY F 134 19.62 -19.46 20.65
C GLY F 134 19.29 -19.33 22.13
N ALA F 135 19.49 -20.42 22.89
CA ALA F 135 19.06 -20.51 24.31
C ALA F 135 19.76 -19.47 25.17
N LYS F 136 21.00 -19.06 24.79
CA LYS F 136 21.71 -18.05 25.57
C LYS F 136 20.92 -16.75 25.64
N GLY F 137 20.00 -16.47 24.68
CA GLY F 137 19.17 -15.27 24.73
C GLY F 137 18.44 -15.11 26.07
N TYR F 138 17.98 -16.21 26.67
CA TYR F 138 17.27 -16.11 27.97
C TYR F 138 18.24 -15.63 29.06
N SER F 139 19.48 -16.12 29.02
CA SER F 139 20.53 -15.68 30.00
CA SER F 139 20.53 -15.68 30.00
C SER F 139 20.82 -14.19 29.83
N PHE F 140 20.91 -13.71 28.59
CA PHE F 140 21.16 -12.29 28.34
C PHE F 140 20.01 -11.45 28.90
N ALA F 141 18.76 -11.89 28.67
CA ALA F 141 17.60 -11.17 29.19
C ALA F 141 17.62 -11.12 30.72
N LEU F 142 18.02 -12.24 31.34
CA LEU F 142 18.14 -12.30 32.82
C LEU F 142 19.19 -11.29 33.29
N GLN F 143 20.37 -11.28 32.67
CA GLN F 143 21.46 -10.34 33.02
CA GLN F 143 21.44 -10.34 33.03
C GLN F 143 20.98 -8.90 32.87
N SER F 144 20.24 -8.61 31.77
CA SER F 144 19.71 -7.27 31.53
C SER F 144 18.71 -6.87 32.64
N ALA F 145 17.80 -7.76 32.97
CA ALA F 145 16.77 -7.51 34.00
C ALA F 145 17.45 -7.16 35.34
N ILE F 146 18.47 -7.94 35.71
CA ILE F 146 19.20 -7.69 36.97
C ILE F 146 19.80 -6.29 36.93
N GLY F 147 20.45 -5.92 35.84
CA GLY F 147 21.09 -4.61 35.70
C GLY F 147 20.06 -3.50 35.74
N LYS F 148 18.93 -3.68 35.06
CA LYS F 148 17.86 -2.67 34.95
C LYS F 148 17.25 -2.47 36.35
N LEU F 149 17.08 -3.51 37.16
CA LEU F 149 16.39 -3.39 38.46
C LEU F 149 17.36 -2.93 39.56
N ARG F 150 18.63 -3.33 39.51
CA ARG F 150 19.60 -3.02 40.60
C ARG F 150 20.43 -1.79 40.25
N ASN F 151 20.27 -1.25 39.03
CA ASN F 151 21.03 -0.09 38.49
C ASN F 151 22.52 -0.48 38.48
N ILE F 152 22.84 -1.67 37.93
CA ILE F 152 24.20 -2.31 37.84
C ILE F 152 24.37 -2.87 36.42
N GLY G 1 -24.74 -49.85 -22.08
CA GLY G 1 -25.14 -48.78 -21.12
C GLY G 1 -26.57 -48.98 -20.63
N SER G 2 -26.74 -48.99 -19.30
CA SER G 2 -28.04 -49.06 -18.58
C SER G 2 -28.11 -47.92 -17.55
N HIS G 3 -27.82 -46.69 -17.99
CA HIS G 3 -27.75 -45.51 -17.06
C HIS G 3 -29.18 -45.03 -16.72
N MET G 4 -29.47 -44.83 -15.43
CA MET G 4 -30.75 -44.28 -14.90
C MET G 4 -30.62 -42.74 -14.76
N THR G 5 -29.40 -42.23 -14.84
CA THR G 5 -29.11 -40.79 -14.63
C THR G 5 -29.39 -40.01 -15.93
N GLN G 6 -29.61 -38.70 -15.81
CA GLN G 6 -29.53 -37.77 -16.97
C GLN G 6 -28.05 -37.59 -17.32
N GLN G 7 -27.72 -37.64 -18.60
CA GLN G 7 -26.32 -37.44 -19.04
C GLN G 7 -25.86 -36.02 -18.71
N ILE G 8 -24.65 -35.89 -18.21
CA ILE G 8 -23.97 -34.59 -18.03
C ILE G 8 -23.03 -34.38 -19.20
N LYS G 9 -22.99 -33.16 -19.74
CA LYS G 9 -21.99 -32.78 -20.75
C LYS G 9 -20.97 -31.89 -20.06
N LEU G 10 -19.74 -32.34 -19.98
CA LEU G 10 -18.69 -31.61 -19.24
C LEU G 10 -17.57 -31.26 -20.22
N LEU G 11 -17.09 -30.03 -20.15
CA LEU G 11 -15.97 -29.55 -20.97
C LEU G 11 -14.76 -29.33 -20.05
N VAL G 12 -13.62 -29.89 -20.42
CA VAL G 12 -12.33 -29.65 -19.74
C VAL G 12 -11.52 -28.71 -20.63
N LEU G 13 -11.04 -27.61 -20.07
CA LEU G 13 -10.19 -26.64 -20.78
C LEU G 13 -8.83 -26.57 -20.09
N ASN G 14 -7.78 -26.64 -20.90
CA ASN G 14 -6.39 -26.53 -20.43
C ASN G 14 -5.71 -25.36 -21.15
N GLY G 15 -5.02 -24.53 -20.40
CA GLY G 15 -4.36 -23.34 -20.91
C GLY G 15 -2.94 -23.59 -21.35
N PRO G 16 -2.18 -22.50 -21.51
CA PRO G 16 -0.90 -22.53 -22.21
C PRO G 16 0.13 -23.39 -21.48
N ASN G 17 1.02 -23.96 -22.28
CA ASN G 17 2.21 -24.72 -21.85
C ASN G 17 1.85 -26.12 -21.30
N LEU G 18 0.59 -26.44 -21.10
CA LEU G 18 0.21 -27.76 -20.54
C LEU G 18 0.39 -28.86 -21.58
N ASN G 19 0.54 -28.51 -22.85
CA ASN G 19 0.93 -29.48 -23.90
C ASN G 19 2.32 -30.05 -23.56
N LEU G 20 3.16 -29.39 -22.76
CA LEU G 20 4.55 -29.86 -22.45
C LEU G 20 4.50 -30.94 -21.36
N LEU G 21 3.36 -31.22 -20.72
CA LEU G 21 3.30 -32.21 -19.61
C LEU G 21 3.89 -33.54 -20.06
N GLY G 22 4.82 -34.05 -19.26
CA GLY G 22 5.46 -35.36 -19.46
C GLY G 22 6.66 -35.32 -20.35
N GLN G 23 7.01 -34.18 -21.01
CA GLN G 23 8.12 -34.18 -22.02
C GLN G 23 9.25 -33.22 -21.65
N ARG G 24 9.57 -32.92 -20.39
CA ARG G 24 10.92 -32.41 -20.02
C ARG G 24 11.44 -33.13 -18.78
N GLU G 25 12.61 -33.80 -18.92
CA GLU G 25 13.29 -34.58 -17.87
C GLU G 25 12.25 -35.43 -17.15
N PRO G 26 11.63 -36.43 -17.85
CA PRO G 26 10.54 -37.22 -17.27
C PRO G 26 10.90 -37.92 -15.95
N GLU G 27 12.17 -38.36 -15.78
CA GLU G 27 12.72 -39.00 -14.55
C GLU G 27 12.65 -38.02 -13.36
N VAL G 28 12.70 -36.70 -13.61
CA VAL G 28 12.75 -35.63 -12.57
C VAL G 28 11.35 -35.02 -12.36
N TYR G 29 10.67 -34.58 -13.42
CA TYR G 29 9.45 -33.71 -13.35
C TYR G 29 8.16 -34.52 -13.56
N GLY G 30 8.25 -35.80 -13.92
CA GLY G 30 7.07 -36.69 -14.09
C GLY G 30 6.81 -37.06 -15.54
N SER G 31 6.10 -38.18 -15.74
CA SER G 31 6.03 -38.95 -17.01
C SER G 31 4.65 -38.81 -17.70
N LYS G 32 3.59 -38.40 -17.01
CA LYS G 32 2.20 -38.52 -17.58
C LYS G 32 2.01 -37.39 -18.61
N THR G 33 1.51 -37.68 -19.79
CA THR G 33 1.22 -36.62 -20.80
C THR G 33 -0.21 -36.11 -20.61
N LEU G 34 -0.52 -34.97 -21.19
CA LEU G 34 -1.90 -34.48 -21.10
C LEU G 34 -2.85 -35.47 -21.78
N ASP G 35 -2.44 -36.06 -22.91
CA ASP G 35 -3.27 -37.08 -23.60
CA ASP G 35 -3.27 -37.08 -23.60
C ASP G 35 -3.57 -38.25 -22.66
N ASP G 36 -2.57 -38.74 -21.91
CA ASP G 36 -2.77 -39.84 -20.94
C ASP G 36 -3.83 -39.41 -19.89
N ILE G 37 -3.70 -38.21 -19.34
CA ILE G 37 -4.62 -37.69 -18.28
C ILE G 37 -6.03 -37.63 -18.84
N ILE G 38 -6.20 -37.07 -20.02
CA ILE G 38 -7.57 -36.86 -20.59
C ILE G 38 -8.17 -38.19 -21.00
N LYS G 39 -7.38 -39.13 -21.54
CA LYS G 39 -7.92 -40.48 -21.86
C LYS G 39 -8.47 -41.15 -20.61
N ALA G 40 -7.71 -41.12 -19.50
CA ALA G 40 -8.14 -41.74 -18.23
C ALA G 40 -9.39 -41.02 -17.70
N LEU G 41 -9.40 -39.69 -17.77
CA LEU G 41 -10.54 -38.90 -17.25
C LEU G 41 -11.80 -39.16 -18.08
N THR G 42 -11.65 -39.30 -19.39
CA THR G 42 -12.80 -39.54 -20.30
C THR G 42 -13.42 -40.89 -19.95
N ASP G 43 -12.60 -41.90 -19.71
CA ASP G 43 -13.07 -43.25 -19.31
C ASP G 43 -13.79 -43.20 -17.96
N GLU G 44 -13.21 -42.48 -16.96
CA GLU G 44 -13.86 -42.33 -15.65
C GLU G 44 -15.23 -41.66 -15.82
N ALA G 45 -15.30 -40.63 -16.64
CA ALA G 45 -16.55 -39.85 -16.85
C ALA G 45 -17.61 -40.75 -17.48
N ALA G 46 -17.22 -41.52 -18.50
CA ALA G 46 -18.15 -42.36 -19.27
C ALA G 46 -18.83 -43.38 -18.35
N LEU G 47 -18.12 -43.89 -17.32
CA LEU G 47 -18.73 -44.86 -16.39
C LEU G 47 -19.87 -44.24 -15.58
N GLN G 48 -19.90 -42.90 -15.45
CA GLN G 48 -20.92 -42.19 -14.65
C GLN G 48 -21.83 -41.39 -15.57
N ASN G 49 -21.93 -41.77 -16.85
CA ASN G 49 -22.85 -41.10 -17.79
C ASN G 49 -22.52 -39.61 -17.88
N VAL G 50 -21.23 -39.32 -18.00
CA VAL G 50 -20.72 -37.97 -18.28
C VAL G 50 -19.98 -38.04 -19.63
N ALA G 51 -20.43 -37.21 -20.57
CA ALA G 51 -19.77 -37.05 -21.88
C ALA G 51 -18.75 -35.92 -21.76
N LEU G 52 -17.50 -36.26 -21.88
CA LEU G 52 -16.38 -35.31 -21.62
C LEU G 52 -15.77 -34.83 -22.91
N SER G 53 -15.74 -33.53 -23.11
CA SER G 53 -15.04 -32.87 -24.24
C SER G 53 -13.84 -32.12 -23.69
N HIS G 54 -12.81 -31.92 -24.51
CA HIS G 54 -11.55 -31.33 -24.01
C HIS G 54 -10.94 -30.41 -25.09
N LEU G 55 -10.35 -29.33 -24.65
CA LEU G 55 -9.47 -28.49 -25.49
C LEU G 55 -8.30 -28.04 -24.63
N GLN G 56 -7.08 -28.25 -25.13
CA GLN G 56 -5.90 -27.53 -24.62
C GLN G 56 -5.43 -26.55 -25.68
N SER G 57 -5.06 -25.34 -25.27
CA SER G 57 -4.57 -24.36 -26.24
C SER G 57 -3.57 -23.39 -25.64
N ASN G 58 -2.62 -22.96 -26.47
CA ASN G 58 -1.77 -21.81 -26.13
C ASN G 58 -2.37 -20.51 -26.64
N ARG G 59 -3.54 -20.59 -27.27
CA ARG G 59 -4.22 -19.44 -27.90
C ARG G 59 -5.38 -19.05 -26.98
N GLU G 60 -5.28 -17.88 -26.37
CA GLU G 60 -6.36 -17.38 -25.49
C GLU G 60 -7.68 -17.40 -26.25
N TYR G 61 -7.68 -16.99 -27.52
CA TYR G 61 -8.95 -16.86 -28.27
C TYR G 61 -9.62 -18.23 -28.41
N GLU G 62 -8.84 -19.30 -28.54
CA GLU G 62 -9.44 -20.63 -28.76
C GLU G 62 -10.20 -21.04 -27.49
N LEU G 63 -9.65 -20.71 -26.30
CA LEU G 63 -10.34 -21.03 -25.05
C LEU G 63 -11.60 -20.19 -24.95
N ILE G 64 -11.51 -18.89 -25.22
CA ILE G 64 -12.69 -18.00 -25.13
C ILE G 64 -13.76 -18.53 -26.09
N GLU G 65 -13.42 -18.83 -27.33
CA GLU G 65 -14.41 -19.25 -28.36
C GLU G 65 -15.02 -20.61 -28.00
N LYS G 66 -14.25 -21.49 -27.37
CA LYS G 66 -14.79 -22.81 -26.93
C LYS G 66 -15.82 -22.59 -25.80
N ILE G 67 -15.54 -21.64 -24.93
CA ILE G 67 -16.51 -21.27 -23.85
C ILE G 67 -17.76 -20.70 -24.47
N HIS G 68 -17.62 -19.82 -25.47
CA HIS G 68 -18.83 -19.25 -26.12
C HIS G 68 -19.66 -20.38 -26.74
N ASP G 69 -18.99 -21.33 -27.39
CA ASP G 69 -19.66 -22.46 -28.06
CA ASP G 69 -19.66 -22.47 -28.06
C ASP G 69 -20.35 -23.39 -27.06
N ALA G 70 -19.95 -23.37 -25.78
CA ALA G 70 -20.51 -24.23 -24.70
C ALA G 70 -21.90 -23.73 -24.29
N PHE G 71 -22.25 -22.49 -24.61
CA PHE G 71 -23.54 -21.89 -24.17
C PHE G 71 -24.72 -22.81 -24.54
N GLU G 72 -25.55 -23.13 -23.56
CA GLU G 72 -26.77 -23.97 -23.68
C GLU G 72 -26.44 -25.38 -24.17
N LYS G 73 -25.19 -25.85 -24.11
CA LYS G 73 -24.82 -27.21 -24.55
C LYS G 73 -24.09 -27.93 -23.41
N ILE G 74 -23.30 -27.21 -22.64
CA ILE G 74 -22.43 -27.84 -21.62
C ILE G 74 -23.00 -27.56 -20.23
N ASP G 75 -22.98 -28.54 -19.35
CA ASP G 75 -23.50 -28.42 -17.95
C ASP G 75 -22.46 -27.92 -16.97
N PHE G 76 -21.18 -28.16 -17.22
CA PHE G 76 -20.13 -27.88 -16.22
C PHE G 76 -18.80 -27.78 -16.96
N ILE G 77 -17.91 -26.93 -16.46
CA ILE G 77 -16.55 -26.76 -16.99
C ILE G 77 -15.53 -27.07 -15.89
N ILE G 78 -14.49 -27.81 -16.25
CA ILE G 78 -13.27 -27.92 -15.44
C ILE G 78 -12.19 -27.17 -16.21
N ILE G 79 -11.54 -26.21 -15.59
CA ILE G 79 -10.51 -25.40 -16.27
C ILE G 79 -9.24 -25.32 -15.49
N ASN G 80 -8.13 -25.61 -16.16
CA ASN G 80 -6.77 -25.32 -15.70
C ASN G 80 -6.24 -24.21 -16.59
N PRO G 81 -6.39 -22.91 -16.23
CA PRO G 81 -6.04 -21.83 -17.12
C PRO G 81 -4.52 -21.61 -17.20
N ALA G 82 -3.76 -22.32 -16.37
CA ALA G 82 -2.29 -22.17 -16.32
C ALA G 82 -1.96 -20.68 -16.18
N ALA G 83 -1.03 -20.15 -16.95
CA ALA G 83 -0.59 -18.75 -16.77
C ALA G 83 -1.77 -17.75 -16.91
N PHE G 84 -2.79 -18.08 -17.72
CA PHE G 84 -3.91 -17.15 -17.94
C PHE G 84 -4.73 -16.92 -16.67
N THR G 85 -4.60 -17.79 -15.66
CA THR G 85 -5.25 -17.60 -14.34
C THR G 85 -4.98 -16.17 -13.85
N HIS G 86 -3.75 -15.72 -14.02
CA HIS G 86 -3.24 -14.51 -13.34
C HIS G 86 -3.48 -13.26 -14.20
N THR G 87 -3.79 -13.42 -15.47
CA THR G 87 -3.72 -12.32 -16.46
C THR G 87 -5.01 -12.11 -17.23
N SER G 88 -5.85 -13.10 -17.43
CA SER G 88 -6.93 -13.00 -18.44
C SER G 88 -8.27 -12.57 -17.82
N VAL G 89 -8.59 -11.29 -17.95
CA VAL G 89 -9.97 -10.82 -17.63
C VAL G 89 -10.89 -11.33 -18.75
N ALA G 90 -10.41 -11.48 -19.98
CA ALA G 90 -11.28 -11.92 -21.09
C ALA G 90 -11.84 -13.33 -20.80
N LEU G 91 -11.05 -14.23 -20.23
CA LEU G 91 -11.56 -15.58 -19.87
CA LEU G 91 -11.56 -15.59 -19.88
C LEU G 91 -12.59 -15.49 -18.75
N ARG G 92 -12.33 -14.66 -17.75
CA ARG G 92 -13.34 -14.42 -16.67
C ARG G 92 -14.65 -14.00 -17.31
N ASP G 93 -14.61 -13.02 -18.22
CA ASP G 93 -15.84 -12.46 -18.80
C ASP G 93 -16.52 -13.48 -19.74
N ALA G 94 -15.76 -14.36 -20.42
CA ALA G 94 -16.37 -15.44 -21.21
C ALA G 94 -17.17 -16.39 -20.29
N LEU G 95 -16.57 -16.79 -19.17
CA LEU G 95 -17.24 -17.73 -18.23
C LEU G 95 -18.44 -17.05 -17.59
N LEU G 96 -18.35 -15.79 -17.21
CA LEU G 96 -19.52 -15.04 -16.67
C LEU G 96 -20.60 -14.93 -17.75
N GLY G 97 -20.20 -14.74 -19.00
CA GLY G 97 -21.15 -14.52 -20.10
C GLY G 97 -21.97 -15.74 -20.42
N VAL G 98 -21.45 -16.96 -20.27
CA VAL G 98 -22.20 -18.19 -20.66
C VAL G 98 -22.87 -18.81 -19.44
N ASN G 99 -22.51 -18.40 -18.23
CA ASN G 99 -23.21 -18.79 -16.98
C ASN G 99 -23.18 -20.31 -16.77
N ILE G 100 -22.06 -20.95 -17.03
CA ILE G 100 -21.85 -22.39 -16.75
C ILE G 100 -21.01 -22.49 -15.49
N PRO G 101 -21.39 -23.30 -14.50
CA PRO G 101 -20.56 -23.47 -13.29
C PRO G 101 -19.23 -24.15 -13.64
N PHE G 102 -18.15 -23.76 -12.96
CA PHE G 102 -16.82 -24.33 -13.24
C PHE G 102 -16.01 -24.53 -11.97
N ILE G 103 -15.07 -25.44 -12.06
CA ILE G 103 -14.02 -25.70 -11.06
C ILE G 103 -12.67 -25.36 -11.70
N GLU G 104 -11.84 -24.64 -10.95
CA GLU G 104 -10.46 -24.28 -11.36
C GLU G 104 -9.50 -25.30 -10.78
N VAL G 105 -8.62 -25.84 -11.60
CA VAL G 105 -7.63 -26.88 -11.19
C VAL G 105 -6.24 -26.43 -11.59
N HIS G 106 -5.28 -26.59 -10.67
CA HIS G 106 -3.84 -26.41 -10.96
C HIS G 106 -3.10 -27.65 -10.52
N LEU G 107 -2.14 -28.11 -11.32
CA LEU G 107 -1.39 -29.30 -10.94
C LEU G 107 -0.50 -28.98 -9.72
N SER G 108 0.14 -27.82 -9.77
CA SER G 108 1.09 -27.36 -8.74
C SER G 108 0.37 -26.50 -7.72
N ASN G 109 0.97 -26.35 -6.55
CA ASN G 109 0.40 -25.48 -5.49
C ASN G 109 0.78 -24.04 -5.83
N VAL G 110 -0.17 -23.28 -6.40
CA VAL G 110 0.08 -21.86 -6.79
C VAL G 110 0.47 -21.02 -5.60
N HIS G 111 0.06 -21.38 -4.37
CA HIS G 111 0.35 -20.55 -3.17
C HIS G 111 1.78 -20.76 -2.69
N ALA G 112 2.50 -21.76 -3.22
CA ALA G 112 3.87 -22.06 -2.78
C ALA G 112 4.88 -21.41 -3.73
N ARG G 113 4.42 -20.65 -4.72
CA ARG G 113 5.32 -20.14 -5.79
C ARG G 113 5.45 -18.62 -5.66
N GLU G 114 5.77 -17.92 -6.74
CA GLU G 114 5.90 -16.44 -6.66
C GLU G 114 4.58 -15.80 -6.22
N SER G 115 4.68 -14.62 -5.63
CA SER G 115 3.50 -13.90 -5.11
CA SER G 115 3.50 -13.89 -5.11
C SER G 115 2.55 -13.53 -6.25
N PHE G 116 3.02 -13.27 -7.48
CA PHE G 116 2.06 -12.93 -8.55
C PHE G 116 1.12 -14.11 -8.82
N ARG G 117 1.49 -15.35 -8.47
CA ARG G 117 0.64 -16.51 -8.80
C ARG G 117 -0.47 -16.68 -7.74
N HIS G 118 -0.48 -15.86 -6.69
CA HIS G 118 -1.51 -15.97 -5.64
C HIS G 118 -2.81 -15.34 -6.13
N HIS G 119 -2.77 -14.55 -7.19
CA HIS G 119 -3.95 -13.83 -7.71
C HIS G 119 -4.55 -14.58 -8.89
N SER G 120 -5.86 -14.82 -8.85
CA SER G 120 -6.60 -15.49 -9.97
C SER G 120 -7.76 -14.58 -10.38
N TYR G 121 -7.98 -14.37 -11.67
CA TYR G 121 -9.19 -13.72 -12.18
C TYR G 121 -10.37 -14.68 -12.22
N LEU G 122 -10.22 -15.93 -11.86
CA LEU G 122 -11.31 -16.94 -11.88
C LEU G 122 -11.69 -17.43 -10.51
N SER G 123 -10.80 -17.45 -9.51
CA SER G 123 -11.09 -18.21 -8.25
C SER G 123 -12.31 -17.67 -7.57
N ASP G 124 -12.59 -16.33 -7.60
CA ASP G 124 -13.73 -15.78 -6.85
C ASP G 124 -15.06 -16.16 -7.48
N ILE G 125 -15.11 -16.53 -8.78
CA ILE G 125 -16.37 -16.90 -9.43
C ILE G 125 -16.45 -18.42 -9.70
N ALA G 126 -15.40 -19.16 -9.44
CA ALA G 126 -15.41 -20.64 -9.52
C ALA G 126 -16.33 -21.21 -8.44
N GLN G 127 -16.91 -22.38 -8.68
CA GLN G 127 -17.57 -23.14 -7.59
C GLN G 127 -16.52 -23.59 -6.58
N GLY G 128 -15.34 -23.89 -7.02
CA GLY G 128 -14.23 -24.23 -6.10
C GLY G 128 -12.94 -24.36 -6.88
N VAL G 129 -11.85 -24.62 -6.16
CA VAL G 129 -10.48 -24.59 -6.64
C VAL G 129 -9.75 -25.80 -6.05
N ILE G 130 -8.97 -26.46 -6.83
CA ILE G 130 -8.06 -27.56 -6.42
C ILE G 130 -6.66 -27.20 -6.86
N CYS G 131 -5.69 -27.17 -5.95
CA CYS G 131 -4.31 -26.99 -6.43
C CYS G 131 -3.34 -27.91 -5.71
N GLY G 132 -2.29 -28.30 -6.40
CA GLY G 132 -1.14 -29.00 -5.79
C GLY G 132 -1.30 -30.49 -5.75
N LEU G 133 -2.39 -31.07 -6.26
CA LEU G 133 -2.66 -32.50 -6.11
C LEU G 133 -2.31 -33.26 -7.43
N GLY G 134 -1.62 -32.57 -8.34
CA GLY G 134 -1.21 -33.17 -9.61
C GLY G 134 -2.42 -33.53 -10.46
N ALA G 135 -2.24 -34.51 -11.34
CA ALA G 135 -3.27 -34.90 -12.32
C ALA G 135 -4.54 -35.41 -11.69
N LYS G 136 -4.47 -35.96 -10.47
CA LYS G 136 -5.71 -36.44 -9.81
C LYS G 136 -6.67 -35.28 -9.57
N GLY G 137 -6.21 -34.04 -9.54
CA GLY G 137 -7.12 -32.89 -9.39
C GLY G 137 -8.22 -32.86 -10.43
N TYR G 138 -7.95 -33.27 -11.67
CA TYR G 138 -9.01 -33.29 -12.70
C TYR G 138 -10.08 -34.31 -12.32
N SER G 139 -9.67 -35.48 -11.83
CA SER G 139 -10.62 -36.53 -11.39
C SER G 139 -11.48 -36.04 -10.23
N PHE G 140 -10.87 -35.35 -9.26
CA PHE G 140 -11.64 -34.79 -8.14
C PHE G 140 -12.66 -33.78 -8.65
N ALA G 141 -12.26 -32.91 -9.59
CA ALA G 141 -13.18 -31.89 -10.13
C ALA G 141 -14.33 -32.59 -10.84
N LEU G 142 -14.05 -33.67 -11.56
CA LEU G 142 -15.11 -34.46 -12.24
C LEU G 142 -16.09 -35.02 -11.20
N GLN G 143 -15.56 -35.65 -10.14
CA GLN G 143 -16.40 -36.23 -9.07
C GLN G 143 -17.27 -35.12 -8.44
N SER G 144 -16.67 -33.95 -8.20
CA SER G 144 -17.38 -32.81 -7.57
C SER G 144 -18.51 -32.33 -8.51
N ALA G 145 -18.22 -32.18 -9.81
CA ALA G 145 -19.23 -31.73 -10.79
C ALA G 145 -20.43 -32.68 -10.77
N ILE G 146 -20.16 -33.98 -10.79
CA ILE G 146 -21.27 -34.97 -10.76
C ILE G 146 -22.13 -34.77 -9.50
N GLY G 147 -21.47 -34.63 -8.34
CA GLY G 147 -22.19 -34.43 -7.06
C GLY G 147 -22.98 -33.14 -7.05
N LYS G 148 -22.39 -32.07 -7.57
CA LYS G 148 -23.02 -30.71 -7.56
C LYS G 148 -24.23 -30.74 -8.48
N LEU G 149 -24.17 -31.44 -9.63
CA LEU G 149 -25.30 -31.42 -10.59
C LEU G 149 -26.38 -32.41 -10.22
N ARG G 150 -26.05 -33.56 -9.65
CA ARG G 150 -27.03 -34.64 -9.38
C ARG G 150 -27.51 -34.59 -7.93
N ASN G 151 -26.92 -33.69 -7.13
CA ASN G 151 -27.25 -33.47 -5.69
C ASN G 151 -26.92 -34.79 -4.96
N ILE G 152 -25.73 -35.34 -5.24
CA ILE G 152 -25.20 -36.57 -4.60
C ILE G 152 -23.76 -36.30 -4.14
N HIS H 3 40.24 -20.56 -36.38
CA HIS H 3 40.17 -21.64 -35.32
C HIS H 3 38.75 -22.22 -35.27
N MET H 4 38.63 -23.53 -35.12
CA MET H 4 37.33 -24.28 -35.14
C MET H 4 36.38 -23.75 -34.05
N THR H 5 35.10 -23.49 -34.36
CA THR H 5 34.04 -23.36 -33.34
C THR H 5 32.89 -24.33 -33.68
N GLN H 6 32.17 -24.75 -32.64
CA GLN H 6 30.87 -25.45 -32.82
C GLN H 6 29.82 -24.41 -33.21
N GLN H 7 28.98 -24.70 -34.18
CA GLN H 7 27.93 -23.76 -34.62
C GLN H 7 26.94 -23.55 -33.45
N ILE H 8 26.56 -22.30 -33.22
CA ILE H 8 25.49 -21.96 -32.26
C ILE H 8 24.21 -21.75 -33.05
N LYS H 9 23.07 -22.25 -32.55
CA LYS H 9 21.75 -21.91 -33.12
C LYS H 9 21.09 -20.92 -32.16
N LEU H 10 20.84 -19.71 -32.64
CA LEU H 10 20.27 -18.64 -31.78
C LEU H 10 18.95 -18.19 -32.39
N LEU H 11 17.93 -18.03 -31.54
CA LEU H 11 16.59 -17.56 -31.96
C LEU H 11 16.37 -16.17 -31.38
N VAL H 12 16.00 -15.23 -32.23
CA VAL H 12 15.57 -13.87 -31.81
C VAL H 12 14.05 -13.82 -31.92
N LEU H 13 13.42 -13.43 -30.81
CA LEU H 13 11.95 -13.25 -30.75
C LEU H 13 11.63 -11.80 -30.50
N ASN H 14 10.73 -11.27 -31.32
CA ASN H 14 10.27 -9.88 -31.18
C ASN H 14 8.75 -9.90 -31.00
N GLY H 15 8.29 -9.11 -30.01
CA GLY H 15 6.86 -9.05 -29.70
C GLY H 15 6.13 -7.99 -30.49
N PRO H 16 4.93 -7.66 -29.98
CA PRO H 16 3.97 -6.89 -30.74
C PRO H 16 4.48 -5.47 -31.04
N ASN H 17 4.00 -4.95 -32.16
CA ASN H 17 4.18 -3.54 -32.60
C ASN H 17 5.57 -3.25 -33.10
N LEU H 18 6.53 -4.18 -32.98
CA LEU H 18 7.91 -3.88 -33.43
C LEU H 18 7.96 -3.92 -34.98
N ASN H 19 6.96 -4.52 -35.64
CA ASN H 19 6.83 -4.41 -37.10
C ASN H 19 6.67 -2.94 -37.51
N LEU H 20 6.26 -2.02 -36.64
CA LEU H 20 6.06 -0.59 -37.01
C LEU H 20 7.38 0.18 -37.08
N LEU H 21 8.50 -0.39 -36.65
CA LEU H 21 9.78 0.36 -36.53
C LEU H 21 10.10 0.97 -37.89
N GLY H 22 10.44 2.25 -37.88
CA GLY H 22 10.87 3.01 -39.06
C GLY H 22 9.72 3.60 -39.86
N GLN H 23 8.45 3.33 -39.52
CA GLN H 23 7.31 3.68 -40.43
C GLN H 23 6.83 5.10 -40.15
N ARG H 24 6.59 5.48 -38.88
CA ARG H 24 5.96 6.78 -38.56
C ARG H 24 7.01 7.90 -38.43
N GLU H 25 6.83 8.95 -39.27
CA GLU H 25 7.65 10.19 -39.28
C GLU H 25 9.12 9.78 -39.19
N PRO H 26 9.67 9.11 -40.23
CA PRO H 26 11.06 8.65 -40.23
C PRO H 26 12.10 9.76 -39.93
N GLU H 27 11.85 10.99 -40.42
CA GLU H 27 12.71 12.19 -40.20
C GLU H 27 12.78 12.54 -38.70
N VAL H 28 11.75 12.19 -37.91
CA VAL H 28 11.61 12.53 -36.46
C VAL H 28 12.03 11.35 -35.58
N TYR H 29 11.48 10.14 -35.81
CA TYR H 29 11.56 8.98 -34.87
C TYR H 29 12.63 7.97 -35.31
N GLY H 30 13.20 8.10 -36.51
CA GLY H 30 14.24 7.17 -37.03
C GLY H 30 13.71 6.31 -38.17
N SER H 31 14.63 5.83 -39.03
CA SER H 31 14.32 5.28 -40.39
C SER H 31 14.51 3.76 -40.44
N LYS H 32 15.27 3.15 -39.52
CA LYS H 32 15.61 1.70 -39.59
C LYS H 32 14.36 0.84 -39.34
N THR H 33 14.11 -0.14 -40.20
CA THR H 33 12.99 -1.09 -40.02
C THR H 33 13.47 -2.31 -39.23
N LEU H 34 12.54 -3.09 -38.72
CA LEU H 34 12.93 -4.33 -38.02
C LEU H 34 13.62 -5.25 -39.03
N ASP H 35 13.15 -5.31 -40.28
CA ASP H 35 13.81 -6.16 -41.31
C ASP H 35 15.26 -5.72 -41.49
N ASP H 36 15.55 -4.41 -41.52
CA ASP H 36 16.95 -3.90 -41.63
C ASP H 36 17.77 -4.42 -40.45
N ILE H 37 17.23 -4.31 -39.22
CA ILE H 37 17.96 -4.71 -37.98
C ILE H 37 18.27 -6.21 -38.07
N ILE H 38 17.28 -7.01 -38.42
CA ILE H 38 17.45 -8.50 -38.41
C ILE H 38 18.36 -8.94 -39.54
N LYS H 39 18.26 -8.32 -40.73
CA LYS H 39 19.20 -8.67 -41.82
C LYS H 39 20.64 -8.41 -41.36
N ALA H 40 20.91 -7.24 -40.76
CA ALA H 40 22.28 -6.89 -40.30
C ALA H 40 22.71 -7.84 -39.19
N LEU H 41 21.82 -8.18 -38.26
CA LEU H 41 22.16 -9.04 -37.11
C LEU H 41 22.45 -10.47 -37.62
N THR H 42 21.68 -10.94 -38.60
CA THR H 42 21.87 -12.31 -39.16
C THR H 42 23.26 -12.39 -39.80
N ASP H 43 23.64 -11.35 -40.54
CA ASP H 43 24.99 -11.27 -41.18
C ASP H 43 26.09 -11.23 -40.09
N GLU H 44 25.92 -10.42 -39.04
CA GLU H 44 26.90 -10.35 -37.93
C GLU H 44 27.03 -11.74 -37.30
N ALA H 45 25.92 -12.43 -37.06
CA ALA H 45 25.94 -13.76 -36.41
C ALA H 45 26.70 -14.76 -37.30
N ALA H 46 26.41 -14.75 -38.60
CA ALA H 46 27.04 -15.69 -39.55
C ALA H 46 28.57 -15.55 -39.52
N LEU H 47 29.10 -14.36 -39.31
CA LEU H 47 30.59 -14.17 -39.26
C LEU H 47 31.18 -14.88 -38.02
N GLN H 48 30.40 -15.22 -37.02
CA GLN H 48 30.89 -15.90 -35.79
C GLN H 48 30.33 -17.33 -35.73
N ASN H 49 29.93 -17.90 -36.87
CA ASN H 49 29.40 -19.29 -36.90
C ASN H 49 28.21 -19.43 -35.97
N VAL H 50 27.31 -18.44 -36.03
CA VAL H 50 25.99 -18.49 -35.37
C VAL H 50 24.93 -18.48 -36.46
N ALA H 51 24.06 -19.49 -36.44
CA ALA H 51 22.86 -19.55 -37.31
C ALA H 51 21.72 -18.86 -36.56
N LEU H 52 21.31 -17.69 -37.03
CA LEU H 52 20.31 -16.87 -36.31
C LEU H 52 18.95 -16.99 -37.03
N SER H 53 17.95 -17.40 -36.27
CA SER H 53 16.55 -17.49 -36.74
C SER H 53 15.76 -16.38 -36.00
N HIS H 54 14.66 -15.97 -36.60
CA HIS H 54 13.89 -14.81 -36.10
C HIS H 54 12.40 -15.03 -36.29
N LEU H 55 11.64 -14.58 -35.29
CA LEU H 55 10.17 -14.42 -35.43
C LEU H 55 9.79 -13.12 -34.76
N GLN H 56 9.07 -12.28 -35.49
CA GLN H 56 8.35 -11.16 -34.86
C GLN H 56 6.86 -11.48 -34.99
N SER H 57 6.10 -11.24 -33.96
CA SER H 57 4.65 -11.50 -34.04
C SER H 57 3.85 -10.57 -33.15
N ASN H 58 2.63 -10.27 -33.59
CA ASN H 58 1.64 -9.60 -32.71
C ASN H 58 0.79 -10.65 -31.99
N ARG H 59 1.04 -11.95 -32.24
CA ARG H 59 0.24 -13.07 -31.74
C ARG H 59 1.04 -13.74 -30.60
N GLU H 60 0.57 -13.59 -29.38
CA GLU H 60 1.26 -14.22 -28.21
C GLU H 60 1.44 -15.71 -28.49
N TYR H 61 0.44 -16.39 -29.06
CA TYR H 61 0.53 -17.86 -29.23
C TYR H 61 1.69 -18.22 -30.17
N GLU H 62 1.98 -17.36 -31.16
CA GLU H 62 3.06 -17.69 -32.13
C GLU H 62 4.40 -17.67 -31.41
N LEU H 63 4.57 -16.71 -30.49
CA LEU H 63 5.83 -16.63 -29.70
C LEU H 63 5.92 -17.85 -28.77
N ILE H 64 4.83 -18.20 -28.10
CA ILE H 64 4.84 -19.37 -27.16
C ILE H 64 5.19 -20.62 -27.96
N GLU H 65 4.53 -20.83 -29.10
CA GLU H 65 4.71 -22.07 -29.90
C GLU H 65 6.12 -22.12 -30.47
N LYS H 66 6.69 -20.96 -30.83
CA LYS H 66 8.08 -20.93 -31.36
C LYS H 66 9.07 -21.32 -30.25
N ILE H 67 8.80 -20.92 -29.01
CA ILE H 67 9.66 -21.29 -27.86
C ILE H 67 9.53 -22.79 -27.66
N HIS H 68 8.31 -23.33 -27.72
CA HIS H 68 8.14 -24.81 -27.55
C HIS H 68 8.96 -25.55 -28.62
N ASP H 69 8.89 -25.06 -29.85
CA ASP H 69 9.59 -25.69 -31.01
C ASP H 69 11.10 -25.59 -30.85
N ALA H 70 11.63 -24.65 -30.07
CA ALA H 70 13.08 -24.42 -29.86
C ALA H 70 13.68 -25.50 -28.96
N PHE H 71 12.85 -26.22 -28.22
CA PHE H 71 13.33 -27.21 -27.23
C PHE H 71 14.29 -28.21 -27.91
N GLU H 72 15.47 -28.37 -27.30
CA GLU H 72 16.55 -29.30 -27.76
C GLU H 72 17.05 -28.94 -29.17
N LYS H 73 16.79 -27.77 -29.71
CA LYS H 73 17.24 -27.37 -31.06
C LYS H 73 18.01 -26.04 -31.00
N ILE H 74 17.60 -25.17 -30.11
CA ILE H 74 18.17 -23.80 -30.02
C ILE H 74 19.08 -23.71 -28.80
N ASP H 75 20.23 -23.06 -28.93
CA ASP H 75 21.20 -22.91 -27.81
C ASP H 75 20.91 -21.66 -26.95
N PHE H 76 20.31 -20.63 -27.52
CA PHE H 76 20.18 -19.32 -26.84
C PHE H 76 19.05 -18.55 -27.48
N ILE H 77 18.33 -17.75 -26.68
CA ILE H 77 17.24 -16.87 -27.15
C ILE H 77 17.60 -15.43 -26.80
N ILE H 78 17.40 -14.54 -27.76
CA ILE H 78 17.36 -13.09 -27.51
C ILE H 78 15.90 -12.67 -27.69
N ILE H 79 15.30 -12.06 -26.68
CA ILE H 79 13.87 -11.70 -26.80
C ILE H 79 13.64 -10.24 -26.44
N ASN H 80 12.95 -9.56 -27.33
CA ASN H 80 12.34 -8.24 -27.04
C ASN H 80 10.83 -8.45 -27.01
N PRO H 81 10.21 -8.68 -25.84
CA PRO H 81 8.79 -9.02 -25.80
C PRO H 81 7.88 -7.82 -25.99
N ALA H 82 8.48 -6.62 -26.08
CA ALA H 82 7.74 -5.35 -26.23
C ALA H 82 6.65 -5.30 -25.17
N ALA H 83 5.40 -4.98 -25.52
CA ALA H 83 4.34 -4.81 -24.49
C ALA H 83 4.16 -6.08 -23.65
N PHE H 84 4.42 -7.26 -24.20
CA PHE H 84 4.19 -8.51 -23.46
C PHE H 84 5.18 -8.68 -22.29
N THR H 85 6.25 -7.91 -22.25
CA THR H 85 7.21 -7.90 -21.11
C THR H 85 6.41 -7.72 -19.81
N HIS H 86 5.44 -6.84 -19.86
CA HIS H 86 4.78 -6.31 -18.65
C HIS H 86 3.53 -7.15 -18.31
N THR H 87 3.07 -8.01 -19.20
CA THR H 87 1.75 -8.65 -19.10
C THR H 87 1.78 -10.15 -19.20
N SER H 88 2.74 -10.79 -19.88
CA SER H 88 2.62 -12.21 -20.27
C SER H 88 3.33 -13.13 -19.26
N VAL H 89 2.56 -13.74 -18.38
CA VAL H 89 3.09 -14.86 -17.53
C VAL H 89 3.26 -16.07 -18.45
N ALA H 90 2.42 -16.21 -19.50
CA ALA H 90 2.50 -17.40 -20.37
C ALA H 90 3.87 -17.46 -21.05
N LEU H 91 4.44 -16.31 -21.46
CA LEU H 91 5.77 -16.32 -22.08
C LEU H 91 6.82 -16.72 -21.05
N ARG H 92 6.75 -16.20 -19.84
CA ARG H 92 7.66 -16.59 -18.76
C ARG H 92 7.64 -18.12 -18.60
N ASP H 93 6.44 -18.70 -18.51
CA ASP H 93 6.29 -20.15 -18.28
C ASP H 93 6.78 -20.97 -19.48
N ALA H 94 6.64 -20.44 -20.72
CA ALA H 94 7.20 -21.15 -21.91
C ALA H 94 8.73 -21.19 -21.81
N LEU H 95 9.36 -20.09 -21.48
CA LEU H 95 10.84 -20.00 -21.38
C LEU H 95 11.33 -20.84 -20.20
N LEU H 96 10.63 -20.87 -19.08
CA LEU H 96 11.00 -21.79 -17.95
C LEU H 96 10.86 -23.25 -18.42
N GLY H 97 9.83 -23.55 -19.21
CA GLY H 97 9.52 -24.92 -19.62
C GLY H 97 10.57 -25.50 -20.56
N VAL H 98 11.21 -24.70 -21.43
CA VAL H 98 12.15 -25.25 -22.44
C VAL H 98 13.58 -25.11 -21.96
N ASN H 99 13.83 -24.33 -20.89
CA ASN H 99 15.16 -24.34 -20.23
C ASN H 99 16.29 -23.88 -21.17
N ILE H 100 16.04 -22.91 -22.03
CA ILE H 100 17.10 -22.30 -22.90
C ILE H 100 17.46 -20.95 -22.26
N PRO H 101 18.76 -20.64 -22.08
CA PRO H 101 19.14 -19.34 -21.53
C PRO H 101 18.75 -18.22 -22.51
N PHE H 102 18.39 -17.05 -21.97
CA PHE H 102 17.94 -15.93 -22.81
C PHE H 102 18.40 -14.60 -22.22
N ILE H 103 18.49 -13.62 -23.09
CA ILE H 103 18.72 -12.20 -22.77
C ILE H 103 17.50 -11.42 -23.23
N GLU H 104 17.05 -10.49 -22.37
CA GLU H 104 15.92 -9.60 -22.64
C GLU H 104 16.48 -8.29 -23.19
N VAL H 105 15.95 -7.79 -24.30
CA VAL H 105 16.40 -6.54 -24.95
C VAL H 105 15.23 -5.63 -25.18
N HIS H 106 15.41 -4.33 -24.89
CA HIS H 106 14.45 -3.26 -25.26
C HIS H 106 15.23 -2.17 -25.98
N LEU H 107 14.66 -1.66 -27.07
CA LEU H 107 15.28 -0.54 -27.80
C LEU H 107 15.29 0.70 -26.91
N SER H 108 14.17 0.95 -26.26
CA SER H 108 13.96 2.18 -25.45
C SER H 108 14.33 1.88 -24.00
N ASN H 109 14.59 2.96 -23.26
CA ASN H 109 14.87 2.80 -21.81
C ASN H 109 13.53 2.65 -21.08
N VAL H 110 13.14 1.42 -20.71
CA VAL H 110 11.84 1.14 -20.06
C VAL H 110 11.74 1.89 -18.73
N HIS H 111 12.86 2.22 -18.06
CA HIS H 111 12.85 2.89 -16.75
C HIS H 111 12.55 4.36 -16.88
N ALA H 112 12.61 4.93 -18.08
CA ALA H 112 12.40 6.37 -18.31
C ALA H 112 10.94 6.62 -18.74
N ARG H 113 10.11 5.59 -18.81
CA ARG H 113 8.73 5.72 -19.33
C ARG H 113 7.74 5.52 -18.16
N GLU H 114 6.50 5.14 -18.45
CA GLU H 114 5.48 5.05 -17.38
C GLU H 114 5.88 3.98 -16.39
N SER H 115 5.37 4.10 -15.17
CA SER H 115 5.72 3.18 -14.07
C SER H 115 5.31 1.76 -14.40
N PHE H 116 4.25 1.52 -15.15
CA PHE H 116 3.86 0.10 -15.47
C PHE H 116 4.94 -0.58 -16.30
N ARG H 117 5.81 0.16 -17.00
CA ARG H 117 6.83 -0.46 -17.85
C ARG H 117 8.06 -0.87 -17.00
N HIS H 118 8.08 -0.57 -15.73
CA HIS H 118 9.24 -0.89 -14.87
C HIS H 118 9.21 -2.37 -14.49
N HIS H 119 8.06 -3.02 -14.65
CA HIS H 119 7.90 -4.43 -14.25
C HIS H 119 8.04 -5.35 -15.46
N SER H 120 8.86 -6.39 -15.35
CA SER H 120 9.04 -7.43 -16.39
C SER H 120 8.74 -8.80 -15.81
N TYR H 121 7.95 -9.63 -16.48
CA TYR H 121 7.77 -11.04 -16.10
C TYR H 121 8.98 -11.91 -16.54
N LEU H 122 9.98 -11.33 -17.20
CA LEU H 122 11.15 -12.11 -17.69
C LEU H 122 12.45 -11.71 -16.99
N SER H 123 12.60 -10.47 -16.50
CA SER H 123 13.95 -9.97 -16.13
CA SER H 123 13.95 -9.97 -16.13
C SER H 123 14.59 -10.84 -15.05
N ASP H 124 13.83 -11.36 -14.06
CA ASP H 124 14.43 -12.10 -12.95
C ASP H 124 14.94 -13.48 -13.40
N ILE H 125 14.45 -14.04 -14.53
CA ILE H 125 14.92 -15.36 -15.01
C ILE H 125 15.83 -15.22 -16.25
N ALA H 126 15.97 -14.04 -16.78
CA ALA H 126 16.91 -13.78 -17.90
C ALA H 126 18.35 -13.92 -17.40
N GLN H 127 19.29 -14.27 -18.29
CA GLN H 127 20.71 -14.14 -17.97
C GLN H 127 21.07 -12.67 -17.74
N GLY H 128 20.45 -11.80 -18.51
CA GLY H 128 20.67 -10.35 -18.32
C GLY H 128 19.72 -9.57 -19.17
N VAL H 129 19.76 -8.25 -19.02
CA VAL H 129 18.79 -7.32 -19.65
C VAL H 129 19.57 -6.14 -20.21
N ILE H 130 19.21 -5.73 -21.41
CA ILE H 130 19.78 -4.53 -22.06
C ILE H 130 18.61 -3.62 -22.40
N CYS H 131 18.63 -2.36 -22.01
CA CYS H 131 17.59 -1.44 -22.48
C CYS H 131 18.16 -0.08 -22.81
N GLY H 132 17.52 0.58 -23.79
CA GLY H 132 17.82 1.97 -24.07
C GLY H 132 18.92 2.20 -25.04
N LEU H 133 19.54 1.16 -25.58
CA LEU H 133 20.72 1.35 -26.45
C LEU H 133 20.34 1.19 -27.93
N GLY H 134 19.04 1.23 -28.22
CA GLY H 134 18.52 1.12 -29.58
C GLY H 134 18.85 -0.22 -30.18
N ALA H 135 18.93 -0.27 -31.50
CA ALA H 135 19.13 -1.52 -32.27
C ALA H 135 20.41 -2.25 -31.91
N LYS H 136 21.44 -1.51 -31.50
CA LYS H 136 22.72 -2.14 -31.14
C LYS H 136 22.52 -3.09 -29.96
N GLY H 137 21.48 -2.91 -29.12
CA GLY H 137 21.25 -3.87 -28.03
C GLY H 137 21.14 -5.30 -28.50
N TYR H 138 20.56 -5.56 -29.69
CA TYR H 138 20.49 -6.95 -30.20
C TYR H 138 21.90 -7.47 -30.47
N SER H 139 22.78 -6.64 -31.00
CA SER H 139 24.19 -7.05 -31.31
C SER H 139 24.92 -7.34 -29.98
N PHE H 140 24.73 -6.53 -28.97
CA PHE H 140 25.36 -6.79 -27.65
C PHE H 140 24.84 -8.11 -27.08
N ALA H 141 23.55 -8.39 -27.20
CA ALA H 141 22.99 -9.65 -26.68
C ALA H 141 23.60 -10.83 -27.44
N LEU H 142 23.78 -10.67 -28.76
CA LEU H 142 24.43 -11.73 -29.58
C LEU H 142 25.86 -11.96 -29.08
N GLN H 143 26.63 -10.90 -28.90
CA GLN H 143 28.04 -11.00 -28.43
C GLN H 143 28.06 -11.67 -27.06
N SER H 144 27.13 -11.31 -26.16
CA SER H 144 27.07 -11.91 -24.82
C SER H 144 26.78 -13.40 -24.92
N ALA H 145 25.80 -13.78 -25.74
CA ALA H 145 25.41 -15.19 -25.93
C ALA H 145 26.61 -16.00 -26.39
N ILE H 146 27.35 -15.49 -27.37
CA ILE H 146 28.53 -16.23 -27.89
C ILE H 146 29.53 -16.42 -26.76
N GLY H 147 29.81 -15.38 -25.98
CA GLY H 147 30.79 -15.46 -24.88
C GLY H 147 30.31 -16.44 -23.81
N LYS H 148 29.02 -16.42 -23.48
CA LYS H 148 28.44 -17.28 -22.41
C LYS H 148 28.49 -18.73 -22.87
N LEU H 149 28.26 -19.03 -24.16
CA LEU H 149 28.23 -20.43 -24.63
C LEU H 149 29.64 -20.97 -24.92
N ARG H 150 30.56 -20.14 -25.40
CA ARG H 150 31.91 -20.62 -25.83
C ARG H 150 32.93 -20.38 -24.71
N ASN H 151 32.52 -19.74 -23.63
CA ASN H 151 33.37 -19.39 -22.46
C ASN H 151 34.51 -18.47 -22.95
N ILE H 152 34.13 -17.39 -23.63
CA ILE H 152 35.04 -16.33 -24.18
C ILE H 152 34.38 -14.95 -23.96
N HIS I 3 12.33 58.02 -10.01
CA HIS I 3 12.98 56.85 -9.28
C HIS I 3 11.90 55.94 -8.66
N MET I 4 10.65 56.39 -8.67
CA MET I 4 9.45 55.67 -8.15
C MET I 4 9.40 54.22 -8.68
N THR I 5 9.06 53.25 -7.85
CA THR I 5 8.64 51.89 -8.27
C THR I 5 7.21 51.92 -8.83
N GLN I 6 6.86 50.95 -9.66
CA GLN I 6 5.46 50.67 -10.03
C GLN I 6 4.78 50.01 -8.83
N GLN I 7 3.56 50.44 -8.49
CA GLN I 7 2.83 49.85 -7.36
C GLN I 7 2.55 48.36 -7.66
N ILE I 8 2.72 47.51 -6.66
CA ILE I 8 2.29 46.09 -6.75
C ILE I 8 0.98 45.96 -5.98
N LYS I 9 0.03 45.18 -6.49
CA LYS I 9 -1.20 44.81 -5.76
C LYS I 9 -1.04 43.36 -5.32
N LEU I 10 -1.04 43.15 -4.01
CA LEU I 10 -0.85 41.80 -3.45
C LEU I 10 -2.06 41.44 -2.60
N LEU I 11 -2.56 40.21 -2.75
CA LEU I 11 -3.70 39.70 -2.00
C LEU I 11 -3.19 38.59 -1.05
N VAL I 12 -3.53 38.71 0.23
CA VAL I 12 -3.25 37.68 1.24
C VAL I 12 -4.59 36.97 1.54
N LEU I 13 -4.59 35.66 1.43
CA LEU I 13 -5.75 34.82 1.73
C LEU I 13 -5.45 33.91 2.91
N ASN I 14 -6.36 33.87 3.86
CA ASN I 14 -6.25 33.02 5.06
C ASN I 14 -7.47 32.11 5.14
N GLY I 15 -7.24 30.82 5.35
CA GLY I 15 -8.32 29.83 5.43
C GLY I 15 -8.90 29.66 6.82
N PRO I 16 -9.61 28.53 7.00
CA PRO I 16 -10.49 28.34 8.14
C PRO I 16 -9.71 28.28 9.44
N ASN I 17 -10.40 28.71 10.51
CA ASN I 17 -9.95 28.60 11.91
C ASN I 17 -8.85 29.59 12.25
N LEU I 18 -8.25 30.31 11.27
CA LEU I 18 -7.15 31.25 11.58
C LEU I 18 -7.70 32.48 12.30
N ASN I 19 -9.03 32.72 12.22
CA ASN I 19 -9.66 33.78 13.05
C ASN I 19 -9.47 33.46 14.54
N LEU I 20 -9.16 32.22 14.95
CA LEU I 20 -9.02 31.88 16.39
C LEU I 20 -7.63 32.30 16.93
N LEU I 21 -6.70 32.72 16.08
CA LEU I 21 -5.32 33.03 16.53
C LEU I 21 -5.38 34.04 17.69
N GLY I 22 -4.66 33.74 18.76
CA GLY I 22 -4.54 34.64 19.93
C GLY I 22 -5.62 34.37 20.97
N GLN I 23 -6.62 33.51 20.72
CA GLN I 23 -7.80 33.41 21.62
C GLN I 23 -7.58 32.37 22.73
N ARG I 24 -7.10 31.16 22.41
CA ARG I 24 -7.10 30.05 23.40
C ARG I 24 -5.78 30.01 24.18
N GLU I 25 -5.89 30.11 25.52
CA GLU I 25 -4.76 30.04 26.48
C GLU I 25 -3.62 30.90 25.93
N PRO I 26 -3.81 32.25 25.86
CA PRO I 26 -2.80 33.14 25.28
C PRO I 26 -1.41 33.03 25.94
N GLU I 27 -1.35 32.77 27.26
CA GLU I 27 -0.10 32.58 28.05
C GLU I 27 0.67 31.34 27.53
N VAL I 28 -0.02 30.36 26.94
CA VAL I 28 0.56 29.06 26.48
C VAL I 28 0.82 29.09 24.96
N TYR I 29 -0.19 29.45 24.15
CA TYR I 29 -0.19 29.26 22.66
C TYR I 29 0.15 30.55 21.91
N GLY I 30 0.22 31.71 22.59
CA GLY I 30 0.59 33.00 21.98
C GLY I 30 -0.59 33.97 21.92
N SER I 31 -0.29 35.27 21.85
CA SER I 31 -1.22 36.39 22.11
C SER I 31 -1.58 37.15 20.81
N LYS I 32 -0.79 37.04 19.74
CA LYS I 32 -1.02 37.83 18.49
C LYS I 32 -2.30 37.35 17.78
N THR I 33 -3.16 38.27 17.38
CA THR I 33 -4.36 37.91 16.58
C THR I 33 -4.03 38.02 15.08
N LEU I 34 -4.87 37.44 14.25
CA LEU I 34 -4.66 37.59 12.80
C LEU I 34 -4.76 39.06 12.41
N ASP I 35 -5.69 39.82 13.01
CA ASP I 35 -5.82 41.26 12.72
C ASP I 35 -4.49 41.98 13.02
N ASP I 36 -3.83 41.65 14.14
CA ASP I 36 -2.51 42.25 14.49
C ASP I 36 -1.51 41.95 13.36
N ILE I 37 -1.45 40.70 12.92
CA ILE I 37 -0.46 40.25 11.90
C ILE I 37 -0.72 41.04 10.60
N ILE I 38 -1.98 41.11 10.18
CA ILE I 38 -2.32 41.73 8.87
C ILE I 38 -2.15 43.25 8.93
N LYS I 39 -2.47 43.90 10.08
CA LYS I 39 -2.21 45.35 10.19
C LYS I 39 -0.72 45.62 10.01
N ALA I 40 0.14 44.87 10.69
CA ALA I 40 1.61 45.07 10.60
C ALA I 40 2.08 44.78 9.16
N LEU I 41 1.56 43.73 8.54
CA LEU I 41 2.00 43.32 7.17
C LEU I 41 1.55 44.38 6.16
N THR I 42 0.37 44.95 6.34
CA THR I 42 -0.16 45.99 5.42
C THR I 42 0.76 47.21 5.47
N ASP I 43 1.16 47.61 6.67
CA ASP I 43 2.11 48.73 6.88
C ASP I 43 3.49 48.41 6.27
N GLU I 44 4.02 47.19 6.46
CA GLU I 44 5.30 46.76 5.87
C GLU I 44 5.21 46.89 4.34
N ALA I 45 4.10 46.41 3.76
CA ALA I 45 3.92 46.43 2.30
C ALA I 45 3.88 47.88 1.80
N ALA I 46 3.13 48.74 2.49
CA ALA I 46 2.93 50.15 2.10
C ALA I 46 4.27 50.87 2.01
N LEU I 47 5.23 50.56 2.86
CA LEU I 47 6.56 51.23 2.81
C LEU I 47 7.30 50.91 1.51
N GLN I 48 6.95 49.79 0.85
CA GLN I 48 7.62 49.36 -0.41
C GLN I 48 6.66 49.52 -1.60
N ASN I 49 5.67 50.39 -1.49
CA ASN I 49 4.73 50.69 -2.59
C ASN I 49 4.01 49.41 -3.02
N VAL I 50 3.58 48.63 -2.05
CA VAL I 50 2.70 47.46 -2.25
C VAL I 50 1.38 47.74 -1.57
N ALA I 51 0.28 47.66 -2.33
CA ALA I 51 -1.09 47.76 -1.81
C ALA I 51 -1.55 46.35 -1.46
N LEU I 52 -1.67 46.05 -0.18
CA LEU I 52 -1.97 44.69 0.31
C LEU I 52 -3.44 44.61 0.71
N SER I 53 -4.16 43.68 0.11
CA SER I 53 -5.55 43.35 0.42
C SER I 53 -5.58 41.99 1.12
N HIS I 54 -6.63 41.75 1.91
CA HIS I 54 -6.66 40.54 2.77
C HIS I 54 -8.08 40.02 2.88
N LEU I 55 -8.22 38.71 2.86
CA LEU I 55 -9.47 38.04 3.24
C LEU I 55 -9.08 36.80 4.07
N GLN I 56 -9.69 36.68 5.23
CA GLN I 56 -9.72 35.41 5.98
C GLN I 56 -11.14 34.90 5.94
N SER I 57 -11.31 33.62 5.73
CA SER I 57 -12.67 33.04 5.71
C SER I 57 -12.70 31.60 6.14
N ASN I 58 -13.81 31.23 6.76
CA ASN I 58 -14.13 29.80 7.01
C ASN I 58 -14.92 29.21 5.85
N ARG I 59 -15.21 30.02 4.83
CA ARG I 59 -16.07 29.65 3.69
C ARG I 59 -15.14 29.42 2.49
N GLU I 60 -15.02 28.19 2.06
CA GLU I 60 -14.19 27.84 0.88
C GLU I 60 -14.62 28.72 -0.31
N TYR I 61 -15.94 28.93 -0.49
CA TYR I 61 -16.41 29.66 -1.67
C TYR I 61 -15.90 31.09 -1.64
N GLU I 62 -15.76 31.70 -0.46
CA GLU I 62 -15.33 33.11 -0.39
C GLU I 62 -13.89 33.21 -0.88
N LEU I 63 -13.05 32.23 -0.53
CA LEU I 63 -11.66 32.22 -0.98
C LEU I 63 -11.63 32.02 -2.50
N ILE I 64 -12.39 31.06 -3.01
CA ILE I 64 -12.41 30.78 -4.47
C ILE I 64 -12.86 32.04 -5.21
N GLU I 65 -13.93 32.68 -4.75
CA GLU I 65 -14.50 33.84 -5.48
C GLU I 65 -13.54 35.01 -5.38
N LYS I 66 -12.81 35.17 -4.28
CA LYS I 66 -11.82 36.25 -4.16
C LYS I 66 -10.67 36.03 -5.16
N ILE I 67 -10.26 34.78 -5.36
CA ILE I 67 -9.21 34.46 -6.36
C ILE I 67 -9.75 34.76 -7.75
N HIS I 68 -11.00 34.41 -8.05
CA HIS I 68 -11.57 34.74 -9.37
C HIS I 68 -11.53 36.25 -9.60
N ASP I 69 -11.92 37.00 -8.56
CA ASP I 69 -12.00 38.48 -8.63
C ASP I 69 -10.61 39.11 -8.78
N ALA I 70 -9.53 38.41 -8.41
CA ALA I 70 -8.14 38.89 -8.51
C ALA I 70 -7.66 38.92 -9.96
N PHE I 71 -8.31 38.18 -10.85
CA PHE I 71 -7.85 38.06 -12.27
C PHE I 71 -7.65 39.47 -12.88
N GLU I 72 -6.49 39.69 -13.48
CA GLU I 72 -6.09 40.96 -14.17
C GLU I 72 -6.08 42.15 -13.21
N LYS I 73 -6.11 41.96 -11.90
CA LYS I 73 -6.11 43.09 -10.93
C LYS I 73 -4.93 42.90 -9.95
N ILE I 74 -4.67 41.67 -9.56
CA ILE I 74 -3.68 41.37 -8.50
C ILE I 74 -2.42 40.78 -9.15
N ASP I 75 -1.27 41.18 -8.65
CA ASP I 75 0.06 40.75 -9.18
C ASP I 75 0.56 39.47 -8.49
N PHE I 76 0.16 39.22 -7.24
CA PHE I 76 0.77 38.10 -6.47
C PHE I 76 -0.20 37.76 -5.34
N ILE I 77 -0.24 36.48 -4.98
CA ILE I 77 -1.05 36.00 -3.83
C ILE I 77 -0.14 35.34 -2.79
N ILE I 78 -0.39 35.64 -1.52
CA ILE I 78 0.15 34.88 -0.39
C ILE I 78 -1.03 34.13 0.22
N ILE I 79 -0.94 32.81 0.35
CA ILE I 79 -2.10 32.05 0.85
C ILE I 79 -1.65 31.12 1.98
N ASN I 80 -2.40 31.18 3.07
CA ASN I 80 -2.36 30.17 4.14
C ASN I 80 -3.70 29.46 4.11
N PRO I 81 -3.86 28.34 3.41
CA PRO I 81 -5.16 27.70 3.26
C PRO I 81 -5.61 26.95 4.51
N ALA I 82 -4.72 26.85 5.51
CA ALA I 82 -5.01 26.11 6.75
C ALA I 82 -5.52 24.72 6.39
N ALA I 83 -6.57 24.22 6.98
CA ALA I 83 -7.04 22.84 6.73
C ALA I 83 -7.30 22.58 5.25
N PHE I 84 -7.70 23.59 4.47
CA PHE I 84 -8.03 23.39 3.04
C PHE I 84 -6.80 23.02 2.21
N THR I 85 -5.59 23.25 2.73
CA THR I 85 -4.34 22.82 2.08
C THR I 85 -4.46 21.32 1.68
N HIS I 86 -5.03 20.53 2.58
CA HIS I 86 -4.98 19.07 2.51
C HIS I 86 -6.16 18.50 1.73
N THR I 87 -7.19 19.30 1.48
CA THR I 87 -8.51 18.81 1.04
C THR I 87 -9.02 19.49 -0.24
N SER I 88 -8.64 20.71 -0.53
CA SER I 88 -9.38 21.51 -1.56
C SER I 88 -8.66 21.45 -2.91
N VAL I 89 -9.15 20.62 -3.80
CA VAL I 89 -8.77 20.66 -5.23
C VAL I 89 -9.39 21.93 -5.83
N ALA I 90 -10.56 22.36 -5.35
CA ALA I 90 -11.23 23.55 -5.94
C ALA I 90 -10.31 24.79 -5.80
N LEU I 91 -9.62 24.95 -4.68
CA LEU I 91 -8.71 26.11 -4.50
CA LEU I 91 -8.72 26.12 -4.50
C LEU I 91 -7.53 25.98 -5.46
N ARG I 92 -6.96 24.78 -5.60
CA ARG I 92 -5.89 24.57 -6.59
C ARG I 92 -6.35 25.02 -7.97
N ASP I 93 -7.52 24.58 -8.38
CA ASP I 93 -8.04 24.88 -9.73
C ASP I 93 -8.39 26.37 -9.87
N ALA I 94 -8.81 27.06 -8.81
CA ALA I 94 -9.02 28.53 -8.86
C ALA I 94 -7.68 29.22 -9.14
N LEU I 95 -6.62 28.85 -8.42
CA LEU I 95 -5.30 29.50 -8.57
C LEU I 95 -4.72 29.17 -9.96
N LEU I 96 -4.88 27.94 -10.45
CA LEU I 96 -4.43 27.58 -11.82
C LEU I 96 -5.25 28.38 -12.85
N GLY I 97 -6.52 28.57 -12.59
CA GLY I 97 -7.45 29.26 -13.53
C GLY I 97 -7.12 30.71 -13.71
N VAL I 98 -6.64 31.42 -12.71
CA VAL I 98 -6.39 32.88 -12.83
C VAL I 98 -4.91 33.14 -13.13
N ASN I 99 -4.05 32.15 -12.92
CA ASN I 99 -2.62 32.19 -13.34
C ASN I 99 -1.88 33.36 -12.69
N ILE I 100 -2.13 33.61 -11.41
CA ILE I 100 -1.37 34.60 -10.62
C ILE I 100 -0.39 33.79 -9.75
N PRO I 101 0.90 34.17 -9.71
CA PRO I 101 1.88 33.45 -8.91
C PRO I 101 1.54 33.58 -7.41
N PHE I 102 1.84 32.55 -6.63
CA PHE I 102 1.52 32.57 -5.19
C PHE I 102 2.60 31.83 -4.40
N ILE I 103 2.66 32.20 -3.12
CA ILE I 103 3.47 31.50 -2.10
C ILE I 103 2.51 30.97 -1.05
N GLU I 104 2.75 29.73 -0.62
CA GLU I 104 1.97 29.04 0.42
C GLU I 104 2.68 29.24 1.75
N VAL I 105 1.95 29.67 2.78
CA VAL I 105 2.51 29.92 4.13
C VAL I 105 1.70 29.15 5.15
N HIS I 106 2.37 28.55 6.13
CA HIS I 106 1.73 27.96 7.32
C HIS I 106 2.45 28.50 8.56
N LEU I 107 1.70 28.86 9.60
CA LEU I 107 2.34 29.33 10.85
C LEU I 107 3.11 28.17 11.51
N SER I 108 2.47 27.03 11.56
CA SER I 108 3.02 25.82 12.24
C SER I 108 3.76 24.95 11.20
N ASN I 109 4.62 24.07 11.70
CA ASN I 109 5.35 23.12 10.83
C ASN I 109 4.43 21.96 10.48
N VAL I 110 3.85 21.96 9.29
CA VAL I 110 2.89 20.88 8.85
C VAL I 110 3.57 19.51 8.88
N HIS I 111 4.89 19.44 8.72
CA HIS I 111 5.62 18.13 8.67
C HIS I 111 5.80 17.53 10.04
N ALA I 112 5.56 18.29 11.11
CA ALA I 112 5.73 17.84 12.49
C ALA I 112 4.41 17.33 13.06
N ARG I 113 3.34 17.31 12.28
CA ARG I 113 1.99 16.98 12.79
C ARG I 113 1.54 15.64 12.23
N GLU I 114 0.23 15.38 12.15
CA GLU I 114 -0.25 14.09 11.63
C GLU I 114 0.19 13.91 10.18
N SER I 115 0.31 12.64 9.77
CA SER I 115 0.74 12.32 8.40
C SER I 115 -0.21 12.89 7.35
N PHE I 116 -1.52 13.04 7.62
CA PHE I 116 -2.42 13.58 6.59
C PHE I 116 -2.04 15.03 6.25
N ARG I 117 -1.34 15.74 7.12
CA ARG I 117 -1.00 17.15 6.88
C ARG I 117 0.23 17.26 5.98
N HIS I 118 0.88 16.15 5.63
CA HIS I 118 2.10 16.19 4.81
C HIS I 118 1.73 16.44 3.35
N HIS I 119 0.48 16.25 2.99
CA HIS I 119 -0.01 16.44 1.60
C HIS I 119 -0.65 17.80 1.41
N SER I 120 -0.24 18.52 0.38
CA SER I 120 -0.82 19.85 0.00
C SER I 120 -1.28 19.77 -1.46
N TYR I 121 -2.50 20.23 -1.75
CA TYR I 121 -2.95 20.40 -3.13
C TYR I 121 -2.37 21.66 -3.77
N LEU I 122 -1.58 22.47 -3.06
CA LEU I 122 -1.02 23.70 -3.62
C LEU I 122 0.49 23.65 -3.74
N SER I 123 1.23 22.85 -2.91
CA SER I 123 2.68 23.06 -2.84
C SER I 123 3.36 22.86 -4.17
N ASP I 124 2.92 21.90 -5.01
CA ASP I 124 3.62 21.61 -6.26
C ASP I 124 3.46 22.73 -7.30
N ILE I 125 2.43 23.60 -7.16
CA ILE I 125 2.21 24.70 -8.14
C ILE I 125 2.56 26.06 -7.52
N ALA I 126 2.85 26.11 -6.23
CA ALA I 126 3.32 27.34 -5.57
C ALA I 126 4.68 27.75 -6.10
N GLN I 127 5.02 29.03 -6.08
CA GLN I 127 6.39 29.47 -6.34
C GLN I 127 7.29 28.95 -5.20
N GLY I 128 6.76 28.90 -4.00
CA GLY I 128 7.48 28.30 -2.87
C GLY I 128 6.59 28.19 -1.66
N VAL I 129 7.16 27.62 -0.58
CA VAL I 129 6.36 27.22 0.61
C VAL I 129 7.19 27.59 1.83
N ILE I 130 6.53 28.17 2.83
CA ILE I 130 7.16 28.51 4.13
C ILE I 130 6.31 27.86 5.19
N CYS I 131 6.93 27.07 6.09
CA CYS I 131 6.10 26.58 7.22
C CYS I 131 6.90 26.60 8.51
N GLY I 132 6.18 26.82 9.61
CA GLY I 132 6.77 26.67 10.94
C GLY I 132 7.41 27.92 11.47
N LEU I 133 7.41 29.03 10.74
CA LEU I 133 8.17 30.22 11.16
C LEU I 133 7.21 31.27 11.75
N GLY I 134 6.01 30.88 12.06
CA GLY I 134 5.04 31.76 12.73
C GLY I 134 4.64 32.89 11.79
N ALA I 135 4.22 34.02 12.39
CA ALA I 135 3.71 35.18 11.64
C ALA I 135 4.74 35.76 10.71
N LYS I 136 6.03 35.64 11.01
CA LYS I 136 7.09 36.18 10.13
C LYS I 136 7.01 35.54 8.75
N GLY I 137 6.45 34.32 8.62
CA GLY I 137 6.34 33.71 7.30
C GLY I 137 5.62 34.58 6.28
N TYR I 138 4.60 35.34 6.72
CA TYR I 138 3.87 36.22 5.77
C TYR I 138 4.80 37.33 5.29
N SER I 139 5.62 37.89 6.18
CA SER I 139 6.60 38.94 5.82
CA SER I 139 6.61 38.94 5.82
C SER I 139 7.63 38.38 4.84
N PHE I 140 8.12 37.17 5.05
CA PHE I 140 9.08 36.55 4.11
C PHE I 140 8.43 36.38 2.74
N ALA I 141 7.19 35.92 2.71
CA ALA I 141 6.46 35.72 1.45
C ALA I 141 6.31 37.08 0.72
N LEU I 142 6.01 38.15 1.48
CA LEU I 142 5.87 39.51 0.91
C LEU I 142 7.21 39.95 0.30
N GLN I 143 8.29 39.76 1.02
CA GLN I 143 9.65 40.15 0.55
C GLN I 143 10.00 39.36 -0.70
N SER I 144 9.68 38.06 -0.72
CA SER I 144 9.93 37.21 -1.90
C SER I 144 9.13 37.71 -3.11
N ALA I 145 7.85 37.99 -2.91
CA ALA I 145 6.98 38.50 -3.98
C ALA I 145 7.56 39.78 -4.58
N ILE I 146 7.97 40.72 -3.74
CA ILE I 146 8.51 42.01 -4.21
C ILE I 146 9.74 41.73 -5.06
N GLY I 147 10.65 40.87 -4.60
CA GLY I 147 11.87 40.55 -5.36
C GLY I 147 11.55 39.86 -6.67
N LYS I 148 10.57 38.94 -6.67
CA LYS I 148 10.20 38.16 -7.87
C LYS I 148 9.58 39.13 -8.89
N LEU I 149 8.81 40.12 -8.47
CA LEU I 149 8.11 41.02 -9.41
C LEU I 149 9.03 42.16 -9.88
N ARG I 150 9.92 42.66 -9.03
CA ARG I 150 10.76 43.84 -9.35
C ARG I 150 12.14 43.40 -9.86
N ASN I 151 12.42 42.10 -9.81
CA ASN I 151 13.71 41.48 -10.22
C ASN I 151 14.82 42.03 -9.31
N ILE I 152 14.61 41.94 -7.99
CA ILE I 152 15.54 42.39 -6.91
C ILE I 152 15.53 41.34 -5.78
N SER J 2 -49.87 -1.74 24.18
CA SER J 2 -51.04 -2.20 25.00
C SER J 2 -50.75 -3.59 25.58
N HIS J 3 -50.14 -4.49 24.81
CA HIS J 3 -49.90 -5.90 25.22
C HIS J 3 -48.68 -5.98 26.14
N MET J 4 -48.74 -6.85 27.14
CA MET J 4 -47.57 -7.27 27.97
C MET J 4 -46.41 -7.73 27.07
N THR J 5 -45.16 -7.39 27.37
CA THR J 5 -44.03 -7.71 26.48
C THR J 5 -43.66 -9.18 26.59
N GLN J 6 -43.17 -9.74 25.48
CA GLN J 6 -42.51 -11.07 25.49
C GLN J 6 -41.12 -10.87 26.11
N GLN J 7 -40.71 -11.79 26.98
CA GLN J 7 -39.37 -11.72 27.60
C GLN J 7 -38.29 -11.84 26.51
N ILE J 8 -37.27 -11.00 26.61
CA ILE J 8 -36.07 -11.08 25.76
C ILE J 8 -34.99 -11.79 26.56
N LYS J 9 -34.25 -12.70 25.90
CA LYS J 9 -33.04 -13.31 26.49
C LYS J 9 -31.87 -12.65 25.82
N LEU J 10 -31.03 -12.01 26.61
CA LEU J 10 -29.87 -11.27 26.08
C LEU J 10 -28.61 -11.82 26.75
N LEU J 11 -27.55 -12.05 25.96
CA LEU J 11 -26.26 -12.52 26.45
C LEU J 11 -25.22 -11.42 26.27
N VAL J 12 -24.50 -11.13 27.31
CA VAL J 12 -23.36 -10.18 27.31
C VAL J 12 -22.09 -11.02 27.35
N LEU J 13 -21.18 -10.78 26.41
CA LEU J 13 -19.89 -11.45 26.34
C LEU J 13 -18.77 -10.45 26.48
N ASN J 14 -17.83 -10.75 27.35
CA ASN J 14 -16.66 -9.89 27.61
C ASN J 14 -15.39 -10.71 27.34
N GLY J 15 -14.47 -10.12 26.57
CA GLY J 15 -13.22 -10.75 26.18
C GLY J 15 -12.11 -10.54 27.19
N PRO J 16 -10.90 -10.80 26.70
CA PRO J 16 -9.74 -10.97 27.59
C PRO J 16 -9.36 -9.67 28.26
N ASN J 17 -8.81 -9.81 29.47
CA ASN J 17 -8.24 -8.72 30.28
C ASN J 17 -9.31 -7.85 30.93
N LEU J 18 -10.60 -8.03 30.61
CA LEU J 18 -11.63 -7.13 31.19
C LEU J 18 -11.90 -7.56 32.64
N ASN J 19 -11.46 -8.73 33.06
CA ASN J 19 -11.46 -9.12 34.49
C ASN J 19 -10.58 -8.14 35.29
N LEU J 20 -9.65 -7.41 34.69
CA LEU J 20 -8.74 -6.49 35.42
C LEU J 20 -9.47 -5.16 35.76
N LEU J 21 -10.65 -4.91 35.23
CA LEU J 21 -11.35 -3.61 35.48
C LEU J 21 -11.46 -3.37 37.00
N GLY J 22 -11.04 -2.17 37.42
CA GLY J 22 -11.11 -1.74 38.82
C GLY J 22 -9.92 -2.13 39.66
N GLN J 23 -8.97 -2.92 39.14
CA GLN J 23 -7.82 -3.41 39.96
CA GLN J 23 -7.82 -3.42 39.95
C GLN J 23 -6.64 -2.42 39.91
N ARG J 24 -6.25 -1.94 38.72
CA ARG J 24 -4.92 -1.27 38.58
C ARG J 24 -5.06 0.25 38.78
N GLU J 25 -4.31 0.79 39.76
CA GLU J 25 -4.23 2.24 40.08
C GLU J 25 -5.67 2.79 40.12
N PRO J 26 -6.50 2.33 41.09
CA PRO J 26 -7.92 2.69 41.12
C PRO J 26 -8.18 4.22 41.17
N GLU J 27 -7.29 4.98 41.83
CA GLU J 27 -7.33 6.47 41.93
C GLU J 27 -7.18 7.10 40.54
N VAL J 28 -6.52 6.43 39.59
CA VAL J 28 -6.20 6.95 38.22
C VAL J 28 -7.21 6.39 37.19
N TYR J 29 -7.42 5.07 37.13
CA TYR J 29 -8.13 4.37 36.03
C TYR J 29 -9.59 4.04 36.40
N GLY J 30 -9.99 4.21 37.66
CA GLY J 30 -11.37 3.94 38.12
C GLY J 30 -11.45 2.72 39.02
N SER J 31 -12.53 2.65 39.80
CA SER J 31 -12.76 1.67 40.89
CA SER J 31 -12.76 1.66 40.89
C SER J 31 -13.82 0.61 40.51
N LYS J 32 -14.65 0.84 39.48
CA LYS J 32 -15.75 -0.09 39.10
C LYS J 32 -15.21 -1.42 38.56
N THR J 33 -15.69 -2.54 39.08
CA THR J 33 -15.27 -3.87 38.59
C THR J 33 -16.27 -4.32 37.51
N LEU J 34 -15.88 -5.33 36.75
CA LEU J 34 -16.84 -5.86 35.76
C LEU J 34 -18.05 -6.46 36.47
N ASP J 35 -17.86 -7.11 37.62
CA ASP J 35 -19.00 -7.65 38.39
C ASP J 35 -19.98 -6.53 38.76
N ASP J 36 -19.47 -5.38 39.20
CA ASP J 36 -20.32 -4.20 39.52
C ASP J 36 -21.14 -3.80 38.27
N ILE J 37 -20.49 -3.70 37.12
CA ILE J 37 -21.11 -3.28 35.84
C ILE J 37 -22.23 -4.27 35.49
N ILE J 38 -21.94 -5.55 35.58
CA ILE J 38 -22.90 -6.60 35.13
C ILE J 38 -24.06 -6.70 36.11
N LYS J 39 -23.81 -6.55 37.41
CA LYS J 39 -24.92 -6.56 38.41
CA LYS J 39 -24.92 -6.56 38.41
C LYS J 39 -25.88 -5.40 38.09
N ALA J 40 -25.37 -4.20 37.85
CA ALA J 40 -26.21 -3.03 37.55
C ALA J 40 -26.97 -3.25 36.22
N LEU J 41 -26.29 -3.81 35.21
CA LEU J 41 -26.92 -4.01 33.90
C LEU J 41 -28.03 -5.08 33.97
N THR J 42 -27.80 -6.12 34.78
CA THR J 42 -28.78 -7.20 34.97
C THR J 42 -30.06 -6.62 35.62
N ASP J 43 -29.88 -5.77 36.61
CA ASP J 43 -31.03 -5.06 37.26
C ASP J 43 -31.77 -4.15 36.25
N GLU J 44 -31.03 -3.37 35.44
CA GLU J 44 -31.64 -2.51 34.42
C GLU J 44 -32.47 -3.36 33.45
N ALA J 45 -31.90 -4.48 33.00
CA ALA J 45 -32.55 -5.37 32.02
C ALA J 45 -33.85 -5.94 32.62
N ALA J 46 -33.79 -6.39 33.86
CA ALA J 46 -34.92 -7.06 34.53
C ALA J 46 -36.13 -6.12 34.60
N LEU J 47 -35.92 -4.82 34.75
CA LEU J 47 -37.07 -3.87 34.81
C LEU J 47 -37.80 -3.80 33.47
N GLN J 48 -37.15 -4.20 32.36
CA GLN J 48 -37.74 -4.15 31.00
C GLN J 48 -38.00 -5.57 30.50
N ASN J 49 -38.14 -6.53 31.39
CA ASN J 49 -38.49 -7.92 31.01
C ASN J 49 -37.42 -8.48 30.05
N VAL J 50 -36.17 -8.23 30.40
CA VAL J 50 -35.00 -8.83 29.72
C VAL J 50 -34.27 -9.67 30.75
N ALA J 51 -34.06 -10.94 30.41
CA ALA J 51 -33.25 -11.88 31.21
C ALA J 51 -31.83 -11.82 30.65
N LEU J 52 -30.92 -11.25 31.41
CA LEU J 52 -29.52 -11.00 30.95
C LEU J 52 -28.58 -12.03 31.53
N SER J 53 -27.86 -12.72 30.66
CA SER J 53 -26.82 -13.69 31.03
C SER J 53 -25.47 -13.10 30.62
N HIS J 54 -24.39 -13.57 31.25
CA HIS J 54 -23.05 -12.97 31.07
C HIS J 54 -21.97 -14.01 31.12
N LEU J 55 -20.94 -13.86 30.31
CA LEU J 55 -19.67 -14.56 30.43
C LEU J 55 -18.56 -13.60 30.11
N GLN J 56 -17.56 -13.54 31.02
CA GLN J 56 -16.25 -12.91 30.68
C GLN J 56 -15.22 -14.05 30.61
N SER J 57 -14.35 -14.03 29.63
CA SER J 57 -13.29 -15.05 29.58
C SER J 57 -12.04 -14.52 28.89
N ASN J 58 -10.90 -15.06 29.35
CA ASN J 58 -9.60 -14.90 28.64
C ASN J 58 -9.41 -16.02 27.63
N ARG J 59 -10.36 -16.96 27.53
CA ARG J 59 -10.26 -18.17 26.72
C ARG J 59 -11.17 -17.96 25.51
N GLU J 60 -10.57 -17.78 24.33
CA GLU J 60 -11.36 -17.58 23.09
C GLU J 60 -12.36 -18.72 22.96
N TYR J 61 -12.01 -19.94 23.24
CA TYR J 61 -12.93 -21.09 23.03
C TYR J 61 -14.16 -20.96 23.90
N GLU J 62 -14.05 -20.39 25.10
CA GLU J 62 -15.23 -20.28 26.00
C GLU J 62 -16.23 -19.32 25.39
N LEU J 63 -15.74 -18.24 24.78
CA LEU J 63 -16.61 -17.26 24.11
C LEU J 63 -17.28 -17.92 22.89
N ILE J 64 -16.49 -18.64 22.08
CA ILE J 64 -17.05 -19.31 20.89
C ILE J 64 -18.13 -20.30 21.33
N GLU J 65 -17.84 -21.13 22.32
CA GLU J 65 -18.76 -22.20 22.78
C GLU J 65 -20.01 -21.59 23.40
N LYS J 66 -19.88 -20.44 24.06
CA LYS J 66 -21.06 -19.78 24.67
C LYS J 66 -21.95 -19.22 23.53
N ILE J 67 -21.36 -18.74 22.45
CA ILE J 67 -22.12 -18.28 21.26
C ILE J 67 -22.84 -19.48 20.66
N HIS J 68 -22.14 -20.62 20.51
CA HIS J 68 -22.81 -21.81 19.95
C HIS J 68 -24.00 -22.23 20.82
N ASP J 69 -23.82 -22.19 22.13
CA ASP J 69 -24.89 -22.58 23.10
C ASP J 69 -26.08 -21.61 23.04
N ALA J 70 -25.90 -20.39 22.54
CA ALA J 70 -26.94 -19.34 22.44
C ALA J 70 -27.92 -19.64 21.31
N PHE J 71 -27.55 -20.51 20.37
CA PHE J 71 -28.38 -20.78 19.16
C PHE J 71 -29.79 -21.18 19.59
N GLU J 72 -30.78 -20.53 19.02
CA GLU J 72 -32.24 -20.73 19.22
C GLU J 72 -32.65 -20.51 20.69
N LYS J 73 -31.83 -19.86 21.52
CA LYS J 73 -32.18 -19.58 22.93
C LYS J 73 -32.06 -18.09 23.22
N ILE J 74 -31.10 -17.43 22.62
CA ILE J 74 -30.78 -16.01 22.90
C ILE J 74 -31.28 -15.13 21.76
N ASP J 75 -31.88 -14.00 22.09
CA ASP J 75 -32.45 -13.05 21.08
C ASP J 75 -31.43 -12.02 20.61
N PHE J 76 -30.43 -11.69 21.41
CA PHE J 76 -29.50 -10.59 21.10
C PHE J 76 -28.24 -10.78 21.92
N ILE J 77 -27.12 -10.36 21.38
CA ILE J 77 -25.82 -10.40 22.07
C ILE J 77 -25.24 -8.98 22.15
N ILE J 78 -24.70 -8.65 23.31
CA ILE J 78 -23.82 -7.48 23.46
C ILE J 78 -22.41 -8.04 23.70
N ILE J 79 -21.46 -7.63 22.90
CA ILE J 79 -20.09 -8.20 23.04
C ILE J 79 -19.06 -7.08 23.09
N ASN J 80 -18.20 -7.18 24.09
CA ASN J 80 -16.95 -6.39 24.15
C ASN J 80 -15.82 -7.40 23.97
N PRO J 81 -15.32 -7.62 22.75
CA PRO J 81 -14.35 -8.66 22.48
C PRO J 81 -12.95 -8.28 22.94
N ALA J 82 -12.78 -7.04 23.37
CA ALA J 82 -11.49 -6.48 23.82
C ALA J 82 -10.45 -6.81 22.72
N ALA J 83 -9.29 -7.30 23.05
CA ALA J 83 -8.22 -7.53 22.05
C ALA J 83 -8.67 -8.46 20.90
N PHE J 84 -9.59 -9.37 21.14
CA PHE J 84 -10.04 -10.32 20.10
C PHE J 84 -10.80 -9.60 18.95
N THR J 85 -11.26 -8.37 19.16
CA THR J 85 -11.88 -7.57 18.11
C THR J 85 -10.98 -7.52 16.86
N HIS J 86 -9.67 -7.41 17.08
CA HIS J 86 -8.69 -7.10 16.05
C HIS J 86 -8.14 -8.37 15.42
N THR J 87 -8.36 -9.52 16.03
CA THR J 87 -7.62 -10.76 15.68
C THR J 87 -8.52 -11.94 15.39
N SER J 88 -9.73 -12.04 15.93
CA SER J 88 -10.50 -13.33 15.96
C SER J 88 -11.47 -13.39 14.77
N VAL J 89 -11.07 -14.10 13.71
CA VAL J 89 -12.07 -14.48 12.66
C VAL J 89 -12.98 -15.56 13.22
N ALA J 90 -12.47 -16.39 14.16
CA ALA J 90 -13.30 -17.46 14.74
C ALA J 90 -14.53 -16.90 15.43
N LEU J 91 -14.41 -15.77 16.15
CA LEU J 91 -15.57 -15.16 16.84
C LEU J 91 -16.56 -14.61 15.79
N ARG J 92 -16.05 -13.98 14.73
CA ARG J 92 -16.91 -13.50 13.64
C ARG J 92 -17.73 -14.66 13.10
N ASP J 93 -17.06 -15.80 12.82
CA ASP J 93 -17.74 -16.94 12.19
C ASP J 93 -18.71 -17.61 13.18
N ALA J 94 -18.43 -17.60 14.50
CA ALA J 94 -19.39 -18.10 15.50
C ALA J 94 -20.69 -17.25 15.45
N LEU J 95 -20.54 -15.94 15.45
CA LEU J 95 -21.71 -15.02 15.44
C LEU J 95 -22.47 -15.16 14.13
N LEU J 96 -21.79 -15.25 13.00
CA LEU J 96 -22.47 -15.48 11.69
C LEU J 96 -23.16 -16.84 11.71
N GLY J 97 -22.56 -17.85 12.33
CA GLY J 97 -23.07 -19.22 12.30
C GLY J 97 -24.33 -19.39 13.11
N VAL J 98 -24.55 -18.64 14.18
CA VAL J 98 -25.77 -18.79 15.00
C VAL J 98 -26.83 -17.76 14.62
N ASN J 99 -26.48 -16.76 13.85
CA ASN J 99 -27.39 -15.75 13.25
C ASN J 99 -28.13 -14.98 14.34
N ILE J 100 -27.46 -14.59 15.41
CA ILE J 100 -28.06 -13.73 16.46
C ILE J 100 -27.53 -12.32 16.24
N PRO J 101 -28.38 -11.28 16.21
CA PRO J 101 -27.91 -9.91 16.05
C PRO J 101 -27.11 -9.48 17.28
N PHE J 102 -26.11 -8.62 17.08
CA PHE J 102 -25.25 -8.18 18.18
C PHE J 102 -24.83 -6.72 18.02
N ILE J 103 -24.46 -6.13 19.14
CA ILE J 103 -23.82 -4.80 19.20
C ILE J 103 -22.45 -5.00 19.84
N GLU J 104 -21.45 -4.34 19.28
CA GLU J 104 -20.07 -4.32 19.73
C GLU J 104 -19.87 -3.12 20.65
N VAL J 105 -19.29 -3.31 21.82
CA VAL J 105 -19.04 -2.24 22.82
C VAL J 105 -17.57 -2.27 23.21
N HIS J 106 -16.93 -1.11 23.30
CA HIS J 106 -15.61 -0.92 23.89
C HIS J 106 -15.69 0.19 24.94
N LEU J 107 -15.04 -0.01 26.08
CA LEU J 107 -15.04 1.03 27.12
C LEU J 107 -14.24 2.24 26.62
N SER J 108 -13.11 1.97 26.02
CA SER J 108 -12.16 3.01 25.51
C SER J 108 -12.46 3.33 24.05
N ASN J 109 -12.01 4.48 23.59
CA ASN J 109 -12.15 4.88 22.18
C ASN J 109 -11.08 4.15 21.36
N VAL J 110 -11.44 3.08 20.66
CA VAL J 110 -10.45 2.27 19.86
C VAL J 110 -9.77 3.12 18.80
N HIS J 111 -10.43 4.18 18.29
CA HIS J 111 -9.90 5.02 17.21
C HIS J 111 -8.85 6.00 17.71
N ALA J 112 -8.70 6.15 19.02
CA ALA J 112 -7.77 7.13 19.61
C ALA J 112 -6.47 6.42 20.00
N ARG J 113 -6.33 5.14 19.68
CA ARG J 113 -5.16 4.34 20.14
C ARG J 113 -4.27 3.99 18.94
N GLU J 114 -3.53 2.89 19.00
CA GLU J 114 -2.69 2.49 17.88
C GLU J 114 -3.53 2.19 16.64
N SER J 115 -2.91 2.34 15.46
CA SER J 115 -3.60 2.14 14.17
C SER J 115 -4.09 0.71 14.02
N PHE J 116 -3.45 -0.30 14.61
CA PHE J 116 -3.99 -1.68 14.46
C PHE J 116 -5.34 -1.81 15.11
N ARG J 117 -5.71 -0.94 16.07
CA ARG J 117 -7.00 -1.09 16.77
C ARG J 117 -8.14 -0.52 15.91
N HIS J 118 -7.83 0.09 14.78
CA HIS J 118 -8.88 0.68 13.91
C HIS J 118 -9.59 -0.43 13.14
N HIS J 119 -9.05 -1.62 13.08
CA HIS J 119 -9.65 -2.75 12.34
C HIS J 119 -10.36 -3.71 13.29
N SER J 120 -11.60 -4.06 13.00
CA SER J 120 -12.45 -5.01 13.77
C SER J 120 -12.92 -6.11 12.81
N TYR J 121 -12.84 -7.37 13.20
CA TYR J 121 -13.49 -8.47 12.46
C TYR J 121 -14.97 -8.57 12.79
N LEU J 122 -15.54 -7.70 13.63
CA LEU J 122 -16.97 -7.75 13.97
C LEU J 122 -17.73 -6.50 13.51
N SER J 123 -17.08 -5.34 13.38
CA SER J 123 -17.85 -4.06 13.24
C SER J 123 -18.73 -4.09 12.00
N ASP J 124 -18.28 -4.69 10.86
CA ASP J 124 -19.05 -4.64 9.62
C ASP J 124 -20.30 -5.51 9.70
N ILE J 125 -20.36 -6.50 10.61
CA ILE J 125 -21.57 -7.38 10.70
C ILE J 125 -22.37 -7.08 12.00
N ALA J 126 -21.88 -6.21 12.85
CA ALA J 126 -22.60 -5.76 14.05
C ALA J 126 -23.80 -4.93 13.61
N GLN J 127 -24.86 -4.89 14.41
CA GLN J 127 -25.95 -3.93 14.19
C GLN J 127 -25.38 -2.51 14.41
N GLY J 128 -24.49 -2.36 15.36
CA GLY J 128 -23.84 -1.09 15.62
C GLY J 128 -22.70 -1.25 16.58
N VAL J 129 -21.99 -0.16 16.85
CA VAL J 129 -20.75 -0.14 17.62
C VAL J 129 -20.80 1.07 18.53
N ILE J 130 -20.36 0.90 19.76
CA ILE J 130 -20.24 2.00 20.74
C ILE J 130 -18.83 1.93 21.27
N CYS J 131 -18.08 3.02 21.26
CA CYS J 131 -16.79 3.03 21.92
C CYS J 131 -16.52 4.33 22.63
N GLY J 132 -15.77 4.24 23.73
CA GLY J 132 -15.23 5.42 24.43
C GLY J 132 -16.19 5.94 25.48
N LEU J 133 -17.34 5.31 25.72
CA LEU J 133 -18.33 5.86 26.65
C LEU J 133 -18.28 5.10 28.00
N GLY J 134 -17.23 4.35 28.23
CA GLY J 134 -17.05 3.59 29.47
C GLY J 134 -18.16 2.59 29.69
N ALA J 135 -18.42 2.27 30.97
CA ALA J 135 -19.38 1.21 31.33
C ALA J 135 -20.79 1.50 30.85
N LYS J 136 -21.16 2.80 30.70
CA LYS J 136 -22.50 3.14 30.23
C LYS J 136 -22.74 2.58 28.83
N GLY J 137 -21.68 2.30 28.03
CA GLY J 137 -21.91 1.71 26.70
C GLY J 137 -22.70 0.42 26.74
N TYR J 138 -22.54 -0.40 27.79
CA TYR J 138 -23.33 -1.65 27.87
C TYR J 138 -24.81 -1.33 28.03
N SER J 139 -25.13 -0.29 28.84
CA SER J 139 -26.54 0.14 29.04
CA SER J 139 -26.54 0.16 29.05
C SER J 139 -27.13 0.66 27.74
N PHE J 140 -26.37 1.43 26.97
CA PHE J 140 -26.86 1.94 25.68
C PHE J 140 -27.11 0.78 24.72
N ALA J 141 -26.22 -0.23 24.70
CA ALA J 141 -26.43 -1.39 23.85
C ALA J 141 -27.69 -2.14 24.25
N LEU J 142 -27.93 -2.26 25.55
CA LEU J 142 -29.16 -2.91 26.06
C LEU J 142 -30.39 -2.15 25.59
N GLN J 143 -30.40 -0.83 25.75
CA GLN J 143 -31.54 0.02 25.33
CA GLN J 143 -31.55 0.00 25.33
C GLN J 143 -31.76 -0.13 23.82
N SER J 144 -30.67 -0.15 23.04
CA SER J 144 -30.78 -0.32 21.57
C SER J 144 -31.36 -1.67 21.21
N ALA J 145 -30.89 -2.74 21.86
CA ALA J 145 -31.38 -4.11 21.59
C ALA J 145 -32.87 -4.16 21.86
N ILE J 146 -33.32 -3.61 23.00
CA ILE J 146 -34.77 -3.63 23.33
C ILE J 146 -35.56 -2.93 22.23
N GLY J 147 -35.09 -1.76 21.80
CA GLY J 147 -35.78 -1.00 20.72
C GLY J 147 -35.77 -1.77 19.40
N LYS J 148 -34.67 -2.40 19.06
CA LYS J 148 -34.51 -3.15 17.78
C LYS J 148 -35.44 -4.36 17.80
N LEU J 149 -35.60 -5.05 18.94
CA LEU J 149 -36.40 -6.28 18.99
C LEU J 149 -37.90 -5.97 19.15
N ARG J 150 -38.26 -4.92 19.88
CA ARG J 150 -39.69 -4.63 20.19
C ARG J 150 -40.23 -3.57 19.22
N ASN J 151 -39.37 -3.04 18.35
CA ASN J 151 -39.69 -1.96 17.37
C ASN J 151 -40.21 -0.73 18.13
N ILE J 152 -39.45 -0.32 19.15
CA ILE J 152 -39.71 0.85 20.08
C ILE J 152 -38.40 1.64 20.23
N SER K 2 46.81 -21.15 32.31
CA SER K 2 46.96 -20.85 30.84
C SER K 2 45.57 -20.81 30.19
N HIS K 3 45.37 -20.11 29.05
CA HIS K 3 44.23 -20.42 28.16
C HIS K 3 44.49 -21.70 27.36
N MET K 4 43.54 -22.66 27.41
CA MET K 4 43.57 -23.92 26.64
C MET K 4 42.71 -23.77 25.39
N THR K 5 41.96 -22.68 25.27
CA THR K 5 41.12 -22.37 24.08
C THR K 5 41.97 -21.82 22.94
N GLN K 6 41.47 -21.91 21.72
CA GLN K 6 42.03 -21.16 20.56
C GLN K 6 41.60 -19.69 20.73
N GLN K 7 42.53 -18.75 20.53
CA GLN K 7 42.16 -17.31 20.63
C GLN K 7 41.18 -16.96 19.52
N ILE K 8 40.15 -16.19 19.86
CA ILE K 8 39.20 -15.62 18.87
C ILE K 8 39.64 -14.17 18.58
N LYS K 9 39.59 -13.78 17.31
CA LYS K 9 39.82 -12.36 16.95
C LYS K 9 38.47 -11.76 16.62
N LEU K 10 38.05 -10.76 17.40
CA LEU K 10 36.69 -10.18 17.23
C LEU K 10 36.85 -8.70 16.95
N LEU K 11 36.08 -8.20 16.00
CA LEU K 11 36.05 -6.76 15.65
C LEU K 11 34.70 -6.19 16.03
N VAL K 12 34.71 -5.10 16.76
CA VAL K 12 33.50 -4.30 17.08
C VAL K 12 33.50 -3.07 16.20
N LEU K 13 32.41 -2.86 15.48
CA LEU K 13 32.22 -1.66 14.62
C LEU K 13 31.06 -0.83 15.15
N ASN K 14 31.30 0.46 15.28
CA ASN K 14 30.27 1.43 15.72
C ASN K 14 30.11 2.50 14.66
N GLY K 15 28.85 2.80 14.33
CA GLY K 15 28.50 3.77 13.29
C GLY K 15 28.39 5.18 13.83
N PRO K 16 27.75 6.02 12.98
CA PRO K 16 27.77 7.47 13.21
C PRO K 16 27.05 7.88 14.49
N ASN K 17 27.54 8.98 15.06
CA ASN K 17 26.94 9.69 16.21
C ASN K 17 27.20 8.95 17.53
N LEU K 18 27.74 7.73 17.51
CA LEU K 18 27.93 6.99 18.78
C LEU K 18 29.10 7.60 19.58
N ASN K 19 29.96 8.36 18.94
CA ASN K 19 30.98 9.16 19.63
C ASN K 19 30.30 10.15 20.62
N LEU K 20 29.01 10.49 20.48
CA LEU K 20 28.35 11.47 21.37
C LEU K 20 27.94 10.82 22.72
N LEU K 21 28.06 9.50 22.85
CA LEU K 21 27.56 8.81 24.07
C LEU K 21 28.20 9.44 25.30
N GLY K 22 27.36 9.77 26.29
CA GLY K 22 27.80 10.32 27.59
C GLY K 22 27.95 11.83 27.57
N GLN K 23 27.76 12.53 26.44
CA GLN K 23 28.11 13.98 26.36
CA GLN K 23 28.11 13.97 26.37
C GLN K 23 26.91 14.84 26.78
N ARG K 24 25.71 14.58 26.26
CA ARG K 24 24.59 15.57 26.38
C ARG K 24 23.76 15.28 27.63
N GLU K 25 23.66 16.29 28.51
CA GLU K 25 22.85 16.26 29.77
C GLU K 25 23.10 14.93 30.46
N PRO K 26 24.35 14.68 30.95
CA PRO K 26 24.72 13.38 31.53
C PRO K 26 23.83 12.95 32.71
N GLU K 27 23.33 13.90 33.51
CA GLU K 27 22.39 13.65 34.66
C GLU K 27 21.06 13.08 34.15
N VAL K 28 20.67 13.35 32.90
CA VAL K 28 19.37 12.95 32.28
C VAL K 28 19.55 11.70 31.40
N TYR K 29 20.50 11.70 30.47
CA TYR K 29 20.61 10.69 29.36
C TYR K 29 21.69 9.64 29.66
N GLY K 30 22.50 9.80 30.71
CA GLY K 30 23.54 8.82 31.11
C GLY K 30 24.95 9.33 30.89
N SER K 31 25.92 8.79 31.64
CA SER K 31 27.30 9.33 31.79
CA SER K 31 27.30 9.32 31.77
C SER K 31 28.35 8.45 31.05
N LYS K 32 28.04 7.22 30.70
CA LYS K 32 29.03 6.27 30.10
C LYS K 32 29.40 6.69 28.67
N THR K 33 30.69 6.78 28.37
CA THR K 33 31.18 7.13 27.00
C THR K 33 31.40 5.84 26.21
N LEU K 34 31.54 5.99 24.90
CA LEU K 34 31.88 4.79 24.08
C LEU K 34 33.23 4.23 24.53
N ASP K 35 34.20 5.07 24.84
CA ASP K 35 35.53 4.63 25.29
C ASP K 35 35.38 3.78 26.56
N ASP K 36 34.52 4.21 27.50
CA ASP K 36 34.25 3.43 28.74
C ASP K 36 33.70 2.05 28.38
N ILE K 37 32.74 2.00 27.47
CA ILE K 37 32.06 0.73 27.06
C ILE K 37 33.11 -0.20 26.46
N ILE K 38 33.92 0.31 25.54
CA ILE K 38 34.88 -0.54 24.79
C ILE K 38 36.02 -0.98 25.71
N LYS K 39 36.48 -0.13 26.63
CA LYS K 39 37.52 -0.57 27.62
C LYS K 39 36.98 -1.74 28.43
N ALA K 40 35.75 -1.65 28.96
CA ALA K 40 35.15 -2.73 29.78
C ALA K 40 34.98 -3.98 28.93
N LEU K 41 34.53 -3.83 27.68
CA LEU K 41 34.27 -4.99 26.80
C LEU K 41 35.60 -5.69 26.44
N THR K 42 36.65 -4.90 26.23
CA THR K 42 38.00 -5.42 25.87
C THR K 42 38.52 -6.26 27.05
N ASP K 43 38.35 -5.78 28.27
CA ASP K 43 38.72 -6.52 29.50
C ASP K 43 37.92 -7.82 29.63
N GLU K 44 36.61 -7.76 29.42
CA GLU K 44 35.73 -8.95 29.46
C GLU K 44 36.22 -9.97 28.42
N ALA K 45 36.51 -9.51 27.21
CA ALA K 45 36.94 -10.40 26.10
C ALA K 45 38.27 -11.08 26.46
N ALA K 46 39.22 -10.30 27.01
CA ALA K 46 40.55 -10.82 27.34
C ALA K 46 40.44 -11.98 28.34
N LEU K 47 39.49 -11.95 29.27
CA LEU K 47 39.33 -13.03 30.27
C LEU K 47 38.90 -14.34 29.59
N GLN K 48 38.33 -14.30 28.40
CA GLN K 48 37.88 -15.51 27.66
C GLN K 48 38.75 -15.74 26.42
N ASN K 49 39.96 -15.20 26.41
CA ASN K 49 40.92 -15.44 25.29
C ASN K 49 40.29 -14.97 23.96
N VAL K 50 39.72 -13.79 24.00
CA VAL K 50 39.22 -13.04 22.81
C VAL K 50 40.02 -11.77 22.70
N ALA K 51 40.67 -11.57 21.56
CA ALA K 51 41.36 -10.32 21.23
C ALA K 51 40.37 -9.39 20.52
N LEU K 52 40.04 -8.29 21.15
CA LEU K 52 38.96 -7.38 20.62
C LEU K 52 39.57 -6.14 20.00
N SER K 53 39.22 -5.88 18.75
CA SER K 53 39.59 -4.64 18.01
C SER K 53 38.31 -3.82 17.80
N HIS K 54 38.46 -2.52 17.68
CA HIS K 54 37.29 -1.60 17.62
C HIS K 54 37.54 -0.45 16.67
N LEU K 55 36.49 -0.09 15.94
CA LEU K 55 36.47 1.19 15.17
C LEU K 55 35.09 1.78 15.35
N GLN K 56 35.04 3.06 15.72
CA GLN K 56 33.84 3.88 15.57
C GLN K 56 34.10 4.93 14.52
N SER K 57 33.16 5.18 13.65
CA SER K 57 33.35 6.21 12.60
C SER K 57 32.04 6.86 12.21
N ASN K 58 32.12 8.12 11.85
CA ASN K 58 31.02 8.83 11.16
C ASN K 58 31.15 8.69 9.63
N ARG K 59 32.18 8.00 9.17
CA ARG K 59 32.52 7.87 7.74
C ARG K 59 32.14 6.49 7.28
N GLU K 60 31.12 6.38 6.44
CA GLU K 60 30.67 5.06 5.94
C GLU K 60 31.87 4.33 5.32
N TYR K 61 32.72 5.01 4.57
CA TYR K 61 33.83 4.35 3.85
C TYR K 61 34.79 3.69 4.86
N GLU K 62 34.99 4.28 6.03
CA GLU K 62 35.95 3.74 7.01
C GLU K 62 35.41 2.40 7.54
N LEU K 63 34.10 2.31 7.73
CA LEU K 63 33.49 1.05 8.17
C LEU K 63 33.60 0.01 7.06
N ILE K 64 33.31 0.38 5.83
CA ILE K 64 33.38 -0.56 4.68
C ILE K 64 34.81 -1.07 4.56
N GLU K 65 35.80 -0.17 4.60
CA GLU K 65 37.20 -0.55 4.38
C GLU K 65 37.68 -1.42 5.55
N LYS K 66 37.19 -1.18 6.76
CA LYS K 66 37.61 -2.00 7.94
C LYS K 66 37.04 -3.42 7.78
N ILE K 67 35.85 -3.55 7.24
CA ILE K 67 35.23 -4.86 6.97
C ILE K 67 36.08 -5.55 5.91
N HIS K 68 36.46 -4.84 4.84
CA HIS K 68 37.28 -5.47 3.76
C HIS K 68 38.58 -6.01 4.38
N ASP K 69 39.20 -5.19 5.24
CA ASP K 69 40.49 -5.52 5.87
C ASP K 69 40.33 -6.71 6.85
N ALA K 70 39.15 -7.02 7.34
CA ALA K 70 38.90 -8.12 8.31
C ALA K 70 38.96 -9.48 7.62
N PHE K 71 38.82 -9.51 6.29
CA PHE K 71 38.81 -10.79 5.54
C PHE K 71 40.01 -11.68 5.92
N GLU K 72 39.70 -12.92 6.27
CA GLU K 72 40.68 -13.98 6.68
C GLU K 72 41.52 -13.58 7.89
N LYS K 73 41.12 -12.60 8.68
CA LYS K 73 41.86 -12.15 9.89
CA LYS K 73 41.86 -12.12 9.89
C LYS K 73 40.94 -12.17 11.10
N ILE K 74 39.69 -11.85 10.91
CA ILE K 74 38.70 -11.71 12.00
C ILE K 74 37.76 -12.91 12.00
N ASP K 75 37.41 -13.45 13.17
CA ASP K 75 36.48 -14.58 13.29
C ASP K 75 35.01 -14.16 13.41
N PHE K 76 34.73 -12.96 13.91
CA PHE K 76 33.34 -12.55 14.25
C PHE K 76 33.33 -11.05 14.33
N ILE K 77 32.21 -10.45 13.94
CA ILE K 77 32.00 -9.00 14.04
C ILE K 77 30.77 -8.73 14.92
N ILE K 78 30.89 -7.74 15.77
CA ILE K 78 29.75 -7.12 16.48
C ILE K 78 29.61 -5.72 15.89
N ILE K 79 28.44 -5.40 15.36
CA ILE K 79 28.27 -4.08 14.70
C ILE K 79 27.02 -3.39 15.26
N ASN K 80 27.22 -2.13 15.65
CA ASN K 80 26.12 -1.17 15.90
C ASN K 80 26.19 -0.15 14.78
N PRO K 81 25.43 -0.30 13.68
CA PRO K 81 25.57 0.57 12.54
C PRO K 81 24.91 1.94 12.77
N ALA K 82 24.20 2.07 13.89
CA ALA K 82 23.44 3.32 14.22
C ALA K 82 22.60 3.69 12.98
N ALA K 83 22.60 4.92 12.55
CA ALA K 83 21.68 5.37 11.48
C ALA K 83 21.92 4.59 10.19
N PHE K 84 23.12 4.09 9.93
CA PHE K 84 23.42 3.35 8.69
C PHE K 84 22.66 2.02 8.61
N THR K 85 22.13 1.51 9.72
CA THR K 85 21.29 0.31 9.73
C THR K 85 20.19 0.45 8.68
N HIS K 86 19.60 1.66 8.60
CA HIS K 86 18.35 1.86 7.87
C HIS K 86 18.63 2.26 6.42
N THR K 87 19.86 2.64 6.09
CA THR K 87 20.17 3.33 4.83
C THR K 87 21.26 2.64 4.01
N SER K 88 22.19 1.91 4.59
CA SER K 88 23.45 1.51 3.89
C SER K 88 23.32 0.10 3.29
N VAL K 89 23.03 0.01 2.00
CA VAL K 89 23.18 -1.27 1.26
C VAL K 89 24.67 -1.55 1.10
N ALA K 90 25.51 -0.52 1.02
CA ALA K 90 26.97 -0.73 0.84
C ALA K 90 27.55 -1.54 2.02
N LEU K 91 27.12 -1.27 3.25
CA LEU K 91 27.60 -2.01 4.42
CA LEU K 91 27.60 -1.99 4.43
C LEU K 91 27.10 -3.46 4.36
N ARG K 92 25.86 -3.67 3.99
CA ARG K 92 25.30 -5.02 3.81
C ARG K 92 26.22 -5.79 2.83
N ASP K 93 26.55 -5.17 1.69
CA ASP K 93 27.31 -5.87 0.65
C ASP K 93 28.78 -6.09 1.09
N ALA K 94 29.35 -5.18 1.92
CA ALA K 94 30.70 -5.41 2.48
C ALA K 94 30.68 -6.68 3.37
N LEU K 95 29.69 -6.77 4.24
CA LEU K 95 29.60 -7.93 5.18
C LEU K 95 29.30 -9.21 4.43
N LEU K 96 28.46 -9.17 3.40
CA LEU K 96 28.23 -10.36 2.54
C LEU K 96 29.54 -10.74 1.82
N GLY K 97 30.31 -9.76 1.40
CA GLY K 97 31.52 -9.96 0.60
C GLY K 97 32.63 -10.63 1.38
N VAL K 98 32.74 -10.41 2.70
CA VAL K 98 33.86 -10.96 3.49
C VAL K 98 33.43 -12.23 4.20
N ASN K 99 32.14 -12.50 4.28
CA ASN K 99 31.58 -13.77 4.81
C ASN K 99 32.05 -14.04 6.26
N ILE K 100 32.08 -13.05 7.11
CA ILE K 100 32.35 -13.23 8.56
C ILE K 100 30.99 -13.11 9.27
N PRO K 101 30.64 -14.04 10.17
CA PRO K 101 29.39 -13.95 10.92
C PRO K 101 29.38 -12.71 11.81
N PHE K 102 28.22 -12.09 11.98
CA PHE K 102 28.11 -10.88 12.81
C PHE K 102 26.79 -10.87 13.57
N ILE K 103 26.81 -10.12 14.66
CA ILE K 103 25.63 -9.75 15.47
C ILE K 103 25.45 -8.26 15.40
N GLU K 104 24.18 -7.84 15.23
CA GLU K 104 23.78 -6.44 15.16
C GLU K 104 23.32 -6.01 16.55
N VAL K 105 23.81 -4.88 17.04
CA VAL K 105 23.46 -4.37 18.39
C VAL K 105 22.98 -2.92 18.26
N HIS K 106 21.91 -2.59 18.94
CA HIS K 106 21.44 -1.19 19.11
C HIS K 106 21.24 -0.91 20.60
N LEU K 107 21.69 0.25 21.06
CA LEU K 107 21.51 0.60 22.49
C LEU K 107 20.02 0.78 22.81
N SER K 108 19.34 1.48 21.91
CA SER K 108 17.92 1.81 22.07
CA SER K 108 17.92 1.81 22.04
C SER K 108 17.05 0.76 21.38
N ASN K 109 15.79 0.70 21.78
CA ASN K 109 14.82 -0.22 21.17
C ASN K 109 14.34 0.39 19.87
N VAL K 110 14.88 -0.05 18.72
CA VAL K 110 14.54 0.56 17.40
C VAL K 110 13.05 0.36 17.12
N HIS K 111 12.37 -0.64 17.68
CA HIS K 111 10.95 -0.92 17.41
C HIS K 111 10.04 0.03 18.14
N ALA K 112 10.56 0.79 19.11
CA ALA K 112 9.75 1.73 19.91
C ALA K 112 9.85 3.14 19.35
N ARG K 113 10.54 3.34 18.24
CA ARG K 113 10.83 4.69 17.71
C ARG K 113 10.06 4.88 16.39
N GLU K 114 10.51 5.79 15.52
CA GLU K 114 9.76 6.04 14.28
C GLU K 114 9.75 4.80 13.40
N SER K 115 8.74 4.70 12.56
CA SER K 115 8.56 3.51 11.68
CA SER K 115 8.55 3.50 11.69
C SER K 115 9.75 3.31 10.75
N PHE K 116 10.45 4.37 10.30
CA PHE K 116 11.59 4.14 9.40
C PHE K 116 12.70 3.35 10.10
N ARG K 117 12.74 3.34 11.43
CA ARG K 117 13.82 2.63 12.15
C ARG K 117 13.49 1.14 12.26
N HIS K 118 12.34 0.70 11.84
CA HIS K 118 11.93 -0.72 11.95
C HIS K 118 12.58 -1.52 10.81
N HIS K 119 13.16 -0.86 9.82
CA HIS K 119 13.81 -1.55 8.67
C HIS K 119 15.32 -1.53 8.85
N SER K 120 15.97 -2.68 8.71
CA SER K 120 17.44 -2.84 8.75
C SER K 120 17.91 -3.52 7.45
N TYR K 121 18.94 -3.00 6.81
CA TYR K 121 19.62 -3.70 5.70
C TYR K 121 20.56 -4.78 6.23
N LEU K 122 20.71 -4.97 7.53
CA LEU K 122 21.59 -6.03 8.08
C LEU K 122 20.84 -7.14 8.83
N SER K 123 19.68 -6.87 9.40
CA SER K 123 19.09 -7.84 10.37
C SER K 123 18.83 -9.17 9.73
N ASP K 124 18.42 -9.25 8.44
CA ASP K 124 18.12 -10.56 7.83
C ASP K 124 19.36 -11.41 7.60
N ILE K 125 20.56 -10.83 7.53
CA ILE K 125 21.80 -11.60 7.28
C ILE K 125 22.66 -11.71 8.56
N ALA K 126 22.29 -11.02 9.63
CA ALA K 126 22.96 -11.15 10.94
C ALA K 126 22.72 -12.54 11.50
N GLN K 127 23.61 -13.03 12.35
CA GLN K 127 23.31 -14.24 13.15
C GLN K 127 22.18 -13.92 14.13
N GLY K 128 22.17 -12.71 14.63
CA GLY K 128 21.12 -12.27 15.56
C GLY K 128 21.22 -10.80 15.82
N VAL K 129 20.25 -10.29 16.57
CA VAL K 129 20.06 -8.85 16.78
C VAL K 129 19.70 -8.64 18.25
N ILE K 130 20.32 -7.65 18.87
CA ILE K 130 19.99 -7.22 20.25
C ILE K 130 19.64 -5.75 20.20
N CYS K 131 18.47 -5.39 20.75
CA CYS K 131 18.22 -3.94 20.84
C CYS K 131 17.54 -3.58 22.16
N GLY K 132 17.82 -2.37 22.62
CA GLY K 132 17.14 -1.80 23.77
C GLY K 132 17.76 -2.11 25.10
N LEU K 133 18.87 -2.86 25.12
CA LEU K 133 19.44 -3.31 26.41
C LEU K 133 20.64 -2.43 26.80
N GLY K 134 20.80 -1.29 26.13
CA GLY K 134 21.88 -0.35 26.43
C GLY K 134 23.25 -0.99 26.18
N ALA K 135 24.26 -0.49 26.87
CA ALA K 135 25.66 -0.90 26.65
C ALA K 135 25.89 -2.39 26.90
N LYS K 136 25.12 -3.02 27.76
CA LYS K 136 25.25 -4.46 28.03
C LYS K 136 25.03 -5.27 26.77
N GLY K 137 24.31 -4.75 25.75
CA GLY K 137 24.13 -5.48 24.49
C GLY K 137 25.43 -5.91 23.86
N TYR K 138 26.47 -5.08 23.96
CA TYR K 138 27.79 -5.48 23.39
C TYR K 138 28.35 -6.70 24.13
N SER K 139 28.20 -6.73 25.44
CA SER K 139 28.66 -7.88 26.26
CA SER K 139 28.66 -7.88 26.29
C SER K 139 27.91 -9.15 25.88
N PHE K 140 26.60 -9.05 25.68
CA PHE K 140 25.80 -10.22 25.30
C PHE K 140 26.27 -10.71 23.91
N ALA K 141 26.52 -9.80 22.98
CA ALA K 141 26.98 -10.17 21.64
C ALA K 141 28.33 -10.89 21.72
N LEU K 142 29.22 -10.41 22.59
CA LEU K 142 30.54 -11.05 22.81
C LEU K 142 30.32 -12.48 23.35
N GLN K 143 29.49 -12.65 24.36
CA GLN K 143 29.21 -13.97 24.96
C GLN K 143 28.62 -14.90 23.89
N SER K 144 27.71 -14.39 23.06
CA SER K 144 27.10 -15.18 21.98
C SER K 144 28.16 -15.61 20.97
N ALA K 145 29.03 -14.70 20.55
CA ALA K 145 30.09 -14.98 19.58
C ALA K 145 30.98 -16.12 20.09
N ILE K 146 31.37 -16.04 21.37
CA ILE K 146 32.22 -17.09 21.98
C ILE K 146 31.49 -18.43 21.90
N GLY K 147 30.20 -18.47 22.28
CA GLY K 147 29.43 -19.73 22.28
C GLY K 147 29.28 -20.26 20.85
N LYS K 148 29.02 -19.37 19.89
CA LYS K 148 28.76 -19.77 18.48
C LYS K 148 30.07 -20.33 17.92
N LEU K 149 31.24 -19.76 18.24
CA LEU K 149 32.51 -20.21 17.64
C LEU K 149 33.09 -21.41 18.37
N ARG K 150 32.90 -21.55 19.67
CA ARG K 150 33.52 -22.64 20.46
C ARG K 150 32.53 -23.81 20.61
N ASN K 151 31.29 -23.63 20.20
CA ASN K 151 30.20 -24.64 20.22
C ASN K 151 29.94 -24.94 21.70
N ILE K 152 29.79 -23.87 22.52
CA ILE K 152 29.61 -23.88 24.00
C ILE K 152 28.49 -22.87 24.35
N MET L 4 21.64 47.33 22.74
CA MET L 4 22.71 46.26 22.81
C MET L 4 22.06 44.88 22.68
N THR L 5 22.59 44.00 21.81
CA THR L 5 22.18 42.58 21.74
C THR L 5 23.33 41.66 22.17
N GLN L 6 23.00 40.48 22.69
CA GLN L 6 23.96 39.37 22.88
C GLN L 6 24.26 38.77 21.49
N GLN L 7 25.51 38.48 21.21
CA GLN L 7 25.92 37.88 19.93
C GLN L 7 25.28 36.49 19.76
N ILE L 8 24.76 36.22 18.58
CA ILE L 8 24.30 34.85 18.19
C ILE L 8 25.40 34.21 17.36
N LYS L 9 25.71 32.93 17.60
CA LYS L 9 26.60 32.15 16.70
C LYS L 9 25.72 31.24 15.85
N LEU L 10 25.73 31.44 14.55
CA LEU L 10 24.88 30.64 13.65
C LEU L 10 25.75 29.92 12.64
N LEU L 11 25.46 28.64 12.40
CA LEU L 11 26.18 27.81 11.44
C LEU L 11 25.24 27.50 10.26
N VAL L 12 25.72 27.75 9.06
CA VAL L 12 25.01 27.38 7.81
C VAL L 12 25.69 26.14 7.23
N LEU L 13 24.93 25.11 6.97
CA LEU L 13 25.44 23.87 6.36
C LEU L 13 24.78 23.65 5.02
N ASN L 14 25.60 23.32 4.02
CA ASN L 14 25.13 23.09 2.66
C ASN L 14 25.62 21.70 2.22
N GLY L 15 24.74 20.92 1.66
CA GLY L 15 25.03 19.56 1.23
C GLY L 15 25.56 19.46 -0.18
N PRO L 16 25.51 18.23 -0.70
CA PRO L 16 26.23 17.89 -1.92
C PRO L 16 25.69 18.64 -3.13
N ASN L 17 26.59 18.87 -4.07
CA ASN L 17 26.30 19.43 -5.40
C ASN L 17 26.00 20.93 -5.37
N LEU L 18 25.85 21.55 -4.18
CA LEU L 18 25.53 23.00 -4.14
C LEU L 18 26.76 23.81 -4.53
N ASN L 19 27.96 23.22 -4.50
CA ASN L 19 29.17 23.88 -5.03
C ASN L 19 28.99 24.18 -6.54
N LEU L 20 28.09 23.51 -7.26
CA LEU L 20 27.91 23.72 -8.73
C LEU L 20 27.07 24.99 -8.99
N LEU L 21 26.46 25.61 -7.99
CA LEU L 21 25.56 26.78 -8.22
C LEU L 21 26.32 27.85 -9.01
N GLY L 22 25.69 28.33 -10.09
CA GLY L 22 26.27 29.40 -10.93
C GLY L 22 27.17 28.89 -12.05
N GLN L 23 27.46 27.59 -12.12
CA GLN L 23 28.49 27.08 -13.08
CA GLN L 23 28.49 27.05 -13.06
C GLN L 23 27.84 26.70 -14.41
N ARG L 24 26.73 25.95 -14.42
CA ARG L 24 26.20 25.37 -15.69
C ARG L 24 25.22 26.31 -16.38
N GLU L 25 25.55 26.69 -17.63
CA GLU L 25 24.72 27.54 -18.53
C GLU L 25 24.20 28.72 -17.72
N PRO L 26 25.09 29.64 -17.26
CA PRO L 26 24.70 30.73 -16.38
C PRO L 26 23.57 31.63 -16.94
N GLU L 27 23.55 31.83 -18.27
CA GLU L 27 22.50 32.62 -18.99
C GLU L 27 21.12 31.96 -18.84
N VAL L 28 21.07 30.63 -18.64
CA VAL L 28 19.81 29.82 -18.55
C VAL L 28 19.43 29.55 -17.08
N TYR L 29 20.34 29.03 -16.27
CA TYR L 29 20.05 28.45 -14.91
C TYR L 29 20.41 29.43 -13.78
N GLY L 30 21.07 30.56 -14.07
CA GLY L 30 21.42 31.59 -13.06
C GLY L 30 22.92 31.65 -12.79
N SER L 31 23.39 32.80 -12.32
CA SER L 31 24.83 33.22 -12.29
C SER L 31 25.37 33.25 -10.85
N LYS L 32 24.54 33.33 -9.82
CA LYS L 32 24.98 33.48 -8.40
C LYS L 32 25.67 32.18 -7.94
N THR L 33 26.86 32.29 -7.35
CA THR L 33 27.59 31.11 -6.79
C THR L 33 27.22 30.96 -5.31
N LEU L 34 27.52 29.79 -4.76
CA LEU L 34 27.23 29.63 -3.30
C LEU L 34 28.11 30.60 -2.53
N ASP L 35 29.35 30.83 -2.95
CA ASP L 35 30.25 31.79 -2.26
C ASP L 35 29.60 33.20 -2.26
N ASP L 36 28.98 33.62 -3.37
CA ASP L 36 28.29 34.93 -3.44
C ASP L 36 27.16 34.95 -2.38
N ILE L 37 26.36 33.89 -2.32
CA ILE L 37 25.19 33.80 -1.40
C ILE L 37 25.71 33.90 0.03
N ILE L 38 26.75 33.15 0.37
CA ILE L 38 27.24 33.10 1.77
C ILE L 38 27.94 34.41 2.13
N LYS L 39 28.67 35.03 1.23
CA LYS L 39 29.28 36.37 1.53
C LYS L 39 28.16 37.37 1.87
N ALA L 40 27.09 37.42 1.07
CA ALA L 40 25.99 38.37 1.31
C ALA L 40 25.29 38.03 2.64
N LEU L 41 25.08 36.73 2.90
CA LEU L 41 24.38 36.32 4.16
C LEU L 41 25.24 36.64 5.38
N THR L 42 26.56 36.47 5.27
CA THR L 42 27.50 36.76 6.38
C THR L 42 27.42 38.24 6.74
N ASP L 43 27.38 39.10 5.73
CA ASP L 43 27.25 40.58 5.91
C ASP L 43 25.91 40.94 6.51
N GLU L 44 24.81 40.32 6.07
CA GLU L 44 23.48 40.56 6.65
C GLU L 44 23.52 40.14 8.12
N ALA L 45 24.12 39.03 8.45
CA ALA L 45 24.21 38.51 9.83
C ALA L 45 25.01 39.49 10.69
N ALA L 46 26.15 39.93 10.20
CA ALA L 46 27.08 40.82 10.93
C ALA L 46 26.37 42.11 11.33
N LEU L 47 25.47 42.63 10.48
CA LEU L 47 24.73 43.87 10.75
C LEU L 47 23.83 43.70 12.00
N GLN L 48 23.43 42.46 12.33
CA GLN L 48 22.53 42.15 13.44
C GLN L 48 23.28 41.40 14.56
N ASN L 49 24.59 41.54 14.64
CA ASN L 49 25.41 40.94 15.71
C ASN L 49 25.18 39.40 15.74
N VAL L 50 25.24 38.82 14.55
CA VAL L 50 25.24 37.34 14.33
C VAL L 50 26.57 37.02 13.69
N ALA L 51 27.30 36.10 14.29
CA ALA L 51 28.57 35.58 13.74
C ALA L 51 28.18 34.32 12.97
N LEU L 52 28.30 34.36 11.66
CA LEU L 52 27.85 33.27 10.77
C LEU L 52 29.05 32.49 10.28
N SER L 53 29.01 31.17 10.53
CA SER L 53 30.01 30.23 10.03
C SER L 53 29.35 29.34 8.97
N HIS L 54 30.13 28.76 8.08
CA HIS L 54 29.56 28.03 6.93
C HIS L 54 30.44 26.83 6.57
N LEU L 55 29.79 25.73 6.21
CA LEU L 55 30.45 24.60 5.54
C LEU L 55 29.54 24.10 4.44
N GLN L 56 30.07 23.97 3.22
CA GLN L 56 29.43 23.16 2.16
C GLN L 56 30.31 21.94 1.94
N SER L 57 29.68 20.78 1.77
CA SER L 57 30.48 19.56 1.51
C SER L 57 29.70 18.57 0.69
N ASN L 58 30.44 17.80 -0.11
CA ASN L 58 29.92 16.59 -0.76
C ASN L 58 30.14 15.37 0.11
N ARG L 59 30.77 15.53 1.28
CA ARG L 59 31.14 14.44 2.19
C ARG L 59 30.16 14.46 3.37
N GLU L 60 29.29 13.47 3.44
CA GLU L 60 28.32 13.36 4.55
C GLU L 60 29.07 13.46 5.88
N TYR L 61 30.23 12.81 6.02
CA TYR L 61 30.92 12.80 7.34
C TYR L 61 31.35 14.20 7.75
N GLU L 62 31.69 15.08 6.79
CA GLU L 62 32.14 16.45 7.14
C GLU L 62 30.97 17.22 7.74
N LEU L 63 29.77 17.03 7.20
CA LEU L 63 28.56 17.68 7.74
C LEU L 63 28.29 17.13 9.15
N ILE L 64 28.33 15.81 9.31
CA ILE L 64 28.05 15.19 10.65
C ILE L 64 29.06 15.73 11.66
N GLU L 65 30.34 15.74 11.30
CA GLU L 65 31.41 16.14 12.25
C GLU L 65 31.29 17.63 12.58
N LYS L 66 30.86 18.45 11.61
CA LYS L 66 30.67 19.90 11.86
C LYS L 66 29.52 20.10 12.84
N ILE L 67 28.47 19.29 12.74
CA ILE L 67 27.32 19.37 13.68
C ILE L 67 27.83 18.97 15.06
N HIS L 68 28.62 17.88 15.15
CA HIS L 68 29.14 17.48 16.46
C HIS L 68 29.98 18.61 17.08
N ASP L 69 30.80 19.26 16.26
CA ASP L 69 31.70 20.36 16.72
C ASP L 69 30.89 21.59 17.15
N ALA L 70 29.64 21.73 16.72
CA ALA L 70 28.75 22.88 17.04
C ALA L 70 28.22 22.77 18.50
N PHE L 71 28.28 21.58 19.09
CA PHE L 71 27.71 21.34 20.43
C PHE L 71 28.27 22.37 21.43
N GLU L 72 27.37 23.04 22.16
CA GLU L 72 27.70 24.05 23.21
C GLU L 72 28.47 25.24 22.64
N LYS L 73 28.49 25.46 21.32
CA LYS L 73 29.20 26.61 20.71
CA LYS L 73 29.21 26.60 20.70
C LYS L 73 28.23 27.39 19.81
N ILE L 74 27.34 26.71 19.15
CA ILE L 74 26.47 27.32 18.10
C ILE L 74 25.06 27.41 18.65
N ASP L 75 24.38 28.54 18.42
CA ASP L 75 23.01 28.78 18.93
C ASP L 75 21.92 28.28 17.98
N PHE L 76 22.22 28.22 16.68
CA PHE L 76 21.18 27.94 15.65
C PHE L 76 21.89 27.43 14.40
N ILE L 77 21.23 26.54 13.68
CA ILE L 77 21.74 25.98 12.39
C ILE L 77 20.72 26.31 11.28
N ILE L 78 21.21 26.72 10.13
CA ILE L 78 20.44 26.77 8.89
C ILE L 78 21.04 25.69 7.98
N ILE L 79 20.23 24.76 7.53
CA ILE L 79 20.78 23.65 6.70
C ILE L 79 20.00 23.46 5.42
N ASN L 80 20.74 23.38 4.33
CA ASN L 80 20.25 22.90 3.03
C ASN L 80 20.95 21.58 2.74
N PRO L 81 20.37 20.43 3.11
CA PRO L 81 21.06 19.15 2.96
C PRO L 81 21.09 18.66 1.53
N ALA L 82 20.44 19.36 0.61
CA ALA L 82 20.35 18.98 -0.82
C ALA L 82 19.92 17.51 -0.89
N ALA L 83 20.59 16.67 -1.68
CA ALA L 83 20.14 15.27 -1.86
C ALA L 83 20.05 14.51 -0.53
N PHE L 84 20.90 14.84 0.46
CA PHE L 84 20.89 14.11 1.74
C PHE L 84 19.59 14.34 2.53
N THR L 85 18.78 15.33 2.19
CA THR L 85 17.48 15.56 2.80
C THR L 85 16.68 14.28 2.76
N HIS L 86 16.77 13.55 1.64
CA HIS L 86 15.87 12.44 1.33
C HIS L 86 16.45 11.12 1.81
N THR L 87 17.72 11.07 2.19
CA THR L 87 18.45 9.80 2.37
C THR L 87 19.13 9.68 3.74
N SER L 88 19.54 10.74 4.39
CA SER L 88 20.50 10.67 5.52
C SER L 88 19.77 10.64 6.87
N VAL L 89 19.62 9.46 7.45
CA VAL L 89 19.19 9.36 8.86
C VAL L 89 20.35 9.82 9.75
N ALA L 90 21.60 9.62 9.30
CA ALA L 90 22.77 10.02 10.12
C ALA L 90 22.75 11.52 10.40
N LEU L 91 22.35 12.36 9.44
CA LEU L 91 22.29 13.81 9.66
C LEU L 91 21.18 14.15 10.65
N ARG L 92 20.02 13.50 10.51
CA ARG L 92 18.91 13.67 11.48
C ARG L 92 19.45 13.39 12.87
N ASP L 93 20.13 12.26 13.05
CA ASP L 93 20.58 11.83 14.39
C ASP L 93 21.70 12.74 14.91
N ALA L 94 22.55 13.31 14.04
CA ALA L 94 23.55 14.30 14.47
C ALA L 94 22.83 15.52 15.07
N LEU L 95 21.82 16.04 14.35
CA LEU L 95 21.12 17.25 14.79
C LEU L 95 20.32 16.95 16.06
N LEU L 96 19.69 15.79 16.18
CA LEU L 96 18.99 15.39 17.43
C LEU L 96 20.02 15.27 18.57
N GLY L 97 21.21 14.79 18.28
CA GLY L 97 22.21 14.50 19.31
C GLY L 97 22.79 15.76 19.90
N VAL L 98 22.91 16.86 19.16
CA VAL L 98 23.53 18.10 19.71
C VAL L 98 22.44 19.07 20.19
N ASN L 99 21.18 18.85 19.82
CA ASN L 99 20.01 19.59 20.34
C ASN L 99 20.12 21.09 20.07
N ILE L 100 20.55 21.47 18.88
CA ILE L 100 20.54 22.89 18.42
C ILE L 100 19.35 23.08 17.50
N PRO L 101 18.52 24.11 17.70
CA PRO L 101 17.39 24.39 16.80
C PRO L 101 17.88 24.70 15.37
N PHE L 102 17.14 24.26 14.37
CA PHE L 102 17.55 24.49 12.96
C PHE L 102 16.34 24.74 12.10
N ILE L 103 16.61 25.40 10.97
CA ILE L 103 15.69 25.61 9.86
C ILE L 103 16.25 24.94 8.62
N GLU L 104 15.40 24.23 7.91
CA GLU L 104 15.73 23.53 6.65
C GLU L 104 15.39 24.46 5.47
N VAL L 105 16.32 24.65 4.56
CA VAL L 105 16.16 25.57 3.40
C VAL L 105 16.46 24.79 2.11
N HIS L 106 15.63 24.99 1.09
CA HIS L 106 15.91 24.51 -0.28
C HIS L 106 15.76 25.69 -1.23
N LEU L 107 16.66 25.81 -2.19
CA LEU L 107 16.55 26.88 -3.21
C LEU L 107 15.33 26.60 -4.09
N SER L 108 15.18 25.33 -4.47
CA SER L 108 14.12 24.92 -5.42
C SER L 108 12.93 24.41 -4.63
N ASN L 109 11.77 24.37 -5.31
CA ASN L 109 10.55 23.85 -4.70
C ASN L 109 10.60 22.31 -4.74
N VAL L 110 10.95 21.65 -3.63
CA VAL L 110 11.07 20.16 -3.60
C VAL L 110 9.76 19.50 -3.93
N HIS L 111 8.62 20.15 -3.69
CA HIS L 111 7.29 19.54 -3.93
C HIS L 111 6.90 19.55 -5.40
N ALA L 112 7.64 20.29 -6.23
CA ALA L 112 7.35 20.42 -7.67
C ALA L 112 8.20 19.45 -8.47
N ARG L 113 8.98 18.60 -7.80
CA ARG L 113 9.94 17.70 -8.50
C ARG L 113 9.48 16.25 -8.35
N GLU L 114 10.40 15.27 -8.48
CA GLU L 114 9.99 13.87 -8.36
C GLU L 114 9.42 13.58 -6.98
N SER L 115 8.58 12.56 -6.91
CA SER L 115 7.90 12.16 -5.65
C SER L 115 8.91 11.77 -4.58
N PHE L 116 10.08 11.21 -4.91
CA PHE L 116 11.02 10.85 -3.84
C PHE L 116 11.52 12.09 -3.10
N ARG L 117 11.44 13.28 -3.70
CA ARG L 117 11.94 14.50 -3.07
C ARG L 117 10.91 15.07 -2.09
N HIS L 118 9.75 14.46 -1.98
CA HIS L 118 8.68 14.99 -1.08
C HIS L 118 9.00 14.55 0.36
N HIS L 119 9.90 13.60 0.55
CA HIS L 119 10.20 13.06 1.89
C HIS L 119 11.52 13.68 2.40
N SER L 120 11.50 14.19 3.63
CA SER L 120 12.70 14.74 4.30
C SER L 120 12.91 14.05 5.64
N TYR L 121 14.13 13.60 5.93
CA TYR L 121 14.45 13.10 7.28
C TYR L 121 14.65 14.23 8.28
N LEU L 122 14.55 15.49 7.90
CA LEU L 122 14.73 16.63 8.83
C LEU L 122 13.45 17.42 9.05
N SER L 123 12.49 17.44 8.11
CA SER L 123 11.42 18.47 8.20
C SER L 123 10.62 18.33 9.48
N ASP L 124 10.36 17.11 9.99
CA ASP L 124 9.50 16.95 11.18
C ASP L 124 10.20 17.43 12.44
N ILE L 125 11.54 17.55 12.49
CA ILE L 125 12.24 18.02 13.70
C ILE L 125 12.81 19.42 13.52
N ALA L 126 12.71 19.99 12.33
CA ALA L 126 13.11 21.38 12.07
C ALA L 126 12.14 22.33 12.80
N GLN L 127 12.62 23.50 13.15
CA GLN L 127 11.70 24.59 13.62
C GLN L 127 10.77 24.97 12.44
N GLY L 128 11.32 24.97 11.25
CA GLY L 128 10.48 25.16 10.05
C GLY L 128 11.30 24.93 8.81
N VAL L 129 10.64 25.14 7.66
CA VAL L 129 11.16 24.76 6.33
C VAL L 129 10.82 25.85 5.36
N ILE L 130 11.75 26.21 4.51
CA ILE L 130 11.54 27.18 3.42
C ILE L 130 11.95 26.50 2.12
N CYS L 131 11.12 26.46 1.09
CA CYS L 131 11.61 25.98 -0.21
C CYS L 131 11.07 26.81 -1.36
N GLY L 132 11.87 26.87 -2.44
CA GLY L 132 11.43 27.43 -3.70
C GLY L 132 11.65 28.92 -3.82
N LEU L 133 12.22 29.58 -2.81
CA LEU L 133 12.36 31.05 -2.84
C LEU L 133 13.80 31.46 -3.21
N GLY L 134 14.57 30.53 -3.73
CA GLY L 134 15.94 30.83 -4.16
C GLY L 134 16.81 31.22 -2.97
N ALA L 135 17.88 31.96 -3.26
CA ALA L 135 18.90 32.33 -2.25
C ALA L 135 18.30 33.14 -1.10
N LYS L 136 17.23 33.91 -1.33
CA LYS L 136 16.61 34.69 -0.25
C LYS L 136 16.11 33.77 0.86
N GLY L 137 15.85 32.47 0.60
CA GLY L 137 15.42 31.60 1.69
C GLY L 137 16.43 31.54 2.86
N TYR L 138 17.74 31.64 2.58
CA TYR L 138 18.73 31.66 3.66
C TYR L 138 18.58 32.92 4.50
N SER L 139 18.30 34.06 3.88
CA SER L 139 18.09 35.35 4.59
CA SER L 139 18.09 35.36 4.58
C SER L 139 16.85 35.26 5.47
N PHE L 140 15.77 34.67 4.95
CA PHE L 140 14.55 34.52 5.78
C PHE L 140 14.86 33.61 6.98
N ALA L 141 15.60 32.52 6.76
CA ALA L 141 15.94 31.60 7.86
C ALA L 141 16.76 32.36 8.94
N LEU L 142 17.67 33.22 8.50
CA LEU L 142 18.49 34.04 9.41
C LEU L 142 17.58 34.97 10.23
N GLN L 143 16.66 35.65 9.57
CA GLN L 143 15.73 36.58 10.24
C GLN L 143 14.87 35.79 11.25
N SER L 144 14.42 34.58 10.87
CA SER L 144 13.62 33.73 11.77
C SER L 144 14.44 33.33 13.01
N ALA L 145 15.68 32.91 12.81
CA ALA L 145 16.58 32.53 13.90
C ALA L 145 16.74 33.65 14.90
N ILE L 146 16.99 34.85 14.39
CA ILE L 146 17.19 36.04 15.25
C ILE L 146 15.91 36.28 16.05
N GLY L 147 14.75 36.20 15.42
CA GLY L 147 13.46 36.41 16.10
C GLY L 147 13.22 35.36 17.15
N LYS L 148 13.53 34.10 16.86
CA LYS L 148 13.28 32.96 17.77
C LYS L 148 14.20 33.14 18.98
N LEU L 149 15.45 33.58 18.80
CA LEU L 149 16.42 33.67 19.92
C LEU L 149 16.24 34.95 20.74
N ARG L 150 15.87 36.07 20.12
CA ARG L 150 15.81 37.39 20.80
C ARG L 150 14.36 37.72 21.16
N ASN L 151 13.42 36.87 20.80
CA ASN L 151 11.95 37.15 20.93
C ASN L 151 11.55 38.45 20.25
N ILE L 152 11.87 38.60 18.96
CA ILE L 152 11.66 39.81 18.13
C ILE L 152 11.21 39.42 16.72
O1 TLA M . -14.25 -3.60 -20.36
O11 TLA M . -14.73 -4.27 -18.33
C1 TLA M . -15.09 -4.03 -19.55
C2 TLA M . -16.50 -4.23 -20.16
O2 TLA M . -16.47 -5.52 -20.81
C3 TLA M . -16.99 -3.03 -21.08
O3 TLA M . -16.20 -2.82 -22.24
C4 TLA M . -18.48 -2.90 -21.58
O4 TLA M . -18.89 -2.88 -22.82
O41 TLA M . -19.29 -2.62 -20.68
O1 TLA N . -12.69 -18.85 5.96
O11 TLA N . -11.45 -20.61 6.14
C1 TLA N . -12.60 -20.11 6.15
C2 TLA N . -13.76 -21.09 6.41
O2 TLA N . -13.79 -20.98 7.83
C3 TLA N . -13.60 -22.57 5.77
O3 TLA N . -12.76 -23.53 6.37
C4 TLA N . -14.74 -23.53 5.35
O4 TLA N . -15.22 -23.02 4.28
O41 TLA N . -15.04 -24.78 5.71
C1 GOL O . -16.06 -46.88 0.00
O1 GOL O . -14.95 -46.35 -0.71
C2 GOL O . -16.68 -45.93 1.00
O2 GOL O . -17.20 -44.77 0.32
C3 GOL O . -17.77 -46.55 1.84
O3 GOL O . -17.26 -47.36 2.90
O1 TLA P . -20.86 9.43 7.76
O11 TLA P . -21.05 8.17 5.96
C1 TLA P . -21.60 8.85 6.91
C2 TLA P . -23.13 9.04 7.11
O2 TLA P . -23.33 10.23 6.35
C3 TLA P . -23.63 9.05 8.61
O3 TLA P . -23.30 10.20 9.38
C4 TLA P . -25.05 8.65 9.11
O4 TLA P . -25.95 9.33 9.82
O41 TLA P . -25.06 7.37 9.01
O1 TLA Q . -10.79 17.48 -12.33
O11 TLA Q . -12.97 17.03 -12.46
C1 TLA Q . -11.98 17.71 -12.82
C2 TLA Q . -12.24 18.84 -13.83
O2 TLA Q . -12.42 19.93 -12.92
C3 TLA Q . -13.41 18.57 -14.89
O3 TLA Q . -14.69 18.54 -14.31
C4 TLA Q . -13.55 19.30 -16.27
O4 TLA Q . -12.63 18.94 -17.03
O41 TLA Q . -14.53 19.96 -16.82
O1 TLA R . 23.71 -2.93 -7.86
O11 TLA R . 22.97 -4.20 -6.23
C1 TLA R . 23.88 -3.91 -7.10
C2 TLA R . 25.22 -4.65 -7.33
O2 TLA R . 26.09 -4.03 -6.35
C3 TLA R . 25.68 -4.57 -8.86
O3 TLA R . 26.06 -3.27 -9.18
C4 TLA R . 26.77 -5.50 -9.54
O4 TLA R . 27.90 -5.26 -10.15
O41 TLA R . 26.31 -6.62 -9.60
O1 TLA S . 9.07 -15.47 16.43
O11 TLA S . 8.27 -16.53 14.70
C1 TLA S . 8.87 -16.56 15.83
C2 TLA S . 9.41 -17.85 16.51
O2 TLA S . 8.25 -18.60 16.90
C3 TLA S . 10.45 -17.59 17.69
O3 TLA S . 9.79 -17.24 18.86
C4 TLA S . 11.63 -18.53 18.11
O4 TLA S . 12.51 -18.38 17.23
O41 TLA S . 11.94 -18.98 19.30
O1 TLA T . 0.55 -20.43 -12.27
O11 TLA T . -1.42 -21.32 -12.02
C1 TLA T . -0.24 -21.41 -12.45
C2 TLA T . 0.17 -22.72 -13.13
O2 TLA T . 0.35 -22.43 -14.55
C3 TLA T . -0.84 -23.89 -12.82
O3 TLA T . -2.04 -23.79 -13.58
C4 TLA T . -0.36 -25.36 -12.81
O4 TLA T . 0.45 -25.53 -11.87
O41 TLA T . -0.84 -26.36 -13.46
O1 TLA U . 7.49 -1.23 -22.99
O11 TLA U . 8.35 -3.17 -23.44
C1 TLA U . 8.10 -1.99 -23.78
C2 TLA U . 8.57 -1.57 -25.17
O2 TLA U . 7.55 -2.20 -25.96
C3 TLA U . 10.08 -2.00 -25.38
O3 TLA U . 10.20 -3.41 -25.46
C4 TLA U . 11.03 -1.35 -26.43
O4 TLA U . 11.53 -0.30 -25.96
O41 TLA U . 11.49 -1.87 -27.52
O1 TLA V . -1.88 23.26 7.27
O11 TLA V . -2.74 21.83 8.68
C1 TLA V . -2.40 23.02 8.39
C2 TLA V . -2.61 24.21 9.34
O2 TLA V . -4.02 24.38 9.35
C3 TLA V . -1.69 25.45 8.98
O3 TLA V . -2.13 26.20 7.89
C4 TLA V . -1.10 26.51 9.96
O4 TLA V . -1.17 27.81 10.00
O41 TLA V . -0.11 25.96 10.55
O1 TLA W . -8.67 -2.68 21.55
O11 TLA W . -10.59 -3.76 21.52
C1 TLA W . -9.74 -3.09 22.14
C2 TLA W . -9.99 -2.84 23.64
O2 TLA W . -9.30 -4.05 24.04
C3 TLA W . -11.48 -2.58 24.13
O3 TLA W . -12.39 -3.64 24.20
C4 TLA W . -11.89 -1.76 25.44
O4 TLA W . -11.47 -0.56 25.36
O41 TLA W . -12.79 -2.09 26.32
O1 TLA X . 18.15 3.94 14.74
O11 TLA X . 19.20 2.03 15.04
C1 TLA X . 19.06 3.26 15.33
C2 TLA X . 20.01 3.86 16.36
O2 TLA X . 20.79 4.75 15.56
C3 TLA X . 20.75 2.72 17.19
O3 TLA X . 21.84 2.14 16.52
C4 TLA X . 21.12 2.83 18.73
O4 TLA X . 22.31 2.63 19.31
O41 TLA X . 20.00 2.79 19.32
S1 MPO Y . 39.91 -22.39 13.16
O1 MPO Y . 38.91 -22.43 11.98
O2 MPO Y . 41.26 -22.18 12.68
O4 MPO Y . 41.51 -15.19 11.36
N1 MPO Y . 40.68 -17.55 12.75
C1 MPO Y . 39.46 -20.93 14.08
O3 MPO Y . 39.69 -23.51 14.03
C2 MPO Y . 39.42 -19.67 13.23
C3 MPO Y . 40.77 -18.96 13.15
C4 MPO Y . 40.52 -17.39 11.29
C5 MPO Y . 40.38 -15.93 10.94
C6 MPO Y . 41.69 -15.31 12.77
C7 MPO Y . 41.83 -16.74 13.21
O1 TLA Z . 16.33 18.96 -1.74
O11 TLA Z . 16.27 17.62 -3.53
C1 TLA Z . 16.66 18.71 -2.94
C2 TLA Z . 17.55 19.79 -3.60
O2 TLA Z . 18.83 19.13 -3.70
C3 TLA Z . 17.51 21.17 -2.81
O3 TLA Z . 18.23 21.14 -1.62
C4 TLA Z . 17.74 22.62 -3.41
O4 TLA Z . 18.57 23.60 -3.11
O41 TLA Z . 16.79 22.82 -4.20
#